data_6TEJ
#
_entry.id   6TEJ
#
_cell.length_a   103.060
_cell.length_b   78.580
_cell.length_c   133.570
_cell.angle_alpha   90.000
_cell.angle_beta   98.200
_cell.angle_gamma   90.000
#
_symmetry.space_group_name_H-M   'P 1 21 1'
#
loop_
_entity.id
_entity.type
_entity.pdbx_description
1 polymer 'Drug ABC transporter ATP-binding protein'
2 polymer 'Drug ABC transporter ATP-binding protein'
3 polymer Syb_NL5
4 non-polymer 'NICKEL (II) ION'
5 non-polymer DECYL-BETA-D-MALTOPYRANOSIDE
6 water water
#
loop_
_entity_poly.entity_id
_entity_poly.type
_entity_poly.pdbx_seq_one_letter_code
_entity_poly.pdbx_strand_id
1 'polypeptide(L)'
;MARGFQGVMLRGLGARDHQATVVDKEYIAPHFVRVRLVSPTLFDEVIVEPTSWLRFWFPDPDGSDTEFQRAYTITESDPE
TGRFAVDMVLHEPAGPASTWARTVEPGATIAVMSMGSRGFSVPEDPEDRPVGYLLIGDSASTPAINGIIEVVPHDIPIEL
YLEQHHDDDVLIPLAEHPRLRVHRVSRDDASSLAAALELRDWSNWYCWAGPEAGALKQVRTRLRDEFGFPKREVYAQAYW
TEGRAMGSSRGETSTPAKPAAKTAPAKAAAKPAAASGAGTPEHAAAPAAATTGAPQAAPAPGAAQPRTPVRGRWRAEAGS
RLLAPLKKPLIVSGVLQALITLIELAPFVLLVELARLLLGGAEAERLWTLGLTAVSLIGLGAVLAAAMTLWLHRVDARFA
HELRGRLLTKLSRLPLGWFTRRGSASTKQLVQDDTLALHYLITHAIPDAVAAVVAPVAVLVYLFVADWRVALVLFIPVLV
YLVLMSVMTIQSGSKIAQAPRWAERMGGEAGAFLEGQPVIRIFGGAAASRFRRRLDDYIDFLVSWQRPFVGKKTLMDLVT
RPATFLWIILVAGVPLVVTGRMDPVNLLPFLLLGTTFGARLLGIGYGLSGIQTGMLAARRIQTVLDEPELVVRDRTGQAG
TDHASGDQARPGTVELDRVSFEYRPGVPVIRDVTLTLRPGTVTALVGPSGSGKSTLAALVARFHDVTQGAIRVDGRDIRT
LTADELYRRVGFVLQDAQLVHGSVAENIALAEPDAGLERIRTAARDAQIHDRITRMPDGYDSVLGAGSALSGGERQRVTI
ARAILADTPVLVLDEATAFADPESEYLVQQAINRLTRDRTVLVIAHRLHTITHADQIVVLDDGRIVEVGTHDELLAAGGR
YRGLWDSGRYSSPDAGRPVSADAVEVGR
;
A
2 'polypeptide(L)'
;MIRTLLRLVPAEKRGAVAGYAVLTLLSVLLRAVGAVLLIPLLAALFSDTPSDAWLWLGWLTAVTLAGWVTDTNTARLGFD
LGFAVLSRTQHDMADRLPNVAMSWFTPDNTATARQAIAATGPELAGLVVNLLTPLIGAALLPAAIGVALLFVSVPLGLAA
LAGVAVLFGALALSGRLSRAADKVAGETNSAFTERIIEFARTQQALRAARRVEPARSQVGSALAAQHGAGLRLLTMQIPG
QVLFSLAGQVALIGFAGMAVWLTVRGQLGVPEAIALIVVLVRYLEPFAAIADLAPALETTRATLNRIQAVLDAPTLPAGR
RRLDRTGAAPSIEFDDVRFSYGDEVVLDGVSFTLRPGNTTAIVGPSGSGKTTILSLIAGLQQPASGRVLLDGVDVTTLDP
EARRAAVSVVFQHPYLFDGTLRDNVLVGDPEADPDDVTAAMRLARVDELLDRLPDGDATVVGEGGTALSGGERQRVSIAR
ALLKPAPVLLVDEATSALDNANEAAVVDALTADPRPRTRVIVAHRLASIRHADRVLFVEAGRVVEDGAIDELLAAGGRFA
QFWAQQQAASEWAIGSTARALEVLFQ
;
B
3 'polypeptide(L)'
;GPSQVQLVESGGGLVQAGGSLRLSCAASGFPVSSSTMTWYRQAPGKEREWVAAINSYGYYTVYADSVKGRFTISRDNAKN
TVYLQMNSLKPEDTAVYYCNVKDTGQMRESYDYWGQGTQVTVSA
;
C
#
# COMPACT_ATOMS: atom_id res chain seq x y z
N ALA A 316 12.95 -8.11 25.52
CA ALA A 316 14.28 -8.63 25.20
C ALA A 316 14.38 -10.12 25.54
N GLU A 317 13.74 -10.51 26.64
CA GLU A 317 13.78 -11.91 27.06
C GLU A 317 12.99 -12.80 26.11
N ALA A 318 11.98 -12.26 25.43
CA ALA A 318 11.20 -13.07 24.50
C ALA A 318 12.05 -13.58 23.36
N GLY A 319 12.94 -12.74 22.82
CA GLY A 319 13.81 -13.19 21.75
C GLY A 319 14.82 -14.21 22.20
N SER A 320 15.43 -14.00 23.37
CA SER A 320 16.41 -14.96 23.87
C SER A 320 15.77 -16.27 24.28
N ARG A 321 14.52 -16.24 24.75
CA ARG A 321 13.83 -17.48 25.09
C ARG A 321 13.57 -18.32 23.85
N LEU A 322 13.28 -17.68 22.73
CA LEU A 322 13.02 -18.42 21.50
C LEU A 322 14.28 -19.09 20.97
N LEU A 323 15.39 -18.36 20.95
CA LEU A 323 16.67 -18.88 20.47
C LEU A 323 17.42 -19.67 21.53
N ALA A 324 16.82 -19.89 22.70
CA ALA A 324 17.53 -20.62 23.76
C ALA A 324 17.99 -22.01 23.36
N PRO A 325 17.19 -22.84 22.66
CA PRO A 325 17.70 -24.15 22.24
C PRO A 325 18.79 -24.10 21.19
N LEU A 326 19.24 -22.91 20.77
CA LEU A 326 20.26 -22.78 19.75
C LEU A 326 21.57 -22.19 20.25
N LYS A 327 21.72 -21.97 21.55
CA LYS A 327 22.92 -21.28 22.04
C LYS A 327 24.19 -22.06 21.76
N LYS A 328 24.11 -23.40 21.79
CA LYS A 328 25.29 -24.22 21.55
C LYS A 328 25.64 -24.29 20.06
N PRO A 329 24.69 -24.54 19.15
CA PRO A 329 25.05 -24.51 17.72
C PRO A 329 25.54 -23.15 17.24
N LEU A 330 25.16 -22.06 17.89
CA LEU A 330 25.59 -20.74 17.46
C LEU A 330 27.04 -20.45 17.87
N ILE A 331 27.40 -20.77 19.11
CA ILE A 331 28.77 -20.53 19.56
C ILE A 331 29.75 -21.46 18.83
N VAL A 332 29.27 -22.62 18.39
CA VAL A 332 30.11 -23.48 17.55
C VAL A 332 30.34 -22.82 16.20
N SER A 333 29.32 -22.16 15.66
CA SER A 333 29.48 -21.46 14.39
C SER A 333 30.48 -20.32 14.48
N GLY A 334 30.67 -19.75 15.68
CA GLY A 334 31.57 -18.62 15.83
C GLY A 334 33.03 -19.02 15.79
N VAL A 335 33.42 -19.98 16.63
CA VAL A 335 34.81 -20.37 16.70
C VAL A 335 35.23 -21.14 15.46
N LEU A 336 34.32 -21.91 14.87
CA LEU A 336 34.67 -22.64 13.65
C LEU A 336 34.85 -21.70 12.47
N GLN A 337 34.00 -20.68 12.35
CA GLN A 337 34.19 -19.68 11.31
C GLN A 337 35.46 -18.89 11.53
N ALA A 338 35.81 -18.63 12.79
CA ALA A 338 37.05 -17.91 13.08
C ALA A 338 38.26 -18.70 12.59
N LEU A 339 38.26 -20.01 12.79
CA LEU A 339 39.36 -20.83 12.29
C LEU A 339 39.39 -20.85 10.77
N ILE A 340 38.22 -20.80 10.12
CA ILE A 340 38.17 -20.87 8.66
C ILE A 340 38.78 -19.61 8.05
N THR A 341 38.35 -18.44 8.52
CA THR A 341 38.89 -17.19 7.99
C THR A 341 40.37 -17.05 8.29
N LEU A 342 40.85 -17.67 9.37
CA LEU A 342 42.29 -17.75 9.59
C LEU A 342 42.96 -18.62 8.54
N ILE A 343 42.31 -19.72 8.16
CA ILE A 343 42.83 -20.56 7.09
C ILE A 343 42.73 -19.84 5.75
N GLU A 344 41.74 -18.96 5.59
CA GLU A 344 41.58 -18.25 4.32
C GLU A 344 42.65 -17.18 4.12
N LEU A 345 43.28 -16.70 5.19
CA LEU A 345 44.41 -15.79 5.08
C LEU A 345 45.75 -16.51 5.14
N ALA A 346 45.73 -17.84 5.28
CA ALA A 346 46.95 -18.65 5.33
C ALA A 346 47.69 -18.69 4.00
N PRO A 347 47.02 -18.80 2.84
CA PRO A 347 47.77 -18.71 1.57
C PRO A 347 48.49 -17.39 1.38
N PHE A 348 48.17 -16.36 2.17
CA PHE A 348 48.91 -15.11 2.13
C PHE A 348 50.13 -15.14 3.04
N VAL A 349 50.01 -15.73 4.23
CA VAL A 349 51.11 -15.76 5.18
C VAL A 349 52.21 -16.72 4.73
N LEU A 350 51.91 -17.62 3.78
CA LEU A 350 52.92 -18.52 3.25
C LEU A 350 53.45 -18.10 1.89
N LEU A 351 52.67 -17.31 1.13
CA LEU A 351 53.18 -16.80 -0.14
C LEU A 351 54.37 -15.87 0.07
N VAL A 352 54.34 -15.09 1.14
CA VAL A 352 55.50 -14.29 1.51
C VAL A 352 56.67 -15.19 1.89
N GLU A 353 56.37 -16.32 2.55
CA GLU A 353 57.42 -17.28 2.86
C GLU A 353 57.97 -17.92 1.59
N LEU A 354 57.10 -18.29 0.65
CA LEU A 354 57.57 -18.84 -0.62
C LEU A 354 58.46 -17.85 -1.34
N ALA A 355 58.18 -16.55 -1.22
CA ALA A 355 59.02 -15.53 -1.85
C ALA A 355 60.37 -15.44 -1.15
N ARG A 356 60.37 -15.34 0.18
CA ARG A 356 61.62 -15.20 0.91
C ARG A 356 62.40 -16.52 1.01
N LEU A 357 61.74 -17.67 0.80
CA LEU A 357 62.48 -18.91 0.70
C LEU A 357 63.30 -18.98 -0.57
N LEU A 358 62.82 -18.34 -1.65
CA LEU A 358 63.63 -18.20 -2.85
C LEU A 358 64.70 -17.12 -2.69
N LEU A 359 64.40 -16.07 -1.92
CA LEU A 359 65.42 -15.07 -1.61
C LEU A 359 66.56 -15.70 -0.82
N GLY A 360 66.24 -16.67 0.03
CA GLY A 360 67.25 -17.38 0.79
C GLY A 360 68.07 -18.33 -0.05
N GLY A 361 67.87 -18.28 -1.36
CA GLY A 361 68.64 -19.10 -2.28
C GLY A 361 68.33 -20.57 -2.23
N ALA A 362 67.19 -20.97 -1.68
CA ALA A 362 66.80 -22.37 -1.64
C ALA A 362 66.63 -22.89 -3.07
N GLU A 363 65.43 -22.67 -3.64
CA GLU A 363 65.10 -23.11 -4.99
C GLU A 363 65.49 -24.59 -5.20
N ALA A 364 65.12 -25.41 -4.21
CA ALA A 364 65.40 -26.83 -4.31
C ALA A 364 64.39 -27.51 -5.23
N GLU A 365 64.75 -28.72 -5.69
CA GLU A 365 63.84 -29.46 -6.54
C GLU A 365 62.56 -29.83 -5.81
N ARG A 366 62.61 -29.93 -4.48
CA ARG A 366 61.45 -30.24 -3.66
C ARG A 366 60.73 -28.99 -3.18
N LEU A 367 60.58 -27.99 -4.05
CA LEU A 367 59.78 -26.81 -3.74
C LEU A 367 58.29 -27.07 -3.88
N TRP A 368 57.91 -28.19 -4.51
CA TRP A 368 56.49 -28.55 -4.61
C TRP A 368 55.82 -28.68 -3.26
N THR A 369 56.60 -28.91 -2.19
CA THR A 369 56.06 -29.10 -0.84
C THR A 369 55.22 -27.90 -0.42
N LEU A 370 55.87 -26.75 -0.24
CA LEU A 370 55.14 -25.55 0.18
C LEU A 370 54.21 -25.02 -0.91
N GLY A 371 54.28 -25.55 -2.12
CA GLY A 371 53.40 -25.07 -3.19
C GLY A 371 51.98 -25.60 -3.05
N LEU A 372 51.84 -26.85 -2.59
CA LEU A 372 50.52 -27.45 -2.45
C LEU A 372 50.04 -27.49 -1.01
N THR A 373 50.89 -27.14 -0.03
CA THR A 373 50.37 -26.88 1.31
C THR A 373 49.48 -25.65 1.30
N ALA A 374 49.74 -24.71 0.40
CA ALA A 374 48.77 -23.65 0.14
C ALA A 374 47.52 -24.21 -0.51
N VAL A 375 47.68 -25.14 -1.45
CA VAL A 375 46.53 -25.82 -2.05
C VAL A 375 45.80 -26.65 -1.01
N SER A 376 46.54 -27.25 -0.07
CA SER A 376 45.91 -28.02 0.99
C SER A 376 45.16 -27.14 1.98
N LEU A 377 45.47 -25.85 2.02
CA LEU A 377 44.78 -24.94 2.94
C LEU A 377 43.63 -24.20 2.27
N ILE A 378 43.78 -23.83 0.99
CA ILE A 378 42.67 -23.21 0.29
C ILE A 378 41.54 -24.21 0.10
N GLY A 379 41.85 -25.50 0.05
CA GLY A 379 40.84 -26.54 -0.02
C GLY A 379 40.22 -26.81 1.33
N LEU A 380 41.05 -26.88 2.37
CA LEU A 380 40.55 -27.11 3.72
C LEU A 380 39.65 -25.96 4.16
N GLY A 381 39.97 -24.73 3.74
CA GLY A 381 39.12 -23.59 4.09
C GLY A 381 37.77 -23.65 3.41
N ALA A 382 37.74 -24.04 2.14
CA ALA A 382 36.48 -24.14 1.41
C ALA A 382 35.68 -25.37 1.82
N VAL A 383 36.35 -26.46 2.18
CA VAL A 383 35.64 -27.64 2.66
C VAL A 383 35.02 -27.36 4.02
N LEU A 384 35.76 -26.71 4.92
CA LEU A 384 35.20 -26.34 6.21
C LEU A 384 34.10 -25.31 6.07
N ALA A 385 34.25 -24.36 5.14
CA ALA A 385 33.21 -23.36 4.93
C ALA A 385 31.94 -24.00 4.37
N ALA A 386 32.08 -24.95 3.44
CA ALA A 386 30.92 -25.62 2.88
C ALA A 386 30.28 -26.58 3.89
N ALA A 387 31.09 -27.18 4.76
CA ALA A 387 30.55 -28.12 5.73
C ALA A 387 29.70 -27.42 6.78
N MET A 388 30.15 -26.26 7.26
CA MET A 388 29.41 -25.55 8.30
C MET A 388 28.18 -24.85 7.72
N THR A 389 28.32 -24.19 6.57
CA THR A 389 27.19 -23.50 5.97
C THR A 389 26.07 -24.45 5.58
N LEU A 390 26.38 -25.75 5.41
CA LEU A 390 25.37 -26.76 5.18
C LEU A 390 24.81 -27.30 6.49
N TRP A 391 25.67 -27.52 7.49
CA TRP A 391 25.21 -27.95 8.80
C TRP A 391 24.37 -26.87 9.47
N LEU A 392 24.70 -25.60 9.25
CA LEU A 392 23.97 -24.52 9.88
C LEU A 392 22.63 -24.25 9.21
N HIS A 393 22.54 -24.47 7.89
CA HIS A 393 21.26 -24.29 7.20
C HIS A 393 20.29 -25.42 7.54
N ARG A 394 20.79 -26.61 7.86
CA ARG A 394 19.93 -27.72 8.23
C ARG A 394 19.50 -27.66 9.69
N VAL A 395 20.28 -26.98 10.55
CA VAL A 395 19.82 -26.71 11.90
C VAL A 395 18.72 -25.65 11.87
N ASP A 396 18.84 -24.67 10.97
CA ASP A 396 17.79 -23.66 10.82
C ASP A 396 16.50 -24.26 10.28
N ALA A 397 16.61 -25.18 9.32
CA ALA A 397 15.42 -25.78 8.75
C ALA A 397 14.66 -26.61 9.77
N ARG A 398 15.37 -27.31 10.65
CA ARG A 398 14.70 -28.07 11.71
C ARG A 398 14.11 -27.15 12.76
N PHE A 399 14.75 -26.01 13.01
CA PHE A 399 14.20 -25.06 13.97
C PHE A 399 12.94 -24.39 13.43
N ALA A 400 12.95 -24.03 12.15
CA ALA A 400 11.77 -23.43 11.54
C ALA A 400 10.63 -24.43 11.41
N HIS A 401 10.95 -25.71 11.20
CA HIS A 401 9.92 -26.72 11.07
C HIS A 401 9.17 -26.93 12.38
N GLU A 402 9.91 -27.01 13.50
CA GLU A 402 9.26 -27.13 14.79
C GLU A 402 8.51 -25.87 15.17
N LEU A 403 9.02 -24.71 14.76
CA LEU A 403 8.36 -23.44 15.07
C LEU A 403 7.02 -23.33 14.37
N ARG A 404 6.97 -23.70 13.08
CA ARG A 404 5.70 -23.68 12.36
C ARG A 404 4.69 -24.64 12.96
N GLY A 405 5.16 -25.78 13.48
CA GLY A 405 4.27 -26.67 14.19
C GLY A 405 3.73 -26.07 15.47
N ARG A 406 4.58 -25.30 16.17
CA ARG A 406 4.11 -24.61 17.36
C ARG A 406 3.16 -23.48 17.01
N LEU A 407 3.40 -22.79 15.89
CA LEU A 407 2.50 -21.73 15.45
C LEU A 407 1.14 -22.29 15.06
N LEU A 408 1.13 -23.39 14.29
CA LEU A 408 -0.14 -24.03 13.92
C LEU A 408 -0.91 -24.45 15.16
N THR A 409 -0.22 -24.99 16.16
CA THR A 409 -0.87 -25.37 17.41
C THR A 409 -1.38 -24.13 18.15
N LYS A 410 -0.62 -23.03 18.07
CA LYS A 410 -1.02 -21.82 18.78
C LYS A 410 -2.24 -21.18 18.14
N LEU A 411 -2.29 -21.13 16.81
CA LEU A 411 -3.42 -20.52 16.12
C LEU A 411 -4.71 -21.32 16.31
N SER A 412 -4.60 -22.60 16.68
CA SER A 412 -5.77 -23.44 16.91
C SER A 412 -6.27 -23.37 18.34
N ARG A 413 -5.55 -22.70 19.25
CA ARG A 413 -5.94 -22.63 20.64
C ARG A 413 -6.15 -21.21 21.15
N LEU A 414 -5.72 -20.19 20.40
CA LEU A 414 -6.01 -18.82 20.80
C LEU A 414 -7.51 -18.54 20.66
N PRO A 415 -8.05 -17.62 21.46
CA PRO A 415 -9.47 -17.26 21.32
C PRO A 415 -9.76 -16.71 19.93
N LEU A 416 -10.96 -17.04 19.42
CA LEU A 416 -11.33 -16.61 18.08
C LEU A 416 -11.35 -15.09 17.97
N GLY A 417 -11.66 -14.39 19.05
CA GLY A 417 -11.63 -12.94 19.03
C GLY A 417 -10.24 -12.37 18.84
N TRP A 418 -9.20 -13.17 19.09
CA TRP A 418 -7.84 -12.70 18.85
C TRP A 418 -7.59 -12.46 17.37
N PHE A 419 -8.31 -13.17 16.50
CA PHE A 419 -8.18 -12.99 15.06
C PHE A 419 -9.03 -11.86 14.50
N THR A 420 -10.04 -11.42 15.24
CA THR A 420 -10.97 -10.38 14.77
C THR A 420 -10.22 -9.11 14.39
N ARG A 421 -10.03 -8.90 13.09
CA ARG A 421 -9.31 -7.75 12.55
C ARG A 421 -7.89 -7.65 13.10
N ARG A 422 -7.30 -8.80 13.47
CA ARG A 422 -5.89 -8.83 13.84
C ARG A 422 -5.02 -8.57 12.62
N GLY A 423 -5.42 -9.09 11.46
CA GLY A 423 -4.72 -8.82 10.22
C GLY A 423 -5.63 -8.15 9.21
N SER A 424 -6.21 -7.01 9.58
CA SER A 424 -7.05 -6.24 8.67
C SER A 424 -6.24 -5.60 7.54
N ALA A 425 -4.93 -5.83 7.48
CA ALA A 425 -4.11 -5.43 6.36
C ALA A 425 -3.34 -6.64 5.87
N SER A 426 -2.89 -6.57 4.62
CA SER A 426 -2.14 -7.68 4.05
C SER A 426 -0.81 -7.89 4.77
N THR A 427 -0.82 -8.69 5.84
CA THR A 427 0.38 -9.10 6.55
C THR A 427 1.23 -10.12 5.78
N LYS A 428 0.98 -10.25 4.47
CA LYS A 428 1.73 -11.18 3.62
C LYS A 428 3.24 -11.05 3.81
N GLN A 429 3.74 -9.82 3.77
CA GLN A 429 5.18 -9.59 3.69
C GLN A 429 5.87 -9.58 5.04
N LEU A 430 5.23 -9.01 6.06
CA LEU A 430 5.88 -8.89 7.36
C LEU A 430 6.02 -10.24 8.07
N VAL A 431 5.23 -11.24 7.68
CA VAL A 431 5.49 -12.60 8.14
C VAL A 431 6.66 -13.21 7.39
N GLN A 432 6.77 -12.92 6.09
CA GLN A 432 7.90 -13.42 5.32
C GLN A 432 9.17 -12.62 5.63
N ASP A 433 9.04 -11.31 5.83
CA ASP A 433 10.21 -10.50 6.20
C ASP A 433 10.78 -10.93 7.54
N ASP A 434 9.94 -11.39 8.46
CA ASP A 434 10.43 -11.87 9.75
C ASP A 434 11.08 -13.24 9.62
N THR A 435 10.48 -14.14 8.82
CA THR A 435 11.08 -15.46 8.64
C THR A 435 12.40 -15.38 7.88
N LEU A 436 12.54 -14.42 6.97
CA LEU A 436 13.84 -14.20 6.33
C LEU A 436 14.84 -13.61 7.31
N ALA A 437 14.40 -12.67 8.15
CA ALA A 437 15.28 -12.11 9.18
C ALA A 437 15.59 -13.15 10.25
N LEU A 438 14.63 -14.01 10.58
CA LEU A 438 14.88 -15.08 11.54
C LEU A 438 15.88 -16.09 10.97
N HIS A 439 15.87 -16.31 9.66
CA HIS A 439 16.82 -17.23 9.05
C HIS A 439 18.24 -16.66 9.06
N TYR A 440 18.38 -15.37 8.73
CA TYR A 440 19.69 -14.75 8.72
C TYR A 440 20.30 -14.72 10.12
N LEU A 441 19.46 -14.53 11.14
CA LEU A 441 19.96 -14.43 12.51
C LEU A 441 20.55 -15.74 12.99
N ILE A 442 20.00 -16.88 12.56
CA ILE A 442 20.46 -18.16 13.05
C ILE A 442 21.58 -18.74 12.18
N THR A 443 21.54 -18.51 10.88
CA THR A 443 22.43 -19.18 9.94
C THR A 443 23.54 -18.30 9.40
N HIS A 444 23.27 -17.02 9.10
CA HIS A 444 24.26 -16.16 8.49
C HIS A 444 24.78 -15.06 9.41
N ALA A 445 24.14 -14.83 10.55
CA ALA A 445 24.54 -13.71 11.40
C ALA A 445 25.87 -13.97 12.09
N ILE A 446 25.97 -15.09 12.82
CA ILE A 446 27.17 -15.38 13.59
C ILE A 446 28.40 -15.59 12.70
N PRO A 447 28.35 -16.39 11.64
CA PRO A 447 29.57 -16.55 10.80
C PRO A 447 30.02 -15.25 10.16
N ASP A 448 29.11 -14.50 9.53
CA ASP A 448 29.49 -13.27 8.86
C ASP A 448 30.00 -12.22 9.84
N ALA A 449 29.56 -12.28 11.10
CA ALA A 449 29.97 -11.28 12.08
C ALA A 449 31.42 -11.50 12.51
N VAL A 450 31.74 -12.70 13.00
CA VAL A 450 33.09 -12.95 13.49
C VAL A 450 34.08 -12.99 12.34
N ALA A 451 33.64 -13.37 11.13
CA ALA A 451 34.52 -13.38 9.98
C ALA A 451 34.98 -11.97 9.59
N ALA A 452 34.22 -10.95 9.97
CA ALA A 452 34.57 -9.56 9.68
C ALA A 452 35.31 -8.88 10.82
N VAL A 453 35.48 -9.56 11.95
CA VAL A 453 36.22 -8.98 13.08
C VAL A 453 37.51 -9.73 13.38
N VAL A 454 37.57 -11.04 13.11
CA VAL A 454 38.82 -11.75 13.37
C VAL A 454 39.76 -11.63 12.17
N ALA A 455 39.23 -11.46 10.97
CA ALA A 455 40.10 -11.24 9.81
C ALA A 455 40.89 -9.95 9.90
N PRO A 456 40.32 -8.79 10.32
CA PRO A 456 41.16 -7.59 10.47
C PRO A 456 41.99 -7.59 11.74
N VAL A 457 41.52 -8.28 12.78
CA VAL A 457 42.27 -8.31 14.04
C VAL A 457 43.39 -9.32 14.04
N ALA A 458 43.41 -10.24 13.08
CA ALA A 458 44.48 -11.22 12.97
C ALA A 458 45.57 -10.82 11.98
N VAL A 459 45.35 -9.77 11.19
CA VAL A 459 46.36 -9.27 10.28
C VAL A 459 47.16 -8.13 10.90
N LEU A 460 46.48 -7.21 11.60
CA LEU A 460 47.21 -6.12 12.24
C LEU A 460 48.15 -6.64 13.32
N VAL A 461 47.80 -7.76 13.97
CA VAL A 461 48.75 -8.38 14.88
C VAL A 461 49.85 -9.10 14.09
N TYR A 462 49.52 -9.58 12.89
CA TYR A 462 50.52 -10.15 11.99
C TYR A 462 51.36 -9.07 11.31
N LEU A 463 50.85 -7.85 11.24
CA LEU A 463 51.63 -6.73 10.71
C LEU A 463 52.41 -6.00 11.80
N PHE A 464 51.91 -5.98 13.03
CA PHE A 464 52.65 -5.38 14.13
C PHE A 464 53.77 -6.26 14.64
N VAL A 465 53.88 -7.50 14.15
CA VAL A 465 55.07 -8.31 14.39
C VAL A 465 56.04 -8.24 13.22
N ALA A 466 55.58 -7.86 12.03
CA ALA A 466 56.47 -7.62 10.91
C ALA A 466 57.34 -6.41 11.18
N ASP A 467 56.87 -5.22 10.84
CA ASP A 467 57.46 -3.97 11.28
C ASP A 467 56.55 -3.32 12.32
N TRP A 468 57.14 -2.45 13.13
CA TRP A 468 56.39 -1.78 14.18
C TRP A 468 55.94 -0.38 13.78
N ARG A 469 56.86 0.44 13.24
CA ARG A 469 56.47 1.77 12.81
C ARG A 469 55.69 1.72 11.50
N VAL A 470 56.05 0.80 10.59
CA VAL A 470 55.25 0.60 9.39
C VAL A 470 53.88 0.02 9.72
N ALA A 471 53.75 -0.62 10.88
CA ALA A 471 52.43 -0.98 11.38
C ALA A 471 51.76 0.20 12.07
N LEU A 472 52.53 1.04 12.75
CA LEU A 472 52.00 2.26 13.33
C LEU A 472 51.81 3.36 12.30
N VAL A 473 52.43 3.24 11.12
CA VAL A 473 52.21 4.22 10.07
C VAL A 473 50.83 4.09 9.47
N LEU A 474 50.17 2.95 9.65
CA LEU A 474 48.83 2.72 9.14
C LEU A 474 47.78 2.74 10.24
N PHE A 475 48.14 3.19 11.44
CA PHE A 475 47.16 3.51 12.47
C PHE A 475 46.78 4.99 12.48
N ILE A 476 47.44 5.81 11.66
CA ILE A 476 47.11 7.23 11.56
C ILE A 476 46.05 7.50 10.48
N PRO A 477 45.91 6.70 9.40
CA PRO A 477 44.78 6.95 8.49
C PRO A 477 43.45 6.47 9.02
N VAL A 478 43.43 5.57 9.99
CA VAL A 478 42.17 5.09 10.58
C VAL A 478 41.65 6.06 11.64
N LEU A 479 42.54 6.64 12.47
CA LEU A 479 42.09 7.69 13.36
C LEU A 479 41.87 9.00 12.64
N VAL A 480 42.34 9.13 11.40
CA VAL A 480 41.92 10.25 10.56
C VAL A 480 40.43 10.14 10.26
N TYR A 481 39.94 8.92 10.05
CA TYR A 481 38.54 8.73 9.71
C TYR A 481 37.64 8.74 10.94
N LEU A 482 38.06 8.07 12.02
CA LEU A 482 37.18 7.81 13.15
C LEU A 482 36.77 9.10 13.85
N VAL A 483 37.74 9.88 14.33
CA VAL A 483 37.41 11.06 15.13
C VAL A 483 36.73 12.13 14.28
N LEU A 484 36.95 12.13 12.96
CA LEU A 484 36.20 13.07 12.12
C LEU A 484 34.72 12.71 12.09
N MET A 485 34.39 11.43 12.18
CA MET A 485 32.98 11.03 12.25
C MET A 485 32.41 11.23 13.64
N SER A 486 33.26 11.20 14.67
CA SER A 486 32.81 11.59 16.01
C SER A 486 32.50 13.08 16.06
N VAL A 487 33.33 13.90 15.40
CA VAL A 487 33.01 15.32 15.24
C VAL A 487 31.77 15.48 14.38
N MET A 488 31.54 14.56 13.44
CA MET A 488 30.36 14.63 12.60
C MET A 488 29.09 14.30 13.37
N THR A 489 29.16 13.31 14.26
CA THR A 489 27.99 12.93 15.05
C THR A 489 27.62 13.95 16.11
N ILE A 490 28.47 14.95 16.36
CA ILE A 490 28.13 16.04 17.26
C ILE A 490 27.89 17.36 16.54
N GLN A 491 28.44 17.54 15.33
CA GLN A 491 28.06 18.71 14.54
C GLN A 491 26.68 18.54 13.92
N SER A 492 26.28 17.29 13.63
CA SER A 492 24.91 17.04 13.20
C SER A 492 23.92 17.41 14.30
N GLY A 493 24.01 16.75 15.44
CA GLY A 493 23.24 17.11 16.62
C GLY A 493 21.74 17.01 16.46
N SER A 494 21.10 18.12 16.06
CA SER A 494 19.65 18.16 15.95
C SER A 494 19.14 17.33 14.77
N LYS A 495 20.01 16.93 13.85
CA LYS A 495 19.60 16.25 12.63
C LYS A 495 19.88 14.76 12.65
N ILE A 496 20.02 14.15 13.83
CA ILE A 496 20.24 12.72 13.94
C ILE A 496 18.93 12.04 14.31
N ALA A 497 18.09 12.72 15.09
CA ALA A 497 16.80 12.18 15.51
C ALA A 497 15.66 12.62 14.60
N GLN A 498 15.84 13.68 13.81
CA GLN A 498 14.79 14.12 12.91
C GLN A 498 14.70 13.24 11.66
N ALA A 499 15.85 12.85 11.11
CA ALA A 499 15.87 12.05 9.88
C ALA A 499 15.06 10.76 9.98
N PRO A 500 15.12 9.97 11.06
CA PRO A 500 14.25 8.79 11.12
C PRO A 500 12.77 9.14 11.20
N ARG A 501 12.42 10.18 11.96
CA ARG A 501 11.02 10.56 12.08
C ARG A 501 10.50 11.20 10.80
N TRP A 502 11.31 12.07 10.18
CA TRP A 502 10.86 12.74 8.96
C TRP A 502 10.74 11.75 7.80
N ALA A 503 11.50 10.64 7.85
CA ALA A 503 11.31 9.58 6.86
C ALA A 503 10.10 8.72 7.18
N GLU A 504 9.75 8.61 8.46
CA GLU A 504 8.55 7.86 8.85
C GLU A 504 7.29 8.66 8.60
N ARG A 505 7.32 9.96 8.89
CA ARG A 505 6.14 10.81 8.73
C ARG A 505 5.92 11.28 7.29
N MET A 506 6.90 11.10 6.41
CA MET A 506 6.74 11.49 5.01
C MET A 506 6.07 10.42 4.17
N GLY A 507 6.09 9.17 4.62
CA GLY A 507 5.32 8.12 3.96
C GLY A 507 3.82 8.27 4.12
N GLY A 508 3.39 8.95 5.19
CA GLY A 508 1.96 9.19 5.36
C GLY A 508 1.44 10.26 4.41
N GLU A 509 2.23 11.31 4.18
CA GLU A 509 1.85 12.32 3.19
C GLU A 509 1.82 11.75 1.79
N ALA A 510 2.58 10.68 1.54
CA ALA A 510 2.55 10.04 0.23
C ALA A 510 1.30 9.20 0.05
N GLY A 511 0.88 8.49 1.11
CA GLY A 511 -0.31 7.68 0.99
C GLY A 511 -1.58 8.50 0.84
N ALA A 512 -1.66 9.63 1.56
CA ALA A 512 -2.81 10.51 1.42
C ALA A 512 -2.83 11.18 0.05
N PHE A 513 -1.65 11.47 -0.51
CA PHE A 513 -1.59 12.05 -1.85
C PHE A 513 -2.07 11.05 -2.91
N LEU A 514 -1.82 9.75 -2.70
CA LEU A 514 -2.30 8.74 -3.62
C LEU A 514 -3.79 8.46 -3.43
N GLU A 515 -4.29 8.59 -2.20
CA GLU A 515 -5.72 8.41 -1.96
C GLU A 515 -6.54 9.59 -2.46
N GLY A 516 -6.00 10.80 -2.38
CA GLY A 516 -6.71 11.97 -2.84
C GLY A 516 -6.71 12.17 -4.34
N GLN A 517 -6.20 11.21 -5.10
CA GLN A 517 -6.17 11.37 -6.56
C GLN A 517 -7.56 11.56 -7.16
N PRO A 518 -8.59 10.77 -6.84
CA PRO A 518 -9.91 11.03 -7.44
C PRO A 518 -10.49 12.39 -7.06
N VAL A 519 -10.07 12.97 -5.94
CA VAL A 519 -10.54 14.31 -5.59
C VAL A 519 -9.82 15.37 -6.42
N ILE A 520 -8.51 15.20 -6.62
CA ILE A 520 -7.72 16.19 -7.36
C ILE A 520 -8.21 16.29 -8.81
N ARG A 521 -8.64 15.17 -9.39
CA ARG A 521 -9.14 15.21 -10.76
C ARG A 521 -10.46 15.96 -10.86
N ILE A 522 -11.38 15.71 -9.93
CA ILE A 522 -12.71 16.31 -9.95
C ILE A 522 -12.63 17.73 -9.40
N PHE A 523 -12.43 17.85 -8.09
CA PHE A 523 -12.34 19.15 -7.44
C PHE A 523 -10.90 19.66 -7.49
N GLY A 524 -10.76 20.97 -7.31
CA GLY A 524 -9.44 21.58 -7.28
C GLY A 524 -8.58 21.04 -6.16
N GLY A 525 -8.91 21.42 -4.92
CA GLY A 525 -8.22 20.90 -3.76
C GLY A 525 -6.82 21.45 -3.58
N ALA A 526 -6.24 21.22 -2.41
CA ALA A 526 -4.89 21.65 -2.10
C ALA A 526 -3.97 20.48 -1.78
N ALA A 527 -4.42 19.24 -1.96
CA ALA A 527 -3.61 18.08 -1.61
C ALA A 527 -2.33 18.02 -2.45
N ALA A 528 -2.33 18.62 -3.64
CA ALA A 528 -1.12 18.66 -4.45
C ALA A 528 -0.06 19.53 -3.79
N SER A 529 -0.39 20.78 -3.47
CA SER A 529 0.54 21.66 -2.81
C SER A 529 0.75 21.28 -1.34
N ARG A 530 -0.21 20.59 -0.73
CA ARG A 530 -0.04 20.14 0.65
C ARG A 530 1.00 19.03 0.77
N PHE A 531 1.26 18.30 -0.31
CA PHE A 531 2.24 17.23 -0.35
C PHE A 531 3.65 17.74 -0.61
N ARG A 532 3.84 18.53 -1.66
CA ARG A 532 5.18 19.01 -2.00
C ARG A 532 5.74 19.90 -0.91
N ARG A 533 4.89 20.64 -0.19
CA ARG A 533 5.36 21.42 0.94
C ARG A 533 5.97 20.51 2.00
N ARG A 534 5.44 19.30 2.17
CA ARG A 534 6.02 18.31 3.06
C ARG A 534 7.18 17.57 2.42
N LEU A 535 7.25 17.56 1.09
CA LEU A 535 8.36 16.94 0.37
C LEU A 535 9.55 17.87 0.21
N ASP A 536 9.31 19.17 0.04
CA ASP A 536 10.42 20.09 -0.17
C ASP A 536 11.20 20.34 1.11
N ASP A 537 10.50 20.54 2.23
CA ASP A 537 11.22 20.72 3.48
C ASP A 537 11.87 19.44 3.99
N TYR A 538 11.60 18.30 3.33
CA TYR A 538 12.31 17.06 3.64
C TYR A 538 13.60 16.93 2.81
N ILE A 539 13.56 17.31 1.54
CA ILE A 539 14.80 17.33 0.77
C ILE A 539 15.68 18.49 1.20
N ASP A 540 15.07 19.62 1.57
CA ASP A 540 15.82 20.71 2.16
C ASP A 540 16.27 20.42 3.58
N PHE A 541 15.85 19.27 4.14
CA PHE A 541 16.28 18.88 5.48
C PHE A 541 17.64 18.22 5.46
N LEU A 542 17.78 17.13 4.70
CA LEU A 542 19.06 16.42 4.67
C LEU A 542 20.10 17.12 3.81
N VAL A 543 19.67 17.90 2.81
CA VAL A 543 20.62 18.72 2.08
C VAL A 543 21.22 19.78 3.00
N SER A 544 20.45 20.20 4.01
CA SER A 544 20.95 21.18 4.96
C SER A 544 21.94 20.60 5.97
N TRP A 545 22.06 19.27 6.05
CA TRP A 545 23.04 18.68 6.96
C TRP A 545 23.79 17.50 6.37
N GLN A 546 23.66 17.23 5.07
CA GLN A 546 24.53 16.26 4.41
C GLN A 546 25.28 16.84 3.22
N ARG A 547 25.15 18.14 2.98
CA ARG A 547 25.96 18.85 1.98
C ARG A 547 27.02 19.74 2.64
N PRO A 548 26.70 20.47 3.74
CA PRO A 548 27.73 21.33 4.36
C PRO A 548 28.96 20.57 4.84
N PHE A 549 28.82 19.76 5.89
CA PHE A 549 29.96 19.16 6.56
C PHE A 549 30.24 17.73 6.09
N VAL A 550 29.78 17.37 4.89
CA VAL A 550 30.13 16.08 4.28
C VAL A 550 30.64 16.33 2.86
N GLY A 551 30.14 17.40 2.23
CA GLY A 551 30.62 17.78 0.91
C GLY A 551 32.10 18.10 0.85
N LYS A 552 32.74 18.34 1.99
CA LYS A 552 34.18 18.52 2.03
C LYS A 552 34.89 17.75 3.14
N LYS A 553 34.20 17.33 4.19
CA LYS A 553 34.85 16.64 5.30
C LYS A 553 35.09 15.17 4.98
N THR A 554 34.01 14.40 4.80
CA THR A 554 34.19 13.02 4.36
C THR A 554 34.64 12.95 2.90
N LEU A 555 34.63 14.08 2.19
CA LEU A 555 35.26 14.14 0.89
C LEU A 555 36.74 13.78 0.96
N MET A 556 37.40 14.13 2.06
CA MET A 556 38.83 13.90 2.22
C MET A 556 39.16 12.75 3.16
N ASP A 557 38.17 12.14 3.81
CA ASP A 557 38.42 10.92 4.56
C ASP A 557 38.01 9.66 3.80
N LEU A 558 37.19 9.80 2.76
CA LEU A 558 36.96 8.73 1.81
C LEU A 558 38.07 8.62 0.79
N VAL A 559 39.07 9.50 0.83
CA VAL A 559 40.25 9.37 -0.01
C VAL A 559 41.47 8.90 0.77
N THR A 560 41.47 9.04 2.10
CA THR A 560 42.57 8.58 2.93
C THR A 560 42.51 7.07 3.20
N ARG A 561 41.60 6.36 2.54
CA ARG A 561 41.38 4.93 2.78
C ARG A 561 41.64 4.07 1.55
N PRO A 562 41.17 4.46 0.33
CA PRO A 562 41.32 3.54 -0.82
C PRO A 562 42.76 3.20 -1.18
N ALA A 563 43.49 4.13 -1.78
CA ALA A 563 44.81 3.85 -2.31
C ALA A 563 45.95 4.54 -1.56
N THR A 564 45.65 5.48 -0.65
CA THR A 564 46.71 6.16 0.07
C THR A 564 47.44 5.24 1.05
N PHE A 565 46.81 4.14 1.46
CA PHE A 565 47.48 3.17 2.32
C PHE A 565 48.74 2.64 1.65
N LEU A 566 48.68 2.41 0.33
CA LEU A 566 49.85 1.90 -0.39
C LEU A 566 50.97 2.93 -0.44
N TRP A 567 50.61 4.21 -0.61
CA TRP A 567 51.65 5.24 -0.74
C TRP A 567 52.40 5.45 0.56
N ILE A 568 51.67 5.54 1.68
CA ILE A 568 52.32 5.72 2.98
C ILE A 568 52.88 4.42 3.54
N ILE A 569 52.68 3.30 2.85
CA ILE A 569 53.43 2.09 3.16
C ILE A 569 54.85 2.19 2.60
N LEU A 570 54.99 2.76 1.39
CA LEU A 570 56.29 2.77 0.74
C LEU A 570 57.16 3.94 1.18
N VAL A 571 56.55 5.08 1.51
CA VAL A 571 57.36 6.18 2.06
C VAL A 571 57.84 5.81 3.45
N ALA A 572 57.12 4.93 4.15
CA ALA A 572 57.66 4.29 5.35
C ALA A 572 58.50 3.07 5.02
N GLY A 573 58.33 2.52 3.81
CA GLY A 573 59.19 1.45 3.31
C GLY A 573 60.49 1.92 2.70
N VAL A 574 60.62 3.22 2.44
CA VAL A 574 61.92 3.77 2.02
C VAL A 574 62.97 3.56 3.10
N PRO A 575 62.69 3.83 4.41
CA PRO A 575 63.61 3.33 5.44
C PRO A 575 63.64 1.82 5.47
N LEU A 576 64.23 1.23 4.43
CA LEU A 576 64.23 -0.21 4.22
C LEU A 576 65.12 -0.90 5.25
N VAL A 577 66.39 -1.11 4.88
CA VAL A 577 67.40 -1.61 5.80
C VAL A 577 68.41 -0.52 6.16
N VAL A 578 68.17 0.71 5.72
CA VAL A 578 69.10 1.80 5.98
C VAL A 578 68.98 2.29 7.42
N THR A 579 67.78 2.27 7.99
CA THR A 579 67.59 2.72 9.36
C THR A 579 66.64 1.79 10.11
N GLY A 580 65.62 1.29 9.40
CA GLY A 580 64.73 0.32 10.01
C GLY A 580 65.39 -1.01 10.29
N ARG A 581 66.37 -1.38 9.47
CA ARG A 581 67.16 -2.60 9.66
C ARG A 581 66.28 -3.84 9.69
N MET A 582 65.43 -3.97 8.68
CA MET A 582 64.54 -5.12 8.58
C MET A 582 64.47 -5.56 7.12
N ASP A 583 64.31 -6.87 6.93
CA ASP A 583 64.32 -7.43 5.58
C ASP A 583 63.16 -6.87 4.77
N PRO A 584 63.38 -6.51 3.51
CA PRO A 584 62.29 -5.96 2.69
C PRO A 584 61.07 -6.86 2.58
N VAL A 585 61.22 -8.18 2.71
CA VAL A 585 60.04 -9.06 2.67
C VAL A 585 59.44 -9.26 4.05
N ASN A 586 60.01 -8.67 5.09
CA ASN A 586 59.25 -8.45 6.31
C ASN A 586 58.24 -7.33 6.12
N LEU A 587 58.41 -6.54 5.06
CA LEU A 587 57.39 -5.60 4.59
C LEU A 587 56.44 -6.25 3.59
N LEU A 588 56.81 -7.40 3.01
CA LEU A 588 55.93 -8.10 2.09
C LEU A 588 54.57 -8.45 2.69
N PRO A 589 54.43 -8.71 3.99
CA PRO A 589 53.06 -8.80 4.56
C PRO A 589 52.29 -7.50 4.42
N PHE A 590 52.94 -6.35 4.62
CA PHE A 590 52.30 -5.07 4.38
C PHE A 590 51.95 -4.87 2.92
N LEU A 591 52.61 -5.60 2.02
CA LEU A 591 52.37 -5.43 0.59
C LEU A 591 50.95 -5.82 0.21
N LEU A 592 50.42 -6.87 0.83
CA LEU A 592 49.21 -7.53 0.35
C LEU A 592 48.01 -7.35 1.27
N LEU A 593 48.23 -7.22 2.58
CA LEU A 593 47.14 -7.14 3.53
C LEU A 593 47.00 -5.77 4.17
N GLY A 594 48.00 -4.90 4.04
CA GLY A 594 47.86 -3.53 4.48
C GLY A 594 47.20 -2.62 3.47
N THR A 595 46.99 -3.10 2.24
CA THR A 595 46.33 -2.29 1.22
C THR A 595 44.82 -2.35 1.35
N THR A 596 44.26 -3.45 1.83
CA THR A 596 42.82 -3.63 2.00
C THR A 596 42.44 -3.75 3.47
N PHE A 597 43.08 -2.94 4.32
CA PHE A 597 42.74 -2.94 5.74
C PHE A 597 41.63 -1.95 6.07
N GLY A 598 41.56 -0.83 5.35
CA GLY A 598 40.52 0.15 5.62
C GLY A 598 39.12 -0.39 5.42
N ALA A 599 38.92 -1.17 4.36
CA ALA A 599 37.64 -1.82 4.10
C ALA A 599 37.41 -3.03 4.98
N ARG A 600 38.35 -3.39 5.85
CA ARG A 600 38.24 -4.59 6.66
C ARG A 600 37.56 -4.33 8.00
N LEU A 601 37.73 -3.14 8.57
CA LEU A 601 37.10 -2.81 9.86
C LEU A 601 36.01 -1.76 9.71
N LEU A 602 35.49 -1.57 8.50
CA LEU A 602 34.25 -0.83 8.30
C LEU A 602 33.06 -1.75 8.08
N GLY A 603 33.28 -2.93 7.51
CA GLY A 603 32.23 -3.90 7.32
C GLY A 603 31.79 -4.62 8.57
N ILE A 604 32.33 -4.24 9.73
CA ILE A 604 31.89 -4.84 10.99
C ILE A 604 30.46 -4.41 11.31
N GLY A 605 30.19 -3.11 11.22
CA GLY A 605 28.87 -2.59 11.53
C GLY A 605 27.78 -3.11 10.62
N TYR A 606 28.14 -3.69 9.48
CA TYR A 606 27.17 -4.30 8.58
C TYR A 606 26.99 -5.80 8.83
N GLY A 607 27.71 -6.35 9.80
CA GLY A 607 27.52 -7.73 10.18
C GLY A 607 26.56 -7.85 11.35
N LEU A 608 26.64 -6.89 12.28
CA LEU A 608 25.70 -6.83 13.39
C LEU A 608 24.41 -6.13 13.02
N SER A 609 24.33 -5.51 11.83
CA SER A 609 23.11 -4.83 11.42
C SER A 609 21.95 -5.81 11.25
N GLY A 610 22.26 -7.07 10.92
CA GLY A 610 21.22 -8.06 10.72
C GLY A 610 20.84 -8.78 12.00
N ILE A 611 21.72 -8.71 13.01
CA ILE A 611 21.44 -9.42 14.26
C ILE A 611 20.32 -8.75 15.03
N GLN A 612 20.28 -7.40 15.03
CA GLN A 612 19.25 -6.71 15.78
C GLN A 612 17.89 -6.79 15.10
N THR A 613 17.85 -6.57 13.78
CA THR A 613 16.60 -6.72 13.05
C THR A 613 16.10 -8.17 13.05
N GLY A 614 16.99 -9.12 13.32
CA GLY A 614 16.59 -10.51 13.44
C GLY A 614 16.06 -10.84 14.81
N MET A 615 16.74 -10.35 15.86
CA MET A 615 16.27 -10.59 17.22
C MET A 615 14.98 -9.85 17.53
N LEU A 616 14.67 -8.77 16.80
CA LEU A 616 13.36 -8.16 16.92
C LEU A 616 12.28 -9.06 16.34
N ALA A 617 12.60 -9.80 15.27
CA ALA A 617 11.64 -10.75 14.72
C ALA A 617 11.40 -11.91 15.67
N ALA A 618 12.47 -12.38 16.33
CA ALA A 618 12.31 -13.47 17.29
C ALA A 618 11.47 -13.05 18.49
N ARG A 619 11.54 -11.78 18.89
CA ARG A 619 10.71 -11.30 19.98
C ARG A 619 9.24 -11.29 19.59
N ARG A 620 8.93 -10.91 18.34
CA ARG A 620 7.55 -10.92 17.90
C ARG A 620 7.01 -12.33 17.76
N ILE A 621 7.86 -13.28 17.35
CA ILE A 621 7.42 -14.66 17.23
C ILE A 621 7.13 -15.26 18.60
N GLN A 622 7.99 -14.98 19.59
CA GLN A 622 7.74 -15.45 20.93
C GLN A 622 6.53 -14.77 21.55
N THR A 623 6.29 -13.50 21.23
CA THR A 623 5.10 -12.82 21.73
C THR A 623 3.83 -13.52 21.26
N VAL A 624 3.81 -13.98 20.00
CA VAL A 624 2.70 -14.80 19.53
C VAL A 624 2.65 -16.12 20.29
N LEU A 625 3.82 -16.67 20.63
CA LEU A 625 3.88 -17.90 21.40
C LEU A 625 3.65 -17.68 22.89
N ASP A 626 3.66 -16.43 23.35
CA ASP A 626 3.40 -16.11 24.75
C ASP A 626 1.95 -15.69 24.99
N GLU A 627 1.16 -15.50 23.95
CA GLU A 627 -0.21 -15.04 24.12
C GLU A 627 -1.02 -16.07 24.88
N PRO A 628 -1.84 -15.65 25.84
CA PRO A 628 -2.70 -16.60 26.56
C PRO A 628 -3.73 -17.24 25.63
N GLU A 629 -4.02 -18.50 25.91
CA GLU A 629 -4.91 -19.30 25.07
C GLU A 629 -6.28 -19.43 25.72
N LEU A 630 -7.20 -20.05 24.97
CA LEU A 630 -8.49 -20.42 25.53
C LEU A 630 -8.29 -21.48 26.60
N VAL A 631 -8.43 -21.07 27.87
CA VAL A 631 -8.20 -22.00 28.97
C VAL A 631 -9.27 -23.09 28.95
N VAL A 632 -8.83 -24.34 29.02
CA VAL A 632 -9.73 -25.48 29.09
C VAL A 632 -10.02 -25.77 30.55
N ARG A 633 -11.31 -25.81 30.89
CA ARG A 633 -11.75 -26.01 32.28
C ARG A 633 -12.46 -27.36 32.41
N ASP A 634 -12.87 -27.68 33.62
CA ASP A 634 -13.43 -28.98 33.96
C ASP A 634 -14.90 -28.84 34.34
N ARG A 635 -15.67 -29.89 34.05
CA ARG A 635 -17.11 -29.83 34.27
C ARG A 635 -17.47 -29.95 35.75
N THR A 636 -16.65 -30.65 36.52
CA THR A 636 -16.94 -30.94 37.93
C THR A 636 -17.21 -29.67 38.74
N PRO A 651 -33.00 -28.25 21.96
CA PRO A 651 -33.55 -26.98 22.44
C PRO A 651 -32.51 -26.15 23.21
N GLY A 652 -31.76 -25.33 22.48
CA GLY A 652 -30.70 -24.54 23.09
C GLY A 652 -31.19 -23.48 24.05
N THR A 653 -30.90 -23.67 25.34
CA THR A 653 -31.24 -22.71 26.38
C THR A 653 -29.94 -22.04 26.84
N VAL A 654 -29.78 -20.77 26.47
CA VAL A 654 -28.56 -20.03 26.79
C VAL A 654 -28.80 -19.27 28.10
N GLU A 655 -27.85 -19.40 29.02
CA GLU A 655 -27.92 -18.72 30.32
C GLU A 655 -26.65 -17.89 30.51
N LEU A 656 -26.80 -16.57 30.55
CA LEU A 656 -25.72 -15.67 30.91
C LEU A 656 -25.91 -15.29 32.38
N ASP A 657 -24.93 -15.65 33.21
CA ASP A 657 -25.05 -15.53 34.67
C ASP A 657 -23.98 -14.56 35.17
N ARG A 658 -24.38 -13.32 35.46
CA ARG A 658 -23.49 -12.29 35.98
C ARG A 658 -22.22 -12.16 35.14
N VAL A 659 -22.42 -12.03 33.83
CA VAL A 659 -21.30 -12.01 32.89
C VAL A 659 -20.61 -10.65 32.94
N SER A 660 -19.28 -10.68 32.93
CA SER A 660 -18.46 -9.47 32.83
C SER A 660 -17.25 -9.79 31.98
N PHE A 661 -16.78 -8.78 31.24
CA PHE A 661 -15.63 -8.98 30.36
C PHE A 661 -14.87 -7.67 30.20
N GLU A 662 -13.58 -7.80 29.90
CA GLU A 662 -12.71 -6.66 29.62
C GLU A 662 -11.55 -7.14 28.75
N TYR A 663 -11.26 -6.39 27.70
CA TYR A 663 -10.11 -6.71 26.85
C TYR A 663 -8.81 -6.46 27.58
N ARG A 664 -8.56 -5.21 27.98
CA ARG A 664 -7.42 -4.83 28.80
C ARG A 664 -7.78 -4.91 30.28
N PRO A 665 -6.80 -5.18 31.17
CA PRO A 665 -7.13 -5.49 32.56
C PRO A 665 -7.62 -4.28 33.37
N GLY A 666 -7.96 -3.19 32.70
CA GLY A 666 -8.35 -1.99 33.42
C GLY A 666 -9.66 -1.37 33.00
N VAL A 667 -10.09 -1.61 31.77
CA VAL A 667 -11.26 -0.94 31.20
C VAL A 667 -12.38 -1.96 31.06
N PRO A 668 -13.48 -1.82 31.80
CA PRO A 668 -14.58 -2.78 31.66
C PRO A 668 -15.37 -2.56 30.38
N VAL A 669 -15.91 -3.66 29.84
CA VAL A 669 -16.75 -3.63 28.66
C VAL A 669 -18.15 -4.12 28.95
N ILE A 670 -18.27 -5.28 29.61
CA ILE A 670 -19.54 -5.84 30.04
C ILE A 670 -19.57 -5.82 31.56
N ARG A 671 -20.65 -5.29 32.13
CA ARG A 671 -20.75 -5.05 33.57
C ARG A 671 -21.93 -5.82 34.16
N ASP A 672 -21.65 -7.03 34.65
CA ASP A 672 -22.60 -7.81 35.45
C ASP A 672 -23.95 -7.96 34.73
N VAL A 673 -23.93 -8.78 33.68
CA VAL A 673 -25.07 -8.98 32.81
C VAL A 673 -25.64 -10.37 33.07
N THR A 674 -26.93 -10.44 33.36
CA THR A 674 -27.66 -11.68 33.51
C THR A 674 -28.75 -11.74 32.44
N LEU A 675 -28.82 -12.86 31.72
CA LEU A 675 -29.74 -12.96 30.59
C LEU A 675 -29.99 -14.43 30.30
N THR A 676 -31.20 -14.73 29.85
CA THR A 676 -31.62 -16.09 29.52
C THR A 676 -32.28 -16.08 28.16
N LEU A 677 -31.77 -16.90 27.23
CA LEU A 677 -32.31 -17.01 25.90
C LEU A 677 -33.13 -18.30 25.82
N ARG A 678 -34.45 -18.16 25.78
CA ARG A 678 -35.32 -19.32 25.73
C ARG A 678 -35.15 -20.06 24.41
N PRO A 679 -35.26 -21.38 24.41
CA PRO A 679 -35.08 -22.15 23.16
C PRO A 679 -36.16 -21.81 22.14
N GLY A 680 -35.72 -21.54 20.91
CA GLY A 680 -36.61 -21.23 19.82
C GLY A 680 -37.01 -19.78 19.71
N THR A 681 -36.55 -18.92 20.60
CA THR A 681 -36.92 -17.51 20.60
C THR A 681 -35.82 -16.66 19.97
N VAL A 682 -36.20 -15.46 19.56
CA VAL A 682 -35.28 -14.48 18.97
C VAL A 682 -35.07 -13.38 19.99
N THR A 683 -33.83 -13.17 20.40
CA THR A 683 -33.46 -12.11 21.34
C THR A 683 -32.58 -11.10 20.63
N ALA A 684 -32.94 -9.83 20.73
CA ALA A 684 -32.25 -8.75 20.04
C ALA A 684 -31.44 -7.92 21.02
N LEU A 685 -30.22 -7.56 20.62
CA LEU A 685 -29.32 -6.74 21.43
C LEU A 685 -29.21 -5.36 20.77
N VAL A 686 -29.80 -4.36 21.41
CA VAL A 686 -29.75 -3.00 20.92
C VAL A 686 -29.06 -2.13 21.97
N GLY A 687 -28.61 -0.95 21.54
CA GLY A 687 -27.97 -0.01 22.42
C GLY A 687 -27.20 1.05 21.67
N PRO A 688 -26.97 2.20 22.32
CA PRO A 688 -26.19 3.27 21.68
C PRO A 688 -24.71 2.95 21.61
N SER A 689 -23.89 3.97 21.38
CA SER A 689 -22.45 3.75 21.32
C SER A 689 -21.91 3.31 22.67
N GLY A 690 -21.00 2.34 22.64
CA GLY A 690 -20.44 1.79 23.85
C GLY A 690 -21.33 0.80 24.59
N SER A 691 -22.42 0.37 23.97
CA SER A 691 -23.33 -0.55 24.64
C SER A 691 -22.68 -1.90 24.90
N GLY A 692 -21.80 -2.34 24.01
CA GLY A 692 -21.21 -3.65 24.13
C GLY A 692 -22.04 -4.77 23.57
N LYS A 693 -23.00 -4.47 22.68
CA LYS A 693 -23.84 -5.51 22.12
C LYS A 693 -23.06 -6.44 21.21
N SER A 694 -22.03 -5.94 20.54
CA SER A 694 -21.20 -6.81 19.72
C SER A 694 -20.34 -7.73 20.58
N THR A 695 -19.71 -7.18 21.62
CA THR A 695 -18.87 -7.98 22.50
C THR A 695 -19.70 -9.02 23.24
N LEU A 696 -20.89 -8.65 23.69
CA LEU A 696 -21.72 -9.58 24.46
C LEU A 696 -22.11 -10.80 23.63
N ALA A 697 -22.44 -10.59 22.35
CA ALA A 697 -22.78 -11.72 21.50
C ALA A 697 -21.58 -12.58 21.17
N ALA A 698 -20.39 -11.98 21.06
CA ALA A 698 -19.19 -12.75 20.77
C ALA A 698 -18.83 -13.69 21.93
N LEU A 699 -19.18 -13.31 23.16
CA LEU A 699 -18.89 -14.16 24.31
C LEU A 699 -19.73 -15.43 24.29
N VAL A 700 -20.91 -15.39 23.65
CA VAL A 700 -21.75 -16.57 23.55
C VAL A 700 -21.11 -17.61 22.64
N ALA A 701 -20.28 -17.18 21.70
CA ALA A 701 -19.53 -18.09 20.83
C ALA A 701 -18.11 -18.32 21.33
N ARG A 702 -17.80 -17.87 22.55
CA ARG A 702 -16.48 -18.03 23.16
C ARG A 702 -15.37 -17.43 22.27
N PHE A 703 -15.69 -16.32 21.60
CA PHE A 703 -14.64 -15.55 20.96
C PHE A 703 -13.65 -15.01 21.99
N HIS A 704 -14.13 -14.76 23.20
CA HIS A 704 -13.29 -14.43 24.34
C HIS A 704 -13.89 -15.08 25.58
N ASP A 705 -13.04 -15.48 26.51
CA ASP A 705 -13.51 -15.99 27.78
C ASP A 705 -13.93 -14.83 28.68
N VAL A 706 -15.03 -15.04 29.42
CA VAL A 706 -15.50 -14.01 30.33
C VAL A 706 -14.51 -13.88 31.49
N THR A 707 -14.43 -12.66 32.04
CA THR A 707 -13.59 -12.42 33.20
C THR A 707 -14.33 -12.67 34.51
N GLN A 708 -15.65 -12.54 34.51
CA GLN A 708 -16.47 -12.82 35.69
C GLN A 708 -17.78 -13.46 35.23
N GLY A 709 -18.29 -14.36 36.05
CA GLY A 709 -19.54 -15.03 35.73
C GLY A 709 -19.34 -16.30 34.92
N ALA A 710 -20.39 -16.66 34.19
CA ALA A 710 -20.36 -17.86 33.37
C ALA A 710 -21.41 -17.76 32.28
N ILE A 711 -21.20 -18.52 31.21
CA ILE A 711 -22.14 -18.64 30.10
C ILE A 711 -22.39 -20.11 29.86
N ARG A 712 -23.63 -20.54 30.05
CA ARG A 712 -23.99 -21.95 29.96
C ARG A 712 -24.94 -22.18 28.78
N VAL A 713 -24.73 -23.28 28.07
CA VAL A 713 -25.60 -23.70 26.98
C VAL A 713 -26.17 -25.06 27.36
N ASP A 714 -27.48 -25.11 27.60
CA ASP A 714 -28.15 -26.33 28.07
C ASP A 714 -27.51 -26.86 29.36
N GLY A 715 -27.25 -25.94 30.30
CA GLY A 715 -26.69 -26.30 31.58
C GLY A 715 -25.18 -26.48 31.62
N ARG A 716 -24.52 -26.49 30.47
CA ARG A 716 -23.09 -26.74 30.39
C ARG A 716 -22.36 -25.44 30.11
N ASP A 717 -21.40 -25.09 30.98
CA ASP A 717 -20.57 -23.93 30.77
C ASP A 717 -19.77 -24.08 29.48
N ILE A 718 -19.70 -23.01 28.70
CA ILE A 718 -18.98 -23.06 27.43
C ILE A 718 -17.48 -23.24 27.64
N ARG A 719 -16.96 -22.90 28.82
CA ARG A 719 -15.55 -23.11 29.11
C ARG A 719 -15.22 -24.58 29.38
N THR A 720 -16.22 -25.39 29.70
CA THR A 720 -16.05 -26.82 29.90
C THR A 720 -16.41 -27.62 28.65
N LEU A 721 -16.28 -27.01 27.48
CA LEU A 721 -16.57 -27.66 26.21
C LEU A 721 -15.37 -27.53 25.29
N THR A 722 -15.22 -28.50 24.39
CA THR A 722 -14.21 -28.40 23.35
C THR A 722 -14.78 -27.66 22.15
N ALA A 723 -13.90 -27.39 21.17
CA ALA A 723 -14.32 -26.63 20.00
C ALA A 723 -15.42 -27.36 19.22
N ASP A 724 -15.48 -28.69 19.32
CA ASP A 724 -16.51 -29.44 18.61
C ASP A 724 -17.83 -29.42 19.36
N GLU A 725 -17.81 -29.62 20.68
CA GLU A 725 -19.05 -29.60 21.45
C GLU A 725 -19.70 -28.23 21.42
N LEU A 726 -18.90 -27.17 21.56
CA LEU A 726 -19.44 -25.81 21.56
C LEU A 726 -20.03 -25.45 20.21
N TYR A 727 -19.22 -25.53 19.16
CA TYR A 727 -19.64 -25.09 17.83
C TYR A 727 -20.58 -26.07 17.15
N ARG A 728 -20.92 -27.18 17.80
CA ARG A 728 -22.08 -27.97 17.39
C ARG A 728 -23.37 -27.43 17.97
N ARG A 729 -23.29 -26.66 19.05
CA ARG A 729 -24.45 -26.04 19.68
C ARG A 729 -24.60 -24.56 19.32
N VAL A 730 -23.49 -23.84 19.16
CA VAL A 730 -23.50 -22.41 18.92
C VAL A 730 -22.83 -22.15 17.57
N GLY A 731 -23.62 -21.66 16.62
CA GLY A 731 -23.10 -21.17 15.36
C GLY A 731 -23.24 -19.65 15.29
N PHE A 732 -22.57 -19.07 14.29
CA PHE A 732 -22.56 -17.62 14.17
C PHE A 732 -22.45 -17.20 12.71
N VAL A 733 -23.20 -16.17 12.34
CA VAL A 733 -23.09 -15.52 11.04
C VAL A 733 -22.74 -14.07 11.33
N LEU A 734 -21.47 -13.72 11.19
CA LEU A 734 -20.96 -12.40 11.48
C LEU A 734 -20.39 -11.78 10.21
N GLN A 735 -19.90 -10.54 10.33
CA GLN A 735 -19.28 -9.88 9.20
C GLN A 735 -17.95 -10.55 8.86
N ASP A 736 -17.50 -10.33 7.62
CA ASP A 736 -16.25 -10.89 7.13
C ASP A 736 -16.23 -12.42 7.23
N ALA A 737 -17.34 -13.04 6.84
CA ALA A 737 -17.42 -14.49 6.82
C ALA A 737 -16.46 -15.05 5.78
N GLN A 738 -15.70 -16.07 6.17
CA GLN A 738 -14.60 -16.58 5.37
C GLN A 738 -15.03 -17.78 4.54
N LEU A 739 -14.53 -17.83 3.31
CA LEU A 739 -14.65 -18.99 2.45
C LEU A 739 -13.30 -19.68 2.34
N VAL A 740 -13.30 -21.00 2.40
CA VAL A 740 -12.06 -21.77 2.37
C VAL A 740 -11.79 -22.22 0.94
N HIS A 741 -10.52 -22.55 0.66
CA HIS A 741 -10.12 -23.07 -0.63
C HIS A 741 -10.86 -24.35 -0.96
N GLY A 742 -11.72 -24.30 -1.97
CA GLY A 742 -12.53 -25.44 -2.34
C GLY A 742 -13.67 -25.02 -3.23
N SER A 743 -14.51 -26.00 -3.57
CA SER A 743 -15.62 -25.74 -4.45
C SER A 743 -16.78 -25.12 -3.67
N VAL A 744 -17.84 -24.76 -4.41
CA VAL A 744 -19.04 -24.19 -3.77
C VAL A 744 -19.71 -25.24 -2.88
N ALA A 745 -19.82 -26.48 -3.39
CA ALA A 745 -20.46 -27.53 -2.61
C ALA A 745 -19.68 -27.86 -1.35
N GLU A 746 -18.36 -27.71 -1.38
CA GLU A 746 -17.55 -28.00 -0.19
C GLU A 746 -17.68 -26.89 0.84
N ASN A 747 -17.84 -25.63 0.40
CA ASN A 747 -17.99 -24.53 1.33
C ASN A 747 -19.38 -24.54 1.98
N ILE A 748 -20.41 -24.94 1.25
CA ILE A 748 -21.74 -25.03 1.83
C ILE A 748 -21.80 -26.16 2.85
N ALA A 749 -21.04 -27.23 2.63
CA ALA A 749 -21.06 -28.41 3.49
C ALA A 749 -19.82 -28.50 4.38
N LEU A 750 -19.19 -27.36 4.68
CA LEU A 750 -17.97 -27.38 5.48
C LEU A 750 -18.22 -27.95 6.86
N ALA A 751 -19.44 -27.80 7.40
CA ALA A 751 -19.78 -28.33 8.71
C ALA A 751 -20.28 -29.77 8.67
N GLU A 752 -20.57 -30.30 7.49
CA GLU A 752 -20.97 -31.70 7.34
C GLU A 752 -20.67 -32.13 5.91
N PRO A 753 -19.41 -32.44 5.61
CA PRO A 753 -19.03 -32.73 4.22
C PRO A 753 -19.64 -34.00 3.67
N ASP A 754 -20.01 -34.96 4.52
CA ASP A 754 -20.60 -36.20 4.04
C ASP A 754 -22.04 -36.01 3.57
N ALA A 755 -22.66 -34.86 3.84
CA ALA A 755 -24.03 -34.63 3.40
C ALA A 755 -24.13 -34.68 1.88
N GLY A 756 -25.24 -35.24 1.39
CA GLY A 756 -25.42 -35.36 -0.04
C GLY A 756 -25.54 -34.02 -0.72
N LEU A 757 -25.35 -34.03 -2.04
CA LEU A 757 -25.50 -32.81 -2.82
C LEU A 757 -26.94 -32.30 -2.77
N GLU A 758 -27.91 -33.21 -2.61
CA GLU A 758 -29.29 -32.79 -2.44
C GLU A 758 -29.46 -31.92 -1.20
N ARG A 759 -28.86 -32.33 -0.08
CA ARG A 759 -28.89 -31.49 1.11
C ARG A 759 -28.09 -30.22 0.94
N ILE A 760 -26.99 -30.28 0.19
CA ILE A 760 -26.22 -29.07 -0.11
C ILE A 760 -27.06 -28.11 -0.95
N ARG A 761 -27.84 -28.63 -1.89
CA ARG A 761 -28.66 -27.78 -2.74
C ARG A 761 -29.83 -27.20 -1.97
N THR A 762 -30.37 -27.92 -0.99
CA THR A 762 -31.47 -27.38 -0.19
C THR A 762 -31.01 -26.17 0.62
N ALA A 763 -29.80 -26.24 1.19
CA ALA A 763 -29.28 -25.10 1.93
C ALA A 763 -28.99 -23.91 1.02
N ALA A 764 -28.59 -24.17 -0.23
CA ALA A 764 -28.34 -23.09 -1.17
C ALA A 764 -29.64 -22.41 -1.60
N ARG A 765 -30.72 -23.18 -1.76
CA ARG A 765 -32.00 -22.59 -2.09
C ARG A 765 -32.56 -21.78 -0.93
N ASP A 766 -32.44 -22.31 0.30
CA ASP A 766 -32.89 -21.57 1.47
C ASP A 766 -32.11 -20.28 1.66
N ALA A 767 -30.84 -20.26 1.25
CA ALA A 767 -30.00 -19.09 1.37
C ALA A 767 -30.07 -18.19 0.14
N GLN A 768 -30.96 -18.49 -0.80
CA GLN A 768 -31.18 -17.65 -1.99
C GLN A 768 -29.88 -17.44 -2.77
N ILE A 769 -29.15 -18.52 -2.99
CA ILE A 769 -27.87 -18.45 -3.69
C ILE A 769 -27.84 -19.54 -4.76
N HIS A 770 -28.83 -20.42 -4.74
CA HIS A 770 -28.86 -21.54 -5.68
C HIS A 770 -28.94 -21.06 -7.12
N ASP A 771 -29.90 -20.18 -7.42
CA ASP A 771 -30.04 -19.68 -8.78
C ASP A 771 -28.80 -18.96 -9.26
N ARG A 772 -28.05 -18.34 -8.34
CA ARG A 772 -26.78 -17.74 -8.71
C ARG A 772 -25.72 -18.81 -8.97
N ILE A 773 -25.76 -19.91 -8.21
CA ILE A 773 -24.77 -20.97 -8.39
C ILE A 773 -24.97 -21.68 -9.71
N THR A 774 -26.21 -22.10 -9.99
CA THR A 774 -26.49 -22.79 -11.25
C THR A 774 -26.25 -21.91 -12.46
N ARG A 775 -26.33 -20.59 -12.31
CA ARG A 775 -26.00 -19.69 -13.40
C ARG A 775 -24.51 -19.67 -13.70
N MET A 776 -23.67 -20.03 -12.73
CA MET A 776 -22.24 -20.11 -12.97
C MET A 776 -21.95 -21.24 -13.96
N PRO A 777 -20.92 -21.09 -14.80
CA PRO A 777 -20.60 -22.15 -15.76
C PRO A 777 -20.31 -23.50 -15.11
N ASP A 778 -19.48 -23.51 -14.06
CA ASP A 778 -19.16 -24.73 -13.36
C ASP A 778 -20.16 -25.10 -12.28
N GLY A 779 -21.11 -24.21 -11.96
CA GLY A 779 -22.14 -24.54 -11.00
C GLY A 779 -21.57 -24.73 -9.60
N TYR A 780 -22.07 -25.77 -8.92
CA TYR A 780 -21.58 -26.10 -7.58
C TYR A 780 -20.12 -26.56 -7.60
N ASP A 781 -19.55 -26.85 -8.76
CA ASP A 781 -18.15 -27.21 -8.88
C ASP A 781 -17.23 -26.00 -8.99
N SER A 782 -17.79 -24.79 -9.05
CA SER A 782 -16.96 -23.59 -9.13
C SER A 782 -16.08 -23.47 -7.89
N VAL A 783 -14.85 -23.01 -8.09
CA VAL A 783 -13.84 -22.98 -7.03
C VAL A 783 -13.85 -21.60 -6.38
N LEU A 784 -14.04 -21.59 -5.06
CA LEU A 784 -13.99 -20.37 -4.26
C LEU A 784 -12.72 -20.37 -3.42
N GLY A 785 -12.43 -19.22 -2.82
CA GLY A 785 -11.27 -19.09 -1.96
C GLY A 785 -10.29 -18.03 -2.42
N ALA A 786 -9.85 -18.12 -3.66
CA ALA A 786 -8.91 -17.15 -4.21
C ALA A 786 -9.66 -15.99 -4.87
N GLY A 787 -10.18 -16.22 -6.08
CA GLY A 787 -10.95 -15.23 -6.78
C GLY A 787 -12.21 -15.80 -7.38
N SER A 788 -13.35 -15.17 -7.12
CA SER A 788 -14.64 -15.66 -7.58
C SER A 788 -15.35 -14.61 -8.41
N ALA A 789 -16.30 -15.07 -9.22
CA ALA A 789 -17.11 -14.18 -10.03
C ALA A 789 -18.31 -13.62 -9.27
N LEU A 790 -18.55 -14.07 -8.05
CA LEU A 790 -19.67 -13.60 -7.26
C LEU A 790 -19.24 -12.50 -6.29
N SER A 791 -20.21 -11.70 -5.86
CA SER A 791 -19.95 -10.50 -5.09
C SER A 791 -19.94 -10.81 -3.58
N GLY A 792 -19.75 -9.75 -2.78
CA GLY A 792 -19.70 -9.93 -1.34
C GLY A 792 -21.03 -10.38 -0.76
N GLY A 793 -22.14 -9.90 -1.33
CA GLY A 793 -23.45 -10.36 -0.90
C GLY A 793 -23.70 -11.82 -1.25
N GLU A 794 -23.17 -12.26 -2.39
CA GLU A 794 -23.27 -13.67 -2.75
C GLU A 794 -22.29 -14.53 -1.95
N ARG A 795 -21.13 -13.98 -1.59
CA ARG A 795 -20.26 -14.67 -0.65
C ARG A 795 -20.96 -14.89 0.69
N GLN A 796 -21.70 -13.88 1.15
CA GLN A 796 -22.40 -13.99 2.43
C GLN A 796 -23.45 -15.09 2.39
N ARG A 797 -24.22 -15.17 1.30
CA ARG A 797 -25.26 -16.18 1.18
C ARG A 797 -24.70 -17.60 1.11
N VAL A 798 -23.45 -17.76 0.68
CA VAL A 798 -22.84 -19.08 0.71
C VAL A 798 -22.53 -19.50 2.14
N THR A 799 -21.93 -18.60 2.92
CA THR A 799 -21.66 -18.89 4.32
C THR A 799 -22.95 -19.05 5.11
N ILE A 800 -24.02 -18.36 4.70
CA ILE A 800 -25.31 -18.56 5.33
C ILE A 800 -25.83 -19.97 5.02
N ALA A 801 -25.63 -20.45 3.79
CA ALA A 801 -25.97 -21.83 3.47
C ALA A 801 -25.15 -22.80 4.30
N ARG A 802 -23.87 -22.48 4.54
CA ARG A 802 -23.04 -23.30 5.41
C ARG A 802 -23.60 -23.31 6.83
N ALA A 803 -23.99 -22.14 7.34
CA ALA A 803 -24.55 -22.09 8.69
C ALA A 803 -25.89 -22.81 8.78
N ILE A 804 -26.71 -22.70 7.72
CA ILE A 804 -27.98 -23.42 7.70
C ILE A 804 -27.73 -24.92 7.74
N LEU A 805 -26.77 -25.40 6.94
CA LEU A 805 -26.48 -26.82 6.91
C LEU A 805 -25.87 -27.31 8.22
N ALA A 806 -25.15 -26.43 8.93
CA ALA A 806 -24.65 -26.79 10.25
C ALA A 806 -25.80 -27.05 11.22
N ASP A 807 -26.86 -26.24 11.14
CA ASP A 807 -28.09 -26.43 11.90
C ASP A 807 -27.79 -26.43 13.41
N THR A 808 -27.38 -25.26 13.89
CA THR A 808 -27.08 -25.15 15.31
C THR A 808 -28.34 -24.79 16.10
N PRO A 809 -28.48 -25.31 17.32
CA PRO A 809 -29.62 -24.90 18.16
C PRO A 809 -29.52 -23.45 18.61
N VAL A 810 -28.31 -22.91 18.74
CA VAL A 810 -28.08 -21.53 19.13
C VAL A 810 -27.35 -20.83 18.00
N LEU A 811 -27.83 -19.65 17.62
CA LEU A 811 -27.28 -18.90 16.49
C LEU A 811 -27.05 -17.46 16.93
N VAL A 812 -25.81 -17.00 16.76
CA VAL A 812 -25.44 -15.61 17.03
C VAL A 812 -25.36 -14.87 15.70
N LEU A 813 -26.20 -13.86 15.52
CA LEU A 813 -26.32 -13.16 14.24
C LEU A 813 -26.02 -11.68 14.42
N ASP A 814 -25.23 -11.14 13.51
CA ASP A 814 -24.99 -9.70 13.42
C ASP A 814 -25.82 -9.15 12.25
N GLU A 815 -26.76 -8.26 12.56
CA GLU A 815 -27.65 -7.72 11.54
C GLU A 815 -26.91 -6.88 10.51
N ALA A 816 -25.68 -6.46 10.82
CA ALA A 816 -24.90 -5.67 9.87
C ALA A 816 -24.61 -6.42 8.58
N THR A 817 -24.69 -7.75 8.60
CA THR A 817 -24.50 -8.56 7.40
C THR A 817 -25.62 -8.39 6.38
N ALA A 818 -26.76 -7.82 6.77
CA ALA A 818 -27.90 -7.63 5.88
C ALA A 818 -27.76 -6.41 4.99
N PHE A 819 -27.02 -5.38 5.43
CA PHE A 819 -26.82 -4.18 4.63
C PHE A 819 -25.35 -3.93 4.32
N ALA A 820 -24.51 -4.97 4.44
CA ALA A 820 -23.12 -4.84 4.03
C ALA A 820 -22.97 -4.75 2.52
N ASP A 821 -23.92 -5.29 1.77
CA ASP A 821 -23.97 -5.17 0.32
C ASP A 821 -25.36 -4.68 -0.07
N PRO A 822 -25.56 -3.38 -0.25
CA PRO A 822 -26.92 -2.87 -0.51
C PRO A 822 -27.53 -3.43 -1.80
N GLU A 823 -26.71 -3.77 -2.78
CA GLU A 823 -27.25 -4.31 -4.04
C GLU A 823 -27.89 -5.67 -3.86
N SER A 824 -27.56 -6.38 -2.78
CA SER A 824 -28.13 -7.70 -2.51
C SER A 824 -28.73 -7.78 -1.11
N GLU A 825 -29.22 -6.65 -0.60
CA GLU A 825 -29.79 -6.64 0.75
C GLU A 825 -31.06 -7.50 0.82
N TYR A 826 -31.88 -7.47 -0.23
CA TYR A 826 -33.14 -8.22 -0.21
C TYR A 826 -32.89 -9.72 -0.12
N LEU A 827 -31.97 -10.24 -0.93
CA LEU A 827 -31.74 -11.68 -0.97
C LEU A 827 -31.12 -12.18 0.34
N VAL A 828 -30.20 -11.41 0.92
CA VAL A 828 -29.59 -11.80 2.19
C VAL A 828 -30.64 -11.83 3.30
N GLN A 829 -31.61 -10.91 3.24
CA GLN A 829 -32.68 -10.90 4.23
C GLN A 829 -33.48 -12.19 4.21
N GLN A 830 -33.92 -12.60 3.03
CA GLN A 830 -34.72 -13.83 2.90
C GLN A 830 -33.92 -15.05 3.35
N ALA A 831 -32.59 -15.03 3.16
CA ALA A 831 -31.77 -16.11 3.67
C ALA A 831 -31.76 -16.12 5.20
N ILE A 832 -31.64 -14.94 5.81
CA ILE A 832 -31.68 -14.85 7.27
C ILE A 832 -33.01 -15.35 7.81
N ASN A 833 -34.09 -15.19 7.04
CA ASN A 833 -35.39 -15.71 7.45
C ASN A 833 -35.32 -17.22 7.69
N ARG A 834 -34.76 -17.97 6.73
CA ARG A 834 -34.65 -19.41 6.90
C ARG A 834 -33.61 -19.76 7.97
N LEU A 835 -32.60 -18.91 8.15
CA LEU A 835 -31.53 -19.21 9.09
C LEU A 835 -32.02 -19.11 10.54
N THR A 836 -32.88 -18.13 10.83
CA THR A 836 -33.25 -17.80 12.20
C THR A 836 -34.49 -18.53 12.68
N ARG A 837 -34.89 -19.62 12.02
CA ARG A 837 -36.10 -20.35 12.39
C ARG A 837 -35.78 -21.62 13.15
N ASP A 838 -36.63 -21.93 14.13
CA ASP A 838 -36.56 -23.19 14.88
C ASP A 838 -35.25 -23.33 15.63
N ARG A 839 -34.76 -22.24 16.21
CA ARG A 839 -33.54 -22.26 17.01
C ARG A 839 -33.45 -20.98 17.82
N THR A 840 -32.61 -21.02 18.85
CA THR A 840 -32.39 -19.85 19.68
C THR A 840 -31.51 -18.85 18.92
N VAL A 841 -32.01 -17.63 18.74
CA VAL A 841 -31.35 -16.62 17.93
C VAL A 841 -30.98 -15.45 18.82
N LEU A 842 -29.71 -15.04 18.76
CA LEU A 842 -29.20 -13.85 19.42
C LEU A 842 -28.71 -12.87 18.35
N VAL A 843 -29.38 -11.72 18.26
CA VAL A 843 -29.17 -10.79 17.15
C VAL A 843 -28.48 -9.54 17.67
N ILE A 844 -27.43 -9.11 16.97
CA ILE A 844 -26.84 -7.79 17.17
C ILE A 844 -27.59 -6.84 16.24
N ALA A 845 -28.50 -6.05 16.79
CA ALA A 845 -29.38 -5.20 16.01
C ALA A 845 -28.80 -3.80 15.89
N HIS A 846 -28.77 -3.27 14.66
CA HIS A 846 -28.37 -1.90 14.38
C HIS A 846 -29.53 -1.04 13.91
N ARG A 847 -30.44 -1.60 13.11
CA ARG A 847 -31.66 -0.93 12.68
C ARG A 847 -32.81 -1.49 13.51
N LEU A 848 -33.36 -0.66 14.41
CA LEU A 848 -34.35 -1.14 15.37
C LEU A 848 -35.63 -1.61 14.70
N HIS A 849 -35.94 -1.15 13.49
CA HIS A 849 -37.16 -1.55 12.82
C HIS A 849 -37.11 -3.00 12.33
N THR A 850 -35.95 -3.64 12.36
CA THR A 850 -35.83 -5.02 11.91
C THR A 850 -36.06 -6.03 13.03
N ILE A 851 -36.06 -5.59 14.29
CA ILE A 851 -36.22 -6.47 15.43
C ILE A 851 -37.49 -6.15 16.21
N THR A 852 -38.47 -5.51 15.57
CA THR A 852 -39.72 -5.18 16.25
C THR A 852 -40.54 -6.43 16.59
N HIS A 853 -40.26 -7.56 15.96
CA HIS A 853 -40.97 -8.80 16.23
C HIS A 853 -40.14 -9.78 17.05
N ALA A 854 -39.02 -9.33 17.61
CA ALA A 854 -38.21 -10.20 18.45
C ALA A 854 -38.96 -10.56 19.72
N ASP A 855 -38.70 -11.78 20.21
CA ASP A 855 -39.33 -12.23 21.45
C ASP A 855 -38.81 -11.47 22.65
N GLN A 856 -37.58 -10.95 22.58
CA GLN A 856 -36.96 -10.28 23.71
C GLN A 856 -35.95 -9.26 23.18
N ILE A 857 -36.14 -8.00 23.54
CA ILE A 857 -35.23 -6.93 23.17
C ILE A 857 -34.48 -6.48 24.41
N VAL A 858 -33.15 -6.62 24.39
CA VAL A 858 -32.31 -6.29 25.53
C VAL A 858 -31.55 -5.03 25.19
N VAL A 859 -31.84 -3.95 25.93
CA VAL A 859 -31.20 -2.66 25.72
C VAL A 859 -29.95 -2.58 26.59
N LEU A 860 -28.81 -2.29 25.97
CA LEU A 860 -27.53 -2.19 26.65
C LEU A 860 -27.04 -0.75 26.63
N ASP A 861 -26.43 -0.33 27.73
CA ASP A 861 -25.88 1.02 27.86
C ASP A 861 -24.62 0.94 28.70
N ASP A 862 -23.48 1.23 28.06
CA ASP A 862 -22.16 1.22 28.72
C ASP A 862 -21.88 -0.12 29.39
N GLY A 863 -22.37 -1.21 28.80
CA GLY A 863 -22.09 -2.55 29.27
C GLY A 863 -23.13 -3.14 30.21
N ARG A 864 -24.10 -2.35 30.66
CA ARG A 864 -25.14 -2.82 31.57
C ARG A 864 -26.46 -2.95 30.84
N ILE A 865 -27.32 -3.83 31.36
CA ILE A 865 -28.69 -3.96 30.88
C ILE A 865 -29.55 -2.94 31.60
N VAL A 866 -30.34 -2.17 30.84
CA VAL A 866 -31.15 -1.13 31.45
C VAL A 866 -32.62 -1.39 31.16
N GLU A 867 -32.92 -2.09 30.06
CA GLU A 867 -34.29 -2.36 29.66
C GLU A 867 -34.36 -3.71 28.97
N VAL A 868 -35.39 -4.49 29.31
CA VAL A 868 -35.67 -5.78 28.68
C VAL A 868 -37.18 -5.92 28.51
N GLY A 869 -37.62 -6.12 27.28
CA GLY A 869 -39.03 -6.33 27.01
C GLY A 869 -39.29 -6.37 25.52
N THR A 870 -40.56 -6.58 25.18
CA THR A 870 -40.97 -6.57 23.79
C THR A 870 -40.86 -5.16 23.20
N HIS A 871 -41.05 -5.07 21.89
CA HIS A 871 -40.92 -3.79 21.20
C HIS A 871 -41.92 -2.77 21.74
N ASP A 872 -43.18 -3.18 21.93
CA ASP A 872 -44.19 -2.26 22.41
C ASP A 872 -44.05 -1.95 23.90
N GLU A 873 -43.59 -2.91 24.70
CA GLU A 873 -43.35 -2.65 26.12
C GLU A 873 -42.27 -1.60 26.30
N LEU A 874 -41.20 -1.66 25.49
CA LEU A 874 -40.12 -0.71 25.62
C LEU A 874 -40.49 0.66 25.06
N LEU A 875 -41.47 0.73 24.16
CA LEU A 875 -41.99 2.03 23.74
C LEU A 875 -42.84 2.67 24.82
N ALA A 876 -43.54 1.85 25.62
CA ALA A 876 -44.43 2.41 26.63
C ALA A 876 -43.67 2.90 27.85
N ALA A 877 -42.50 2.32 28.13
CA ALA A 877 -41.70 2.74 29.28
C ALA A 877 -41.09 4.12 29.11
N GLY A 878 -41.04 4.66 27.89
CA GLY A 878 -40.54 6.02 27.71
C GLY A 878 -39.11 6.19 28.15
N GLY A 879 -38.32 5.14 28.03
CA GLY A 879 -36.96 5.16 28.51
C GLY A 879 -35.92 5.26 27.41
N ARG A 880 -34.95 4.33 27.42
CA ARG A 880 -33.85 4.38 26.46
C ARG A 880 -34.28 3.89 25.09
N TYR A 881 -35.09 2.82 25.03
CA TYR A 881 -35.53 2.29 23.74
C TYR A 881 -36.44 3.27 23.02
N ARG A 882 -37.31 3.96 23.76
CA ARG A 882 -38.18 4.97 23.15
C ARG A 882 -37.35 6.09 22.54
N GLY A 883 -36.26 6.48 23.21
CA GLY A 883 -35.40 7.51 22.66
C GLY A 883 -34.68 7.07 21.41
N LEU A 884 -34.14 5.84 21.41
CA LEU A 884 -33.47 5.32 20.23
C LEU A 884 -34.45 5.15 19.08
N TRP A 885 -35.65 4.64 19.36
CA TRP A 885 -36.65 4.45 18.31
C TRP A 885 -37.09 5.79 17.71
N ASP A 886 -37.31 6.80 18.56
CA ASP A 886 -37.68 8.11 18.05
C ASP A 886 -36.54 8.77 17.29
N SER A 887 -35.30 8.54 17.72
CA SER A 887 -34.15 9.13 17.04
C SER A 887 -33.99 8.60 15.63
N GLY A 888 -34.35 7.33 15.40
CA GLY A 888 -34.29 6.73 14.09
C GLY A 888 -35.39 7.12 13.14
N ARG A 889 -36.19 8.12 13.48
CA ARG A 889 -37.27 8.60 12.62
C ARG A 889 -36.93 9.97 12.07
N TYR A 890 -37.38 10.23 10.84
CA TYR A 890 -37.07 11.45 10.08
C TYR A 890 -35.63 11.92 10.27
N ILE B 2 21.66 1.01 -16.80
CA ILE B 2 20.46 1.10 -17.63
C ILE B 2 20.21 2.55 -18.00
N ARG B 3 19.15 2.78 -18.78
CA ARG B 3 18.69 4.13 -19.08
C ARG B 3 17.92 4.75 -17.89
N THR B 4 17.96 4.05 -16.75
CA THR B 4 17.30 4.54 -15.55
C THR B 4 17.95 5.83 -15.06
N LEU B 5 19.28 5.91 -15.10
CA LEU B 5 19.98 7.06 -14.54
C LEU B 5 20.03 8.23 -15.52
N LEU B 6 20.28 7.96 -16.81
CA LEU B 6 20.21 9.04 -17.79
C LEU B 6 18.79 9.45 -18.10
N ARG B 7 17.80 8.88 -17.42
CA ARG B 7 16.49 9.49 -17.35
C ARG B 7 16.43 10.49 -16.20
N LEU B 8 17.07 10.17 -15.08
CA LEU B 8 17.10 11.02 -13.90
C LEU B 8 18.10 12.16 -14.00
N VAL B 9 18.84 12.27 -15.11
CA VAL B 9 19.83 13.33 -15.26
C VAL B 9 19.09 14.67 -15.29
N PRO B 10 19.38 15.57 -14.35
CA PRO B 10 18.69 16.87 -14.36
C PRO B 10 19.23 17.77 -15.47
N ALA B 11 18.34 18.60 -16.00
CA ALA B 11 18.76 19.60 -16.96
C ALA B 11 19.73 20.58 -16.31
N GLU B 12 20.45 21.32 -17.15
CA GLU B 12 21.48 22.28 -16.76
C GLU B 12 22.69 21.59 -16.13
N LYS B 13 22.72 20.26 -16.07
CA LYS B 13 23.81 19.54 -15.43
C LYS B 13 24.34 18.40 -16.30
N ARG B 14 23.97 18.34 -17.58
CA ARG B 14 24.52 17.31 -18.45
C ARG B 14 26.00 17.52 -18.73
N GLY B 15 26.51 18.75 -18.56
CA GLY B 15 27.94 18.96 -18.70
C GLY B 15 28.72 18.54 -17.47
N ALA B 16 28.11 18.62 -16.29
CA ALA B 16 28.80 18.21 -15.08
C ALA B 16 28.86 16.70 -14.92
N VAL B 17 28.03 15.96 -15.66
CA VAL B 17 28.05 14.50 -15.62
C VAL B 17 28.85 13.97 -16.81
N ALA B 18 28.88 14.75 -17.91
CA ALA B 18 29.72 14.38 -19.04
C ALA B 18 31.20 14.59 -18.71
N GLY B 19 31.51 15.70 -18.05
CA GLY B 19 32.86 15.88 -17.54
C GLY B 19 33.18 14.86 -16.46
N TYR B 20 32.22 14.58 -15.58
CA TYR B 20 32.40 13.54 -14.57
C TYR B 20 32.68 12.18 -15.21
N ALA B 21 32.11 11.91 -16.38
CA ALA B 21 32.32 10.63 -17.03
C ALA B 21 33.78 10.42 -17.42
N VAL B 22 34.42 11.47 -17.92
CA VAL B 22 35.82 11.35 -18.33
C VAL B 22 36.77 11.75 -17.20
N LEU B 23 36.35 12.62 -16.29
CA LEU B 23 37.22 13.00 -15.18
C LEU B 23 37.39 11.86 -14.19
N THR B 24 36.39 10.99 -14.07
CA THR B 24 36.54 9.76 -13.29
C THR B 24 37.14 8.62 -14.10
N LEU B 25 37.23 8.77 -15.42
CA LEU B 25 37.82 7.74 -16.26
C LEU B 25 39.35 7.76 -16.18
N LEU B 26 39.94 8.96 -16.13
CA LEU B 26 41.39 9.07 -16.05
C LEU B 26 41.93 8.62 -14.69
N SER B 27 41.10 8.66 -13.65
CA SER B 27 41.53 8.17 -12.35
C SER B 27 41.80 6.66 -12.41
N VAL B 28 40.99 5.93 -13.16
CA VAL B 28 41.25 4.50 -13.37
C VAL B 28 42.54 4.31 -14.16
N LEU B 29 42.85 5.25 -15.07
CA LEU B 29 44.10 5.17 -15.81
C LEU B 29 45.30 5.47 -14.91
N LEU B 30 45.13 6.36 -13.92
CA LEU B 30 46.25 6.72 -13.05
C LEU B 30 46.52 5.68 -11.99
N ARG B 31 45.48 4.97 -11.52
CA ARG B 31 45.68 3.85 -10.63
C ARG B 31 46.15 2.60 -11.35
N ALA B 32 46.03 2.57 -12.68
CA ALA B 32 46.57 1.45 -13.46
C ALA B 32 48.07 1.60 -13.70
N VAL B 33 48.55 2.82 -13.88
CA VAL B 33 49.99 3.01 -14.04
C VAL B 33 50.71 2.91 -12.70
N GLY B 34 50.04 3.27 -11.61
CA GLY B 34 50.62 3.11 -10.29
C GLY B 34 50.73 1.66 -9.86
N ALA B 35 49.95 0.77 -10.47
CA ALA B 35 50.05 -0.65 -10.16
C ALA B 35 51.20 -1.30 -10.91
N VAL B 36 51.34 -1.00 -12.20
CA VAL B 36 52.48 -1.50 -12.96
C VAL B 36 53.77 -0.80 -12.61
N LEU B 37 53.70 0.33 -11.91
CA LEU B 37 54.90 0.94 -11.33
C LEU B 37 55.33 0.24 -10.05
N LEU B 38 54.50 -0.63 -9.48
CA LEU B 38 54.95 -1.51 -8.41
C LEU B 38 55.83 -2.63 -8.94
N ILE B 39 55.74 -2.93 -10.25
CA ILE B 39 56.57 -3.97 -10.84
C ILE B 39 58.05 -3.65 -10.73
N PRO B 40 58.54 -2.48 -11.18
CA PRO B 40 59.99 -2.23 -11.12
C PRO B 40 60.44 -1.73 -9.75
N LEU B 41 59.59 -0.95 -9.07
CA LEU B 41 59.98 -0.35 -7.80
C LEU B 41 60.37 -1.42 -6.79
N LEU B 42 59.56 -2.47 -6.67
CA LEU B 42 59.86 -3.55 -5.74
C LEU B 42 60.83 -4.58 -6.33
N ALA B 43 60.94 -4.65 -7.65
CA ALA B 43 61.91 -5.56 -8.26
C ALA B 43 63.34 -5.09 -8.02
N ALA B 44 63.54 -3.79 -7.83
CA ALA B 44 64.85 -3.25 -7.53
C ALA B 44 65.06 -2.97 -6.06
N LEU B 45 64.01 -3.04 -5.24
CA LEU B 45 64.15 -2.68 -3.84
C LEU B 45 64.99 -3.70 -3.07
N PHE B 46 65.03 -4.95 -3.54
CA PHE B 46 65.82 -5.97 -2.86
C PHE B 46 66.21 -7.12 -3.78
N SER B 47 65.35 -7.44 -4.75
CA SER B 47 65.58 -8.61 -5.59
C SER B 47 66.93 -8.55 -6.29
N ASP B 48 67.20 -7.45 -6.98
CA ASP B 48 68.49 -7.23 -7.63
C ASP B 48 68.88 -5.77 -7.44
N THR B 49 70.13 -5.56 -6.98
CA THR B 49 70.65 -4.23 -6.68
C THR B 49 69.74 -3.53 -5.68
N PRO B 50 69.84 -3.86 -4.40
CA PRO B 50 68.86 -3.35 -3.43
C PRO B 50 69.02 -1.87 -3.15
N SER B 51 67.90 -1.23 -2.86
CA SER B 51 67.83 0.19 -2.47
C SER B 51 68.34 1.11 -3.57
N ASP B 52 67.42 1.69 -4.34
CA ASP B 52 67.77 2.55 -5.47
C ASP B 52 67.35 4.00 -5.26
N ALA B 53 67.32 4.45 -4.00
CA ALA B 53 67.10 5.86 -3.65
C ALA B 53 65.73 6.36 -4.14
N TRP B 54 64.71 5.53 -3.99
CA TRP B 54 63.30 5.88 -4.19
C TRP B 54 63.08 6.70 -5.46
N LEU B 55 63.50 6.14 -6.59
CA LEU B 55 63.28 6.80 -7.87
C LEU B 55 61.81 6.69 -8.29
N TRP B 56 61.30 5.46 -8.41
CA TRP B 56 59.92 5.27 -8.82
C TRP B 56 58.93 5.70 -7.75
N LEU B 57 59.36 5.78 -6.49
CA LEU B 57 58.49 6.35 -5.46
C LEU B 57 58.19 7.81 -5.76
N GLY B 58 59.20 8.55 -6.24
CA GLY B 58 58.98 9.91 -6.70
C GLY B 58 58.11 9.99 -7.94
N TRP B 59 58.07 8.93 -8.73
CA TRP B 59 57.15 8.85 -9.86
C TRP B 59 55.82 8.19 -9.50
N LEU B 60 55.79 7.38 -8.44
CA LEU B 60 54.53 6.88 -7.93
C LEU B 60 53.82 7.94 -7.08
N THR B 61 54.58 8.74 -6.34
CA THR B 61 53.99 9.88 -5.65
C THR B 61 53.44 10.92 -6.62
N ALA B 62 53.87 10.86 -7.88
CA ALA B 62 53.30 11.74 -8.90
C ALA B 62 51.90 11.29 -9.28
N VAL B 63 51.69 9.97 -9.45
CA VAL B 63 50.40 9.48 -9.90
C VAL B 63 49.42 9.28 -8.74
N THR B 64 49.90 9.14 -7.51
CA THR B 64 49.00 8.96 -6.38
C THR B 64 48.20 10.23 -6.13
N LEU B 65 48.88 11.35 -5.95
CA LEU B 65 48.20 12.62 -5.66
C LEU B 65 47.82 13.39 -6.92
N ALA B 66 48.17 12.88 -8.10
CA ALA B 66 47.47 13.29 -9.32
C ALA B 66 46.14 12.57 -9.47
N GLY B 67 45.91 11.52 -8.69
CA GLY B 67 44.61 10.90 -8.57
C GLY B 67 43.85 11.50 -7.41
N TRP B 68 44.59 12.00 -6.42
CA TRP B 68 43.96 12.72 -5.31
C TRP B 68 43.24 13.96 -5.80
N VAL B 69 43.83 14.67 -6.78
CA VAL B 69 43.23 15.90 -7.26
C VAL B 69 41.97 15.61 -8.07
N THR B 70 42.00 14.58 -8.92
CA THR B 70 40.84 14.26 -9.75
C THR B 70 39.74 13.55 -8.97
N ASP B 71 40.06 12.87 -7.87
CA ASP B 71 39.05 12.20 -7.07
C ASP B 71 38.49 13.09 -5.97
N THR B 72 39.21 14.14 -5.57
CA THR B 72 38.66 15.13 -4.66
C THR B 72 37.56 15.96 -5.30
N ASN B 73 37.43 15.92 -6.64
CA ASN B 73 36.29 16.56 -7.28
C ASN B 73 35.19 15.59 -7.68
N THR B 74 35.53 14.34 -8.05
CA THR B 74 34.49 13.40 -8.47
C THR B 74 33.49 13.14 -7.35
N ALA B 75 33.98 12.97 -6.11
CA ALA B 75 33.07 12.81 -4.99
C ALA B 75 32.32 14.11 -4.72
N ARG B 76 33.03 15.24 -4.71
CA ARG B 76 32.38 16.53 -4.50
C ARG B 76 31.40 16.83 -5.62
N LEU B 77 31.81 16.64 -6.87
CA LEU B 77 30.88 16.76 -7.99
C LEU B 77 29.75 15.76 -7.86
N GLY B 78 30.08 14.51 -7.50
CA GLY B 78 29.04 13.51 -7.28
C GLY B 78 28.14 13.84 -6.12
N PHE B 79 28.68 14.47 -5.08
CA PHE B 79 27.84 14.88 -3.95
C PHE B 79 26.77 15.87 -4.40
N ASP B 80 27.16 16.88 -5.19
CA ASP B 80 26.18 17.81 -5.72
C ASP B 80 25.38 17.17 -6.85
N LEU B 81 26.03 16.32 -7.66
CA LEU B 81 25.31 15.60 -8.70
C LEU B 81 24.34 14.59 -8.10
N GLY B 82 24.72 13.95 -6.99
CA GLY B 82 23.82 13.04 -6.31
C GLY B 82 22.66 13.74 -5.64
N PHE B 83 22.86 15.00 -5.23
CA PHE B 83 21.75 15.77 -4.68
C PHE B 83 20.90 16.38 -5.78
N ALA B 84 21.48 16.66 -6.94
CA ALA B 84 20.71 17.21 -8.05
C ALA B 84 19.73 16.18 -8.59
N VAL B 85 20.15 14.92 -8.71
CA VAL B 85 19.21 13.87 -9.09
C VAL B 85 18.23 13.60 -7.94
N LEU B 86 18.69 13.72 -6.70
CA LEU B 86 17.79 13.55 -5.56
C LEU B 86 16.65 14.56 -5.60
N SER B 87 16.93 15.77 -6.06
CA SER B 87 15.90 16.81 -6.11
C SER B 87 15.00 16.67 -7.34
N ARG B 88 15.61 16.50 -8.51
CA ARG B 88 14.83 16.45 -9.75
C ARG B 88 13.95 15.21 -9.82
N THR B 89 14.37 14.11 -9.19
CA THR B 89 13.66 12.84 -9.31
C THR B 89 12.29 12.92 -8.65
N GLN B 90 12.27 13.15 -7.32
CA GLN B 90 11.00 13.10 -6.60
C GLN B 90 10.07 14.23 -6.99
N HIS B 91 10.62 15.35 -7.48
CA HIS B 91 9.78 16.43 -7.96
C HIS B 91 9.04 16.03 -9.24
N ASP B 92 9.75 15.36 -10.16
CA ASP B 92 9.12 14.95 -11.42
C ASP B 92 8.03 13.92 -11.18
N MET B 93 8.29 12.93 -10.31
CA MET B 93 7.27 11.93 -10.03
C MET B 93 6.07 12.54 -9.32
N ALA B 94 6.30 13.56 -8.48
CA ALA B 94 5.19 14.20 -7.78
C ALA B 94 4.29 14.95 -8.75
N ASP B 95 4.88 15.71 -9.67
CA ASP B 95 4.11 16.47 -10.64
C ASP B 95 3.53 15.61 -11.76
N ARG B 96 3.82 14.32 -11.79
CA ARG B 96 3.33 13.44 -12.84
C ARG B 96 2.16 12.57 -12.41
N LEU B 97 2.03 12.29 -11.12
CA LEU B 97 0.99 11.39 -10.60
C LEU B 97 -0.43 11.93 -10.79
N PRO B 98 -0.69 13.23 -10.58
CA PRO B 98 -2.05 13.71 -10.84
C PRO B 98 -2.54 13.51 -12.26
N ASN B 99 -1.62 13.40 -13.23
CA ASN B 99 -1.98 13.19 -14.63
C ASN B 99 -1.74 11.73 -15.03
N VAL B 100 -2.17 10.80 -14.19
CA VAL B 100 -2.06 9.37 -14.46
C VAL B 100 -3.48 8.80 -14.52
N ALA B 101 -3.74 7.98 -15.54
CA ALA B 101 -5.02 7.30 -15.65
C ALA B 101 -5.27 6.48 -14.39
N MET B 102 -6.35 6.82 -13.68
CA MET B 102 -6.62 6.20 -12.39
C MET B 102 -6.84 4.68 -12.49
N SER B 103 -6.97 4.15 -13.71
CA SER B 103 -6.95 2.71 -13.88
C SER B 103 -5.59 2.13 -13.50
N TRP B 104 -4.53 2.94 -13.61
CA TRP B 104 -3.19 2.48 -13.26
C TRP B 104 -3.04 2.26 -11.75
N PHE B 105 -3.76 3.02 -10.94
CA PHE B 105 -3.60 2.96 -9.50
C PHE B 105 -4.13 1.65 -8.92
N THR B 106 -3.41 0.55 -9.18
CA THR B 106 -3.72 -0.74 -8.59
C THR B 106 -3.28 -0.76 -7.14
N PRO B 107 -3.72 -1.76 -6.36
CA PRO B 107 -3.23 -1.87 -4.97
C PRO B 107 -1.71 -2.02 -4.89
N ASP B 108 -1.07 -2.64 -5.87
CA ASP B 108 0.38 -2.80 -5.87
C ASP B 108 1.11 -1.61 -6.46
N ASN B 109 0.63 -1.07 -7.58
CA ASN B 109 1.30 0.08 -8.19
C ASN B 109 1.21 1.30 -7.28
N THR B 110 0.21 1.36 -6.40
CA THR B 110 0.17 2.43 -5.41
C THR B 110 1.18 2.18 -4.29
N ALA B 111 1.55 0.93 -4.05
CA ALA B 111 2.58 0.62 -3.05
C ALA B 111 3.96 0.92 -3.59
N THR B 112 4.21 0.63 -4.87
CA THR B 112 5.49 0.97 -5.48
C THR B 112 5.63 2.49 -5.65
N ALA B 113 4.53 3.19 -5.94
CA ALA B 113 4.58 4.63 -6.05
C ALA B 113 4.82 5.28 -4.68
N ARG B 114 4.38 4.65 -3.60
CA ARG B 114 4.66 5.17 -2.27
C ARG B 114 6.12 4.98 -1.89
N GLN B 115 6.71 3.85 -2.31
CA GLN B 115 8.13 3.62 -2.05
C GLN B 115 9.00 4.60 -2.82
N ALA B 116 8.62 4.92 -4.06
CA ALA B 116 9.46 5.73 -4.92
C ALA B 116 9.55 7.18 -4.45
N ILE B 117 8.49 7.69 -3.82
CA ILE B 117 8.43 9.10 -3.45
C ILE B 117 8.61 9.30 -1.94
N ALA B 118 9.09 8.28 -1.22
CA ALA B 118 9.27 8.42 0.21
C ALA B 118 10.58 7.82 0.68
N ALA B 119 10.74 6.50 0.52
CA ALA B 119 11.93 5.79 0.96
C ALA B 119 13.11 5.94 0.01
N THR B 120 13.12 6.98 -0.82
CA THR B 120 14.20 7.19 -1.77
C THR B 120 14.90 8.52 -1.51
N GLY B 121 15.26 8.76 -0.26
CA GLY B 121 15.89 10.01 0.13
C GLY B 121 17.40 9.95 0.07
N PRO B 122 18.04 9.67 1.20
CA PRO B 122 19.51 9.62 1.22
C PRO B 122 20.10 8.54 0.34
N GLU B 123 19.31 7.54 -0.07
CA GLU B 123 19.81 6.54 -1.01
C GLU B 123 20.13 7.18 -2.36
N LEU B 124 19.26 8.08 -2.82
CA LEU B 124 19.53 8.83 -4.04
C LEU B 124 20.57 9.93 -3.82
N ALA B 125 20.73 10.39 -2.58
CA ALA B 125 21.71 11.44 -2.29
C ALA B 125 23.13 10.93 -2.53
N GLY B 126 23.51 9.87 -1.83
CA GLY B 126 24.80 9.25 -2.03
C GLY B 126 24.75 8.14 -3.07
N LEU B 127 23.87 8.30 -4.06
CA LEU B 127 23.73 7.27 -5.08
C LEU B 127 25.01 7.11 -5.89
N VAL B 128 25.53 8.22 -6.43
CA VAL B 128 26.66 8.14 -7.35
C VAL B 128 27.97 7.92 -6.60
N VAL B 129 28.14 8.58 -5.45
CA VAL B 129 29.42 8.53 -4.77
C VAL B 129 29.63 7.21 -4.03
N ASN B 130 28.55 6.56 -3.60
CA ASN B 130 28.67 5.36 -2.79
C ASN B 130 28.51 4.06 -3.57
N LEU B 131 28.07 4.12 -4.83
CA LEU B 131 27.94 2.90 -5.61
C LEU B 131 28.30 3.09 -7.08
N LEU B 132 27.91 4.22 -7.67
CA LEU B 132 28.16 4.41 -9.09
C LEU B 132 29.65 4.61 -9.38
N THR B 133 30.30 5.51 -8.64
CA THR B 133 31.73 5.71 -8.88
C THR B 133 32.57 4.54 -8.35
N PRO B 134 32.22 3.89 -7.23
CA PRO B 134 32.98 2.70 -6.84
C PRO B 134 32.79 1.51 -7.77
N LEU B 135 31.68 1.44 -8.51
CA LEU B 135 31.47 0.33 -9.44
C LEU B 135 32.03 0.62 -10.82
N ILE B 136 31.83 1.84 -11.34
CA ILE B 136 32.37 2.19 -12.65
C ILE B 136 33.89 2.08 -12.65
N GLY B 137 34.52 2.44 -11.54
CA GLY B 137 35.96 2.33 -11.40
C GLY B 137 36.45 0.90 -11.25
N ALA B 138 35.83 0.14 -10.33
CA ALA B 138 36.27 -1.22 -10.06
C ALA B 138 35.94 -2.20 -11.18
N ALA B 139 35.13 -1.80 -12.15
CA ALA B 139 34.80 -2.68 -13.26
C ALA B 139 35.76 -2.57 -14.42
N LEU B 140 36.48 -1.45 -14.54
CA LEU B 140 37.42 -1.24 -15.64
C LEU B 140 38.88 -1.31 -15.19
N LEU B 141 39.15 -1.41 -13.89
CA LEU B 141 40.54 -1.51 -13.44
C LEU B 141 41.23 -2.80 -13.89
N PRO B 142 40.60 -3.98 -13.81
CA PRO B 142 41.29 -5.19 -14.32
C PRO B 142 41.63 -5.11 -15.80
N ALA B 143 40.91 -4.30 -16.57
CA ALA B 143 41.28 -4.04 -17.96
C ALA B 143 42.15 -2.80 -18.11
N ALA B 144 42.17 -1.92 -17.11
CA ALA B 144 43.00 -0.72 -17.20
C ALA B 144 44.47 -1.06 -17.02
N ILE B 145 44.78 -1.96 -16.07
CA ILE B 145 46.17 -2.39 -15.91
C ILE B 145 46.62 -3.20 -17.11
N GLY B 146 45.69 -3.84 -17.81
CA GLY B 146 46.05 -4.62 -18.98
C GLY B 146 46.65 -3.76 -20.09
N VAL B 147 46.11 -2.56 -20.28
CA VAL B 147 46.72 -1.60 -21.20
C VAL B 147 47.83 -0.80 -20.53
N ALA B 148 47.86 -0.77 -19.19
CA ALA B 148 48.97 -0.14 -18.48
C ALA B 148 50.14 -1.08 -18.26
N LEU B 149 49.95 -2.38 -18.48
CA LEU B 149 51.03 -3.35 -18.46
C LEU B 149 51.57 -3.64 -19.86
N LEU B 150 50.91 -3.11 -20.89
CA LEU B 150 51.29 -3.42 -22.28
C LEU B 150 52.72 -2.97 -22.58
N PHE B 151 53.14 -1.83 -22.02
CA PHE B 151 54.48 -1.33 -22.31
C PHE B 151 55.57 -2.03 -21.52
N VAL B 152 55.22 -2.95 -20.63
CA VAL B 152 56.19 -3.78 -19.94
C VAL B 152 56.31 -5.16 -20.58
N SER B 153 55.17 -5.76 -20.94
CA SER B 153 55.17 -7.06 -21.62
C SER B 153 53.81 -7.25 -22.27
N VAL B 154 53.82 -7.65 -23.54
CA VAL B 154 52.59 -7.87 -24.30
C VAL B 154 52.10 -9.31 -24.13
N PRO B 155 52.96 -10.33 -24.20
CA PRO B 155 52.49 -11.68 -23.82
C PRO B 155 51.99 -11.77 -22.40
N LEU B 156 52.42 -10.85 -21.52
CA LEU B 156 51.82 -10.70 -20.21
C LEU B 156 50.65 -9.73 -20.21
N GLY B 157 50.53 -8.90 -21.25
CA GLY B 157 49.47 -7.93 -21.35
C GLY B 157 48.18 -8.48 -21.92
N LEU B 158 48.26 -9.13 -23.09
CA LEU B 158 47.06 -9.74 -23.66
C LEU B 158 46.60 -10.92 -22.83
N ALA B 159 47.53 -11.59 -22.11
CA ALA B 159 47.14 -12.63 -21.18
C ALA B 159 46.27 -12.08 -20.05
N ALA B 160 46.32 -10.77 -19.79
CA ALA B 160 45.41 -10.16 -18.85
C ALA B 160 44.05 -9.88 -19.48
N LEU B 161 44.05 -9.31 -20.69
CA LEU B 161 42.80 -9.09 -21.40
C LEU B 161 42.15 -10.39 -21.85
N ALA B 162 42.92 -11.47 -21.98
CA ALA B 162 42.33 -12.78 -22.23
C ALA B 162 41.78 -13.40 -20.95
N GLY B 163 42.43 -13.15 -19.81
CA GLY B 163 41.96 -13.64 -18.53
C GLY B 163 40.95 -12.77 -17.84
N VAL B 164 40.71 -11.56 -18.35
CA VAL B 164 39.71 -10.69 -17.73
C VAL B 164 38.30 -11.05 -18.18
N ALA B 165 38.17 -11.63 -19.37
CA ALA B 165 36.85 -12.02 -19.86
C ALA B 165 36.37 -13.36 -19.31
N VAL B 166 37.30 -14.21 -18.87
CA VAL B 166 36.90 -15.52 -18.36
C VAL B 166 36.53 -15.43 -16.89
N LEU B 167 37.17 -14.53 -16.13
CA LEU B 167 36.85 -14.39 -14.72
C LEU B 167 35.60 -13.55 -14.50
N PHE B 168 35.34 -12.58 -15.39
CA PHE B 168 34.09 -11.82 -15.30
C PHE B 168 32.89 -12.73 -15.52
N GLY B 169 32.96 -13.59 -16.53
CA GLY B 169 31.89 -14.54 -16.75
C GLY B 169 31.75 -15.57 -15.63
N ALA B 170 32.87 -15.95 -15.01
CA ALA B 170 32.81 -16.87 -13.89
C ALA B 170 32.06 -16.26 -12.72
N LEU B 171 32.36 -15.00 -12.39
CA LEU B 171 31.60 -14.31 -11.36
C LEU B 171 30.18 -14.02 -11.82
N ALA B 172 30.01 -13.70 -13.11
CA ALA B 172 28.66 -13.50 -13.65
C ALA B 172 27.83 -14.77 -13.54
N LEU B 173 28.48 -15.93 -13.51
CA LEU B 173 27.79 -17.18 -13.24
C LEU B 173 27.64 -17.46 -11.76
N SER B 174 28.61 -17.03 -10.94
CA SER B 174 28.45 -17.13 -9.49
C SER B 174 27.38 -16.17 -9.00
N GLY B 175 27.34 -14.95 -9.56
CA GLY B 175 26.24 -14.04 -9.29
C GLY B 175 24.93 -14.49 -9.90
N ARG B 176 24.96 -15.37 -10.90
CA ARG B 176 23.71 -15.87 -11.44
C ARG B 176 23.24 -17.11 -10.68
N LEU B 177 24.18 -17.91 -10.17
CA LEU B 177 23.82 -19.03 -9.32
C LEU B 177 23.29 -18.55 -7.97
N SER B 178 23.89 -17.50 -7.42
CA SER B 178 23.40 -16.92 -6.16
C SER B 178 22.10 -16.15 -6.35
N ARG B 179 21.86 -15.62 -7.54
CA ARG B 179 20.59 -14.94 -7.82
C ARG B 179 19.48 -15.94 -8.06
N ALA B 180 19.77 -17.06 -8.73
CA ALA B 180 18.76 -18.08 -8.95
C ALA B 180 18.49 -18.90 -7.70
N ALA B 181 19.37 -18.84 -6.71
CA ALA B 181 19.17 -19.56 -5.46
C ALA B 181 18.32 -18.79 -4.46
N ASP B 182 18.38 -17.45 -4.49
CA ASP B 182 17.53 -16.65 -3.61
C ASP B 182 16.08 -16.65 -4.08
N LYS B 183 15.85 -16.88 -5.38
CA LYS B 183 14.48 -16.96 -5.88
C LYS B 183 13.76 -18.15 -5.29
N VAL B 184 14.33 -19.34 -5.44
CA VAL B 184 13.72 -20.55 -4.88
C VAL B 184 13.65 -20.45 -3.37
N ALA B 185 14.59 -19.73 -2.74
CA ALA B 185 14.55 -19.54 -1.29
C ALA B 185 13.31 -18.74 -0.89
N GLY B 186 13.07 -17.62 -1.56
CA GLY B 186 11.90 -16.81 -1.29
C GLY B 186 10.59 -17.44 -1.72
N GLU B 187 10.64 -18.46 -2.58
CA GLU B 187 9.42 -19.13 -3.03
C GLU B 187 8.97 -20.18 -2.02
N THR B 188 9.92 -20.97 -1.49
CA THR B 188 9.57 -22.00 -0.52
C THR B 188 9.08 -21.40 0.78
N ASN B 189 9.78 -20.36 1.28
CA ASN B 189 9.34 -19.70 2.50
C ASN B 189 8.00 -18.99 2.30
N SER B 190 7.75 -18.47 1.10
CA SER B 190 6.42 -17.94 0.80
C SER B 190 5.38 -19.06 0.79
N ALA B 191 5.71 -20.18 0.14
CA ALA B 191 4.83 -21.34 0.20
C ALA B 191 4.75 -21.91 1.60
N PHE B 192 5.78 -21.69 2.42
CA PHE B 192 5.72 -22.09 3.83
C PHE B 192 4.72 -21.24 4.60
N THR B 193 4.78 -19.92 4.41
CA THR B 193 3.98 -19.00 5.21
C THR B 193 2.58 -18.77 4.64
N GLU B 194 2.39 -18.91 3.33
CA GLU B 194 1.06 -18.74 2.75
C GLU B 194 0.08 -19.79 3.24
N ARG B 195 0.57 -20.92 3.74
CA ARG B 195 -0.32 -21.90 4.37
C ARG B 195 -0.58 -21.56 5.83
N ILE B 196 0.38 -20.91 6.49
CA ILE B 196 0.15 -20.43 7.86
C ILE B 196 -0.87 -19.31 7.86
N ILE B 197 -0.80 -18.41 6.87
CA ILE B 197 -1.74 -17.30 6.79
C ILE B 197 -3.15 -17.81 6.48
N GLU B 198 -3.26 -18.79 5.57
CA GLU B 198 -4.57 -19.31 5.21
C GLU B 198 -5.22 -20.02 6.38
N PHE B 199 -4.45 -20.80 7.14
CA PHE B 199 -4.99 -21.46 8.32
C PHE B 199 -5.38 -20.47 9.41
N ALA B 200 -4.80 -19.27 9.40
CA ALA B 200 -5.11 -18.25 10.38
C ALA B 200 -6.35 -17.44 10.03
N ARG B 201 -6.50 -17.05 8.76
CA ARG B 201 -7.64 -16.23 8.37
C ARG B 201 -8.95 -17.01 8.34
N THR B 202 -8.88 -18.33 8.19
CA THR B 202 -10.07 -19.18 8.14
C THR B 202 -10.30 -19.92 9.46
N GLN B 203 -9.67 -19.46 10.55
CA GLN B 203 -9.79 -20.18 11.82
C GLN B 203 -11.21 -20.16 12.34
N GLN B 204 -11.93 -19.04 12.15
CA GLN B 204 -13.33 -18.98 12.57
C GLN B 204 -14.17 -20.00 11.82
N ALA B 205 -14.07 -20.01 10.49
CA ALA B 205 -14.84 -20.96 9.69
C ALA B 205 -14.44 -22.39 10.00
N LEU B 206 -13.15 -22.63 10.22
CA LEU B 206 -12.69 -23.99 10.49
C LEU B 206 -13.15 -24.47 11.86
N ARG B 207 -13.08 -23.62 12.88
CA ARG B 207 -13.52 -24.02 14.21
C ARG B 207 -15.03 -24.20 14.26
N ALA B 208 -15.78 -23.33 13.58
CA ALA B 208 -17.24 -23.43 13.59
C ALA B 208 -17.71 -24.66 12.82
N ALA B 209 -16.95 -25.11 11.83
CA ALA B 209 -17.30 -26.27 11.03
C ALA B 209 -16.64 -27.55 11.53
N ARG B 210 -15.98 -27.49 12.68
CA ARG B 210 -15.29 -28.64 13.27
C ARG B 210 -14.24 -29.22 12.31
N ARG B 211 -13.66 -28.37 11.48
CA ARG B 211 -12.62 -28.77 10.53
C ARG B 211 -11.24 -28.26 10.93
N VAL B 212 -11.05 -27.97 12.22
CA VAL B 212 -9.80 -27.34 12.66
C VAL B 212 -8.67 -28.36 12.74
N GLU B 213 -8.97 -29.58 13.20
CA GLU B 213 -7.93 -30.60 13.34
C GLU B 213 -7.65 -31.32 12.02
N PRO B 214 -8.66 -31.65 11.20
CA PRO B 214 -8.34 -32.21 9.87
C PRO B 214 -7.47 -31.29 9.04
N ALA B 215 -7.70 -29.97 9.10
CA ALA B 215 -6.83 -29.01 8.44
C ALA B 215 -5.52 -28.81 9.18
N ARG B 216 -5.49 -29.08 10.49
CA ARG B 216 -4.24 -28.96 11.25
C ARG B 216 -3.22 -29.98 10.79
N SER B 217 -3.66 -31.21 10.52
CA SER B 217 -2.74 -32.26 10.10
C SER B 217 -2.34 -32.11 8.64
N GLN B 218 -3.27 -31.68 7.78
CA GLN B 218 -2.95 -31.53 6.36
C GLN B 218 -1.94 -30.43 6.12
N VAL B 219 -1.98 -29.35 6.91
CA VAL B 219 -0.98 -28.31 6.78
C VAL B 219 0.31 -28.73 7.46
N GLY B 220 0.21 -29.40 8.61
CA GLY B 220 1.40 -29.87 9.31
C GLY B 220 2.21 -30.88 8.51
N SER B 221 1.53 -31.71 7.72
CA SER B 221 2.24 -32.66 6.88
C SER B 221 2.73 -32.01 5.59
N ALA B 222 1.95 -31.09 5.03
CA ALA B 222 2.40 -30.37 3.84
C ALA B 222 3.62 -29.50 4.16
N LEU B 223 3.70 -28.97 5.38
CA LEU B 223 4.91 -28.27 5.80
C LEU B 223 6.03 -29.23 6.13
N ALA B 224 5.72 -30.44 6.60
CA ALA B 224 6.74 -31.43 6.87
C ALA B 224 7.30 -32.02 5.57
N ALA B 225 6.49 -32.05 4.51
CA ALA B 225 6.98 -32.51 3.22
C ALA B 225 7.81 -31.44 2.53
N GLN B 226 7.35 -30.19 2.56
CA GLN B 226 8.16 -29.09 2.04
C GLN B 226 9.44 -28.92 2.86
N HIS B 227 9.39 -29.26 4.15
CA HIS B 227 10.60 -29.23 4.96
C HIS B 227 11.61 -30.26 4.49
N GLY B 228 11.15 -31.38 3.96
CA GLY B 228 12.03 -32.39 3.40
C GLY B 228 12.59 -31.99 2.06
N ALA B 229 11.76 -31.37 1.23
CA ALA B 229 12.23 -30.92 -0.08
C ALA B 229 13.27 -29.83 0.04
N GLY B 230 13.21 -29.02 1.10
CA GLY B 230 14.24 -28.02 1.32
C GLY B 230 15.56 -28.61 1.76
N LEU B 231 15.52 -29.69 2.55
CA LEU B 231 16.75 -30.29 3.04
C LEU B 231 17.59 -30.87 1.91
N ARG B 232 16.95 -31.47 0.91
CA ARG B 232 17.69 -32.11 -0.18
C ARG B 232 18.28 -31.09 -1.15
N LEU B 233 17.68 -29.91 -1.27
CA LEU B 233 18.20 -28.89 -2.17
C LEU B 233 19.35 -28.09 -1.55
N LEU B 234 19.56 -28.18 -0.24
CA LEU B 234 20.74 -27.59 0.36
C LEU B 234 21.98 -28.45 0.12
N THR B 235 21.79 -29.77 -0.02
CA THR B 235 22.92 -30.67 -0.22
C THR B 235 23.55 -30.46 -1.60
N MET B 236 22.74 -30.23 -2.63
CA MET B 236 23.26 -30.07 -3.98
C MET B 236 23.06 -28.65 -4.49
N GLN B 237 23.72 -27.69 -3.84
CA GLN B 237 23.63 -26.29 -4.25
C GLN B 237 24.88 -25.52 -3.82
N ILE B 238 25.18 -25.56 -2.52
CA ILE B 238 26.34 -24.86 -1.97
C ILE B 238 27.66 -25.58 -2.22
N PRO B 239 27.69 -26.83 -2.68
CA PRO B 239 28.94 -27.34 -3.27
C PRO B 239 29.44 -26.54 -4.47
N GLY B 240 28.68 -25.56 -4.94
CA GLY B 240 29.13 -24.70 -6.02
C GLY B 240 29.43 -23.28 -5.56
N GLN B 241 28.69 -22.80 -4.57
CA GLN B 241 28.88 -21.43 -4.09
C GLN B 241 30.25 -21.27 -3.42
N VAL B 242 30.57 -22.15 -2.48
CA VAL B 242 31.85 -22.07 -1.78
C VAL B 242 33.01 -22.31 -2.73
N LEU B 243 32.74 -22.91 -3.90
CA LEU B 243 33.79 -23.18 -4.88
C LEU B 243 34.27 -21.91 -5.58
N PHE B 244 33.45 -20.86 -5.63
CA PHE B 244 33.80 -19.68 -6.40
C PHE B 244 34.62 -18.66 -5.62
N SER B 245 34.57 -18.68 -4.28
CA SER B 245 35.59 -17.97 -3.53
C SER B 245 36.86 -18.80 -3.42
N LEU B 246 36.72 -20.13 -3.44
CA LEU B 246 37.87 -20.99 -3.70
C LEU B 246 38.47 -20.70 -5.07
N ALA B 247 37.62 -20.42 -6.05
CA ALA B 247 38.08 -20.07 -7.39
C ALA B 247 38.77 -18.71 -7.44
N GLY B 248 38.62 -17.89 -6.41
CA GLY B 248 39.32 -16.62 -6.35
C GLY B 248 40.75 -16.78 -5.88
N GLN B 249 40.96 -17.72 -4.95
CA GLN B 249 42.30 -17.99 -4.41
C GLN B 249 43.02 -19.09 -5.16
N VAL B 250 42.35 -19.80 -6.07
CA VAL B 250 43.05 -20.81 -6.87
C VAL B 250 43.84 -20.16 -7.99
N ALA B 251 43.40 -19.00 -8.48
CA ALA B 251 44.15 -18.26 -9.49
C ALA B 251 45.30 -17.48 -8.88
N LEU B 252 45.23 -17.14 -7.59
CA LEU B 252 46.33 -16.47 -6.91
C LEU B 252 47.52 -17.39 -6.78
N ILE B 253 47.37 -18.45 -5.98
CA ILE B 253 48.46 -19.41 -5.79
C ILE B 253 48.77 -20.16 -7.08
N GLY B 254 47.82 -20.22 -8.00
CA GLY B 254 48.05 -20.88 -9.28
C GLY B 254 49.12 -20.21 -10.11
N PHE B 255 48.94 -18.93 -10.44
CA PHE B 255 49.94 -18.23 -11.22
C PHE B 255 51.20 -17.96 -10.41
N ALA B 256 51.04 -17.63 -9.12
CA ALA B 256 52.20 -17.46 -8.26
C ALA B 256 52.91 -18.77 -7.98
N GLY B 257 52.25 -19.91 -8.23
CA GLY B 257 52.86 -21.20 -8.03
C GLY B 257 53.55 -21.73 -9.27
N MET B 258 53.26 -21.13 -10.42
CA MET B 258 53.96 -21.45 -11.65
C MET B 258 54.99 -20.39 -12.04
N ALA B 259 54.77 -19.13 -11.64
CA ALA B 259 55.78 -18.10 -11.84
C ALA B 259 56.96 -18.25 -10.90
N VAL B 260 56.92 -19.23 -10.00
CA VAL B 260 58.02 -19.50 -9.09
C VAL B 260 58.86 -20.68 -9.57
N TRP B 261 58.25 -21.66 -10.20
CA TRP B 261 58.94 -22.87 -10.64
C TRP B 261 59.10 -22.96 -12.14
N LEU B 262 58.08 -22.62 -12.92
CA LEU B 262 58.20 -22.57 -14.37
C LEU B 262 58.91 -21.31 -14.87
N THR B 263 59.51 -20.54 -13.96
CA THR B 263 60.27 -19.36 -14.33
C THR B 263 61.75 -19.56 -14.00
N VAL B 264 62.13 -19.53 -12.72
CA VAL B 264 63.50 -19.70 -12.24
C VAL B 264 64.37 -18.52 -12.69
N ARG B 265 64.09 -17.97 -13.88
CA ARG B 265 64.81 -16.83 -14.43
C ARG B 265 64.28 -15.50 -13.93
N GLY B 266 63.44 -15.49 -12.89
CA GLY B 266 62.87 -14.25 -12.42
C GLY B 266 62.46 -14.24 -10.96
N GLN B 267 63.43 -14.05 -10.07
CA GLN B 267 63.13 -13.82 -8.67
C GLN B 267 62.83 -12.36 -8.36
N LEU B 268 63.01 -11.47 -9.34
CA LEU B 268 62.38 -10.15 -9.30
C LEU B 268 60.93 -10.22 -9.74
N GLY B 269 60.39 -11.43 -9.91
CA GLY B 269 59.00 -11.63 -10.25
C GLY B 269 58.17 -12.04 -9.05
N VAL B 270 58.63 -11.71 -7.86
CA VAL B 270 57.81 -11.84 -6.65
C VAL B 270 57.01 -10.55 -6.46
N PRO B 271 57.37 -9.42 -7.09
CA PRO B 271 56.35 -8.38 -7.34
C PRO B 271 55.31 -8.82 -8.34
N GLU B 272 55.61 -9.76 -9.23
CA GLU B 272 54.61 -10.26 -10.15
C GLU B 272 53.50 -11.00 -9.42
N ALA B 273 53.86 -11.78 -8.39
CA ALA B 273 52.85 -12.36 -7.51
C ALA B 273 52.09 -11.27 -6.76
N ILE B 274 52.72 -10.12 -6.54
CA ILE B 274 52.06 -8.99 -5.89
C ILE B 274 51.35 -8.10 -6.89
N ALA B 275 51.93 -7.92 -8.09
CA ALA B 275 51.23 -7.20 -9.16
C ALA B 275 49.94 -7.90 -9.51
N LEU B 276 49.95 -9.23 -9.56
CA LEU B 276 48.71 -9.98 -9.79
C LEU B 276 47.76 -9.89 -8.61
N ILE B 277 48.27 -9.62 -7.41
CA ILE B 277 47.40 -9.48 -6.25
C ILE B 277 46.69 -8.14 -6.27
N VAL B 278 47.43 -7.04 -6.47
CA VAL B 278 46.82 -5.73 -6.56
C VAL B 278 45.91 -5.60 -7.78
N VAL B 279 45.95 -6.56 -8.70
CA VAL B 279 44.93 -6.65 -9.74
C VAL B 279 43.68 -7.32 -9.19
N LEU B 280 43.85 -8.29 -8.29
CA LEU B 280 42.73 -9.06 -7.75
C LEU B 280 42.34 -8.66 -6.33
N VAL B 281 42.96 -7.62 -5.77
CA VAL B 281 42.56 -7.16 -4.44
C VAL B 281 41.12 -6.68 -4.46
N ARG B 282 40.79 -5.81 -5.41
CA ARG B 282 39.45 -5.26 -5.52
C ARG B 282 38.79 -5.73 -6.81
N TYR B 283 38.71 -7.04 -6.99
CA TYR B 283 37.99 -7.64 -8.10
C TYR B 283 36.62 -8.13 -7.65
N LEU B 284 36.58 -9.28 -6.99
CA LEU B 284 35.35 -9.78 -6.40
C LEU B 284 35.24 -9.48 -4.91
N GLU B 285 36.25 -8.82 -4.34
CA GLU B 285 36.10 -8.26 -2.99
C GLU B 285 35.03 -7.18 -2.93
N PRO B 286 35.01 -6.17 -3.82
CA PRO B 286 33.90 -5.21 -3.79
C PRO B 286 32.71 -5.69 -4.60
N PHE B 287 32.97 -6.45 -5.69
CA PHE B 287 31.89 -6.93 -6.53
C PHE B 287 30.91 -7.80 -5.74
N ALA B 288 31.41 -8.56 -4.78
CA ALA B 288 30.52 -9.25 -3.85
C ALA B 288 29.97 -8.30 -2.79
N ALA B 289 30.75 -7.27 -2.43
CA ALA B 289 30.30 -6.28 -1.46
C ALA B 289 29.35 -5.26 -2.07
N ILE B 290 29.33 -5.12 -3.39
CA ILE B 290 28.38 -4.23 -4.05
C ILE B 290 27.22 -4.99 -4.69
N ALA B 291 27.34 -6.31 -4.86
CA ALA B 291 26.26 -7.09 -5.46
C ALA B 291 25.05 -7.21 -4.54
N ASP B 292 25.22 -6.96 -3.24
CA ASP B 292 24.07 -6.92 -2.35
C ASP B 292 23.33 -5.59 -2.47
N LEU B 293 24.04 -4.52 -2.79
CA LEU B 293 23.46 -3.20 -2.97
C LEU B 293 23.29 -2.83 -4.43
N ALA B 294 23.63 -3.71 -5.36
CA ALA B 294 23.39 -3.42 -6.77
C ALA B 294 21.91 -3.55 -7.13
N PRO B 295 21.24 -4.67 -6.86
CA PRO B 295 19.78 -4.69 -7.09
C PRO B 295 19.03 -3.90 -6.03
N ALA B 296 19.57 -3.80 -4.81
CA ALA B 296 18.98 -2.95 -3.79
C ALA B 296 18.99 -1.48 -4.18
N LEU B 297 19.71 -1.12 -5.25
CA LEU B 297 19.65 0.21 -5.84
C LEU B 297 19.24 0.18 -7.31
N GLU B 298 19.14 -1.00 -7.92
CA GLU B 298 18.68 -1.12 -9.29
C GLU B 298 17.16 -1.15 -9.41
N THR B 299 16.48 -1.71 -8.42
CA THR B 299 15.02 -1.80 -8.48
C THR B 299 14.34 -0.58 -7.87
N THR B 300 15.00 0.12 -6.94
CA THR B 300 14.50 1.44 -6.55
C THR B 300 14.66 2.45 -7.66
N ARG B 301 15.45 2.13 -8.68
CA ARG B 301 15.43 2.81 -9.96
C ARG B 301 14.42 2.21 -10.93
N ALA B 302 13.82 1.07 -10.57
CA ALA B 302 12.79 0.41 -11.39
C ALA B 302 11.38 0.66 -10.87
N THR B 303 11.16 0.59 -9.56
CA THR B 303 9.91 1.09 -8.99
C THR B 303 9.79 2.60 -9.22
N LEU B 304 10.93 3.30 -9.28
CA LEU B 304 10.96 4.68 -9.73
C LEU B 304 10.72 4.77 -11.23
N ASN B 305 11.20 3.80 -11.99
CA ASN B 305 10.91 3.72 -13.42
C ASN B 305 9.44 3.43 -13.69
N ARG B 306 8.73 2.89 -12.69
CA ARG B 306 7.32 2.56 -12.89
C ARG B 306 6.48 3.81 -13.07
N ILE B 307 6.80 4.88 -12.34
CA ILE B 307 5.95 6.07 -12.36
C ILE B 307 6.10 6.82 -13.68
N GLN B 308 7.34 7.12 -14.08
CA GLN B 308 7.56 8.00 -15.21
C GLN B 308 7.58 7.27 -16.55
N ALA B 309 8.27 6.12 -16.65
CA ALA B 309 8.32 5.40 -17.91
C ALA B 309 6.94 4.88 -18.29
N VAL B 310 6.18 4.38 -17.32
CA VAL B 310 4.82 3.95 -17.55
C VAL B 310 3.88 4.98 -16.91
N LEU B 311 3.94 6.22 -17.40
CA LEU B 311 3.03 7.25 -16.93
C LEU B 311 1.57 6.85 -17.16
N ASP B 312 1.28 6.32 -18.35
CA ASP B 312 -0.09 6.03 -18.77
C ASP B 312 -0.96 7.27 -18.60
N ALA B 313 -0.39 8.43 -18.90
CA ALA B 313 -1.10 9.68 -18.76
C ALA B 313 -2.33 9.69 -19.66
N PRO B 314 -3.49 10.11 -19.16
CA PRO B 314 -4.65 10.26 -20.05
C PRO B 314 -4.32 11.19 -21.20
N THR B 315 -4.94 10.90 -22.36
CA THR B 315 -4.62 11.66 -23.56
C THR B 315 -4.87 13.14 -23.37
N LEU B 316 -6.07 13.50 -22.90
CA LEU B 316 -6.55 14.87 -22.67
C LEU B 316 -6.03 15.90 -23.67
N PRO B 317 -6.27 15.73 -24.97
CA PRO B 317 -5.91 16.79 -25.92
C PRO B 317 -6.72 18.05 -25.65
N ALA B 318 -6.02 19.12 -25.28
CA ALA B 318 -6.67 20.38 -24.90
C ALA B 318 -7.02 21.17 -26.16
N GLY B 319 -7.95 20.61 -26.92
CA GLY B 319 -8.41 21.26 -28.14
C GLY B 319 -9.61 22.15 -27.94
N ARG B 320 -10.52 21.71 -27.05
CA ARG B 320 -11.77 22.42 -26.80
C ARG B 320 -11.85 22.84 -25.33
N ARG B 321 -12.72 23.80 -25.06
CA ARG B 321 -12.93 24.30 -23.70
C ARG B 321 -14.42 24.34 -23.35
N ARG B 322 -15.29 23.86 -24.23
CA ARG B 322 -16.73 23.84 -24.00
C ARG B 322 -17.28 25.25 -23.79
N LEU B 323 -16.78 26.20 -24.59
CA LEU B 323 -17.24 27.59 -24.52
C LEU B 323 -18.46 27.83 -25.40
N ASP B 324 -19.39 26.88 -25.45
CA ASP B 324 -20.65 27.09 -26.16
C ASP B 324 -21.68 27.70 -25.20
N ARG B 325 -22.45 26.85 -24.53
CA ARG B 325 -23.41 27.31 -23.53
C ARG B 325 -22.82 26.97 -22.15
N THR B 326 -21.84 27.79 -21.75
CA THR B 326 -21.19 27.57 -20.46
C THR B 326 -22.17 27.81 -19.32
N GLY B 327 -22.07 26.97 -18.29
CA GLY B 327 -22.98 27.03 -17.17
C GLY B 327 -24.35 26.42 -17.41
N ALA B 328 -24.60 25.87 -18.59
CA ALA B 328 -25.86 25.24 -18.91
C ALA B 328 -25.75 23.73 -18.75
N ALA B 329 -26.82 23.12 -18.23
CA ALA B 329 -26.86 21.67 -18.08
C ALA B 329 -26.76 21.01 -19.46
N PRO B 330 -25.71 20.24 -19.73
CA PRO B 330 -25.55 19.65 -21.05
C PRO B 330 -26.17 18.26 -21.15
N SER B 331 -26.41 17.85 -22.39
CA SER B 331 -26.80 16.47 -22.64
C SER B 331 -25.59 15.56 -22.53
N ILE B 332 -25.84 14.32 -22.12
CA ILE B 332 -24.81 13.30 -22.00
C ILE B 332 -25.09 12.23 -23.04
N GLU B 333 -24.08 11.90 -23.85
CA GLU B 333 -24.23 10.94 -24.92
C GLU B 333 -23.16 9.87 -24.83
N PHE B 334 -23.58 8.62 -24.92
CA PHE B 334 -22.69 7.48 -25.06
C PHE B 334 -22.86 6.92 -26.45
N ASP B 335 -21.78 6.87 -27.22
CA ASP B 335 -21.82 6.40 -28.62
C ASP B 335 -20.89 5.20 -28.74
N ASP B 336 -21.47 4.00 -28.65
CA ASP B 336 -20.73 2.74 -28.79
C ASP B 336 -19.54 2.70 -27.83
N VAL B 337 -19.80 3.08 -26.58
CA VAL B 337 -18.75 3.13 -25.58
C VAL B 337 -18.41 1.72 -25.14
N ARG B 338 -17.15 1.33 -25.31
CA ARG B 338 -16.64 0.05 -24.83
C ARG B 338 -15.50 0.31 -23.86
N PHE B 339 -15.45 -0.48 -22.78
CA PHE B 339 -14.43 -0.33 -21.76
C PHE B 339 -14.06 -1.70 -21.22
N SER B 340 -12.77 -1.87 -20.90
CA SER B 340 -12.27 -3.12 -20.33
C SER B 340 -11.22 -2.79 -19.28
N TYR B 341 -11.25 -3.52 -18.18
CA TYR B 341 -10.19 -3.45 -17.18
C TYR B 341 -9.22 -4.60 -17.48
N GLY B 342 -8.16 -4.27 -18.22
CA GLY B 342 -7.24 -5.30 -18.68
C GLY B 342 -7.82 -6.11 -19.82
N ASP B 343 -8.36 -7.29 -19.50
CA ASP B 343 -8.92 -8.19 -20.50
C ASP B 343 -10.41 -8.44 -20.35
N GLU B 344 -10.97 -8.28 -19.14
CA GLU B 344 -12.39 -8.51 -18.93
C GLU B 344 -13.19 -7.31 -19.43
N VAL B 345 -14.30 -7.59 -20.12
CA VAL B 345 -15.14 -6.54 -20.66
C VAL B 345 -16.06 -6.01 -19.56
N VAL B 346 -16.03 -4.69 -19.36
CA VAL B 346 -16.88 -4.03 -18.38
C VAL B 346 -18.09 -3.37 -19.04
N LEU B 347 -17.86 -2.62 -20.12
CA LEU B 347 -18.92 -2.04 -20.93
C LEU B 347 -18.77 -2.57 -22.35
N ASP B 348 -19.81 -3.21 -22.86
CA ASP B 348 -19.76 -3.93 -24.13
C ASP B 348 -20.65 -3.21 -25.15
N GLY B 349 -20.22 -2.03 -25.57
CA GLY B 349 -20.96 -1.26 -26.54
C GLY B 349 -22.26 -0.71 -26.01
N VAL B 350 -22.21 0.45 -25.35
CA VAL B 350 -23.36 1.08 -24.73
C VAL B 350 -23.68 2.37 -25.47
N SER B 351 -24.96 2.56 -25.81
CA SER B 351 -25.39 3.75 -26.54
C SER B 351 -26.65 4.30 -25.91
N PHE B 352 -26.56 5.49 -25.31
CA PHE B 352 -27.72 6.21 -24.82
C PHE B 352 -27.45 7.70 -24.92
N THR B 353 -28.51 8.50 -24.79
CA THR B 353 -28.41 9.95 -24.82
C THR B 353 -29.29 10.52 -23.72
N LEU B 354 -28.68 11.12 -22.72
CA LEU B 354 -29.40 11.71 -21.59
C LEU B 354 -29.71 13.16 -21.90
N ARG B 355 -31.00 13.50 -21.89
CA ARG B 355 -31.42 14.85 -22.24
C ARG B 355 -30.95 15.84 -21.18
N PRO B 356 -30.65 17.08 -21.57
CA PRO B 356 -30.07 18.04 -20.63
C PRO B 356 -31.07 18.48 -19.58
N GLY B 357 -30.60 18.56 -18.33
CA GLY B 357 -31.38 19.08 -17.22
C GLY B 357 -32.01 18.03 -16.34
N ASN B 358 -32.28 16.84 -16.87
CA ASN B 358 -32.96 15.80 -16.11
C ASN B 358 -31.94 14.99 -15.31
N THR B 359 -32.45 14.07 -14.50
CA THR B 359 -31.62 13.20 -13.67
C THR B 359 -31.89 11.74 -14.06
N THR B 360 -30.81 10.97 -14.17
CA THR B 360 -30.88 9.57 -14.55
C THR B 360 -30.35 8.70 -13.41
N ALA B 361 -31.02 7.59 -13.16
CA ALA B 361 -30.62 6.63 -12.14
C ALA B 361 -30.14 5.35 -12.83
N ILE B 362 -28.92 4.94 -12.51
CA ILE B 362 -28.33 3.73 -13.09
C ILE B 362 -28.37 2.63 -12.04
N VAL B 363 -29.06 1.53 -12.38
CA VAL B 363 -29.16 0.38 -11.50
C VAL B 363 -28.69 -0.85 -12.25
N GLY B 364 -28.33 -1.89 -11.50
CA GLY B 364 -27.84 -3.12 -12.09
C GLY B 364 -27.12 -4.00 -11.08
N PRO B 365 -27.02 -5.29 -11.39
CA PRO B 365 -26.44 -6.24 -10.43
C PRO B 365 -24.93 -6.09 -10.25
N SER B 366 -24.52 -4.97 -9.64
CA SER B 366 -23.14 -4.73 -9.21
C SER B 366 -22.10 -5.17 -10.22
N GLY B 367 -22.39 -4.99 -11.51
CA GLY B 367 -21.45 -5.36 -12.54
C GLY B 367 -20.26 -4.46 -12.71
N SER B 368 -20.12 -3.44 -11.84
CA SER B 368 -19.08 -2.42 -11.88
C SER B 368 -19.07 -1.64 -13.18
N GLY B 369 -20.04 -1.86 -14.06
CA GLY B 369 -20.18 -1.05 -15.25
C GLY B 369 -20.89 0.25 -14.95
N LYS B 370 -21.83 0.20 -14.00
CA LYS B 370 -22.52 1.41 -13.55
C LYS B 370 -21.51 2.45 -13.07
N THR B 371 -20.60 2.04 -12.18
CA THR B 371 -19.58 2.96 -11.69
C THR B 371 -18.63 3.38 -12.82
N THR B 372 -18.39 2.49 -13.78
CA THR B 372 -17.53 2.83 -14.91
C THR B 372 -18.20 3.89 -15.78
N ILE B 373 -19.52 3.81 -15.94
CA ILE B 373 -20.24 4.80 -16.74
C ILE B 373 -20.04 6.21 -16.16
N LEU B 374 -20.01 6.31 -14.83
CA LEU B 374 -19.79 7.62 -14.21
C LEU B 374 -18.35 8.07 -14.37
N SER B 375 -17.40 7.14 -14.22
CA SER B 375 -15.98 7.51 -14.35
C SER B 375 -15.68 8.04 -15.75
N LEU B 376 -16.32 7.46 -16.78
CA LEU B 376 -16.11 7.94 -18.14
C LEU B 376 -16.74 9.32 -18.34
N ILE B 377 -17.91 9.54 -17.75
CA ILE B 377 -18.52 10.87 -17.80
C ILE B 377 -17.66 11.88 -17.06
N ALA B 378 -17.20 11.52 -15.85
CA ALA B 378 -16.40 12.43 -15.06
C ALA B 378 -15.02 12.66 -15.67
N GLY B 379 -14.52 11.71 -16.44
CA GLY B 379 -13.21 11.81 -17.04
C GLY B 379 -12.10 11.13 -16.28
N LEU B 380 -12.42 10.43 -15.18
CA LEU B 380 -11.39 9.67 -14.46
C LEU B 380 -10.81 8.57 -15.33
N GLN B 381 -11.61 8.04 -16.26
CA GLN B 381 -11.15 7.04 -17.21
C GLN B 381 -11.65 7.43 -18.60
N GLN B 382 -11.06 6.80 -19.62
CA GLN B 382 -11.47 7.07 -20.99
C GLN B 382 -11.93 5.77 -21.66
N PRO B 383 -12.92 5.86 -22.56
CA PRO B 383 -13.42 4.64 -23.20
C PRO B 383 -12.40 4.04 -24.16
N ALA B 384 -12.34 2.70 -24.17
CA ALA B 384 -11.45 2.00 -25.09
C ALA B 384 -11.82 2.27 -26.54
N SER B 385 -13.11 2.17 -26.86
CA SER B 385 -13.64 2.56 -28.15
C SER B 385 -14.97 3.26 -27.94
N GLY B 386 -15.31 4.14 -28.87
CA GLY B 386 -16.52 4.94 -28.77
C GLY B 386 -16.23 6.33 -28.24
N ARG B 387 -17.31 7.09 -28.04
CA ARG B 387 -17.22 8.47 -27.62
C ARG B 387 -18.21 8.75 -26.49
N VAL B 388 -17.79 9.62 -25.57
CA VAL B 388 -18.66 10.20 -24.56
C VAL B 388 -18.72 11.70 -24.84
N LEU B 389 -19.90 12.19 -25.21
CA LEU B 389 -20.06 13.57 -25.65
C LEU B 389 -20.92 14.33 -24.64
N LEU B 390 -20.42 15.49 -24.20
CA LEU B 390 -21.18 16.44 -23.40
C LEU B 390 -21.63 17.55 -24.33
N ASP B 391 -22.92 17.52 -24.71
CA ASP B 391 -23.48 18.45 -25.70
C ASP B 391 -22.72 18.35 -27.02
N GLY B 392 -22.51 17.11 -27.48
CA GLY B 392 -21.84 16.88 -28.74
C GLY B 392 -20.36 17.20 -28.75
N VAL B 393 -19.74 17.30 -27.59
CA VAL B 393 -18.31 17.59 -27.47
C VAL B 393 -17.64 16.43 -26.75
N ASP B 394 -16.64 15.84 -27.40
CA ASP B 394 -15.97 14.67 -26.84
C ASP B 394 -15.25 15.03 -25.55
N VAL B 395 -15.54 14.28 -24.49
CA VAL B 395 -14.95 14.57 -23.18
C VAL B 395 -13.44 14.42 -23.22
N THR B 396 -12.92 13.61 -24.14
CA THR B 396 -11.47 13.48 -24.28
C THR B 396 -10.85 14.65 -25.02
N THR B 397 -11.63 15.38 -25.82
CA THR B 397 -11.14 16.55 -26.53
C THR B 397 -11.21 17.82 -25.69
N LEU B 398 -11.46 17.71 -24.39
CA LEU B 398 -11.63 18.87 -23.53
C LEU B 398 -10.32 19.29 -22.90
N ASP B 399 -10.18 20.60 -22.67
CA ASP B 399 -9.04 21.13 -21.95
C ASP B 399 -9.06 20.64 -20.50
N PRO B 400 -7.89 20.40 -19.91
CA PRO B 400 -7.85 19.96 -18.50
C PRO B 400 -8.67 20.81 -17.55
N GLU B 401 -8.64 22.15 -17.70
CA GLU B 401 -9.44 22.99 -16.83
C GLU B 401 -10.91 22.95 -17.20
N ALA B 402 -11.25 22.60 -18.45
CA ALA B 402 -12.64 22.49 -18.84
C ALA B 402 -13.25 21.17 -18.36
N ARG B 403 -12.48 20.08 -18.44
CA ARG B 403 -12.99 18.79 -17.98
C ARG B 403 -13.06 18.73 -16.46
N ARG B 404 -12.18 19.45 -15.76
CA ARG B 404 -12.21 19.45 -14.30
C ARG B 404 -13.44 20.18 -13.78
N ALA B 405 -13.75 21.34 -14.37
CA ALA B 405 -14.87 22.16 -13.93
C ALA B 405 -16.21 21.75 -14.56
N ALA B 406 -16.24 20.63 -15.27
CA ALA B 406 -17.46 20.21 -15.95
C ALA B 406 -18.31 19.26 -15.11
N VAL B 407 -17.68 18.41 -14.31
CA VAL B 407 -18.38 17.35 -13.58
C VAL B 407 -18.08 17.50 -12.08
N SER B 408 -19.12 17.38 -11.27
CA SER B 408 -18.99 17.28 -9.83
C SER B 408 -19.41 15.88 -9.39
N VAL B 409 -18.68 15.31 -8.45
CA VAL B 409 -18.82 13.89 -8.11
C VAL B 409 -19.00 13.73 -6.61
N VAL B 410 -19.95 12.87 -6.23
CA VAL B 410 -20.05 12.33 -4.89
C VAL B 410 -19.64 10.87 -4.99
N PHE B 411 -18.40 10.56 -4.61
CA PHE B 411 -17.91 9.20 -4.69
C PHE B 411 -18.57 8.32 -3.62
N GLN B 412 -18.33 7.01 -3.74
CA GLN B 412 -18.77 6.09 -2.70
C GLN B 412 -18.08 6.38 -1.38
N HIS B 413 -16.84 6.87 -1.43
CA HIS B 413 -16.07 7.23 -0.26
C HIS B 413 -16.04 8.75 -0.09
N PRO B 414 -16.14 9.22 1.15
CA PRO B 414 -16.13 10.68 1.38
C PRO B 414 -14.87 11.37 0.90
N TYR B 415 -13.72 10.69 1.00
CA TYR B 415 -12.44 11.22 0.52
C TYR B 415 -12.10 12.56 1.18
N LEU B 416 -12.22 12.61 2.50
CA LEU B 416 -11.95 13.82 3.26
C LEU B 416 -10.48 13.87 3.67
N PHE B 417 -9.93 15.07 3.69
CA PHE B 417 -8.55 15.29 4.09
C PHE B 417 -8.49 15.89 5.49
N ASP B 418 -7.30 15.82 6.09
CA ASP B 418 -7.12 16.31 7.46
C ASP B 418 -7.13 17.84 7.47
N GLY B 419 -8.10 18.40 8.17
CA GLY B 419 -8.24 19.84 8.26
C GLY B 419 -9.57 20.21 8.87
N THR B 420 -9.91 21.49 8.75
CA THR B 420 -11.19 21.96 9.26
C THR B 420 -12.33 21.42 8.40
N LEU B 421 -13.50 21.26 9.02
CA LEU B 421 -14.66 20.77 8.30
C LEU B 421 -15.06 21.73 7.19
N ARG B 422 -14.88 23.04 7.40
CA ARG B 422 -15.19 24.01 6.36
C ARG B 422 -14.21 23.91 5.19
N ASP B 423 -12.95 23.56 5.47
CA ASP B 423 -11.98 23.40 4.39
C ASP B 423 -12.33 22.23 3.49
N ASN B 424 -12.86 21.14 4.07
CA ASN B 424 -13.27 20.00 3.27
C ASN B 424 -14.46 20.30 2.38
N VAL B 425 -15.26 21.31 2.72
CA VAL B 425 -16.36 21.74 1.86
C VAL B 425 -15.88 22.74 0.82
N LEU B 426 -14.98 23.65 1.22
CA LEU B 426 -14.46 24.66 0.30
C LEU B 426 -13.61 24.08 -0.81
N VAL B 427 -13.31 22.77 -0.78
CA VAL B 427 -12.57 22.15 -1.87
C VAL B 427 -13.36 22.24 -3.16
N GLY B 428 -14.69 22.20 -3.09
CA GLY B 428 -15.51 22.32 -4.29
C GLY B 428 -15.35 23.65 -4.98
N ASP B 429 -15.14 24.72 -4.21
CA ASP B 429 -14.93 26.06 -4.75
C ASP B 429 -14.28 26.93 -3.68
N PRO B 430 -12.95 27.11 -3.75
CA PRO B 430 -12.28 27.86 -2.68
C PRO B 430 -12.60 29.34 -2.68
N GLU B 431 -12.90 29.93 -3.84
CA GLU B 431 -13.20 31.36 -3.94
C GLU B 431 -14.69 31.64 -3.90
N ALA B 432 -15.50 30.67 -3.47
CA ALA B 432 -16.94 30.88 -3.41
C ALA B 432 -17.31 31.79 -2.25
N ASP B 433 -18.33 32.61 -2.45
CA ASP B 433 -18.79 33.51 -1.42
C ASP B 433 -19.38 32.72 -0.24
N PRO B 434 -19.26 33.24 0.98
CA PRO B 434 -19.76 32.48 2.14
C PRO B 434 -21.25 32.18 2.11
N ASP B 435 -22.02 32.92 1.31
CA ASP B 435 -23.43 32.60 1.18
C ASP B 435 -23.64 31.27 0.47
N ASP B 436 -22.84 31.02 -0.57
CA ASP B 436 -22.94 29.75 -1.28
C ASP B 436 -22.43 28.59 -0.42
N VAL B 437 -21.39 28.84 0.38
CA VAL B 437 -20.88 27.81 1.27
C VAL B 437 -21.91 27.45 2.33
N THR B 438 -22.63 28.46 2.84
CA THR B 438 -23.65 28.20 3.85
C THR B 438 -24.81 27.41 3.27
N ALA B 439 -25.21 27.72 2.04
CA ALA B 439 -26.33 27.01 1.41
C ALA B 439 -25.96 25.57 1.09
N ALA B 440 -24.72 25.33 0.67
CA ALA B 440 -24.29 23.97 0.35
C ALA B 440 -24.25 23.09 1.59
N MET B 441 -23.71 23.61 2.70
CA MET B 441 -23.65 22.83 3.93
C MET B 441 -25.03 22.61 4.52
N ARG B 442 -25.97 23.52 4.26
CA ARG B 442 -27.33 23.35 4.78
C ARG B 442 -28.12 22.33 3.98
N LEU B 443 -28.04 22.40 2.65
CA LEU B 443 -28.75 21.43 1.82
C LEU B 443 -28.21 20.02 2.04
N ALA B 444 -26.90 19.90 2.21
CA ALA B 444 -26.29 18.62 2.55
C ALA B 444 -26.51 18.22 4.01
N ARG B 445 -27.21 19.05 4.78
CA ARG B 445 -27.50 18.80 6.19
C ARG B 445 -26.22 18.60 7.01
N VAL B 446 -25.17 19.34 6.67
CA VAL B 446 -23.97 19.39 7.49
C VAL B 446 -24.18 20.24 8.74
N ASP B 447 -25.14 21.16 8.70
CA ASP B 447 -25.41 22.02 9.85
C ASP B 447 -25.95 21.22 11.03
N GLU B 448 -26.67 20.12 10.77
CA GLU B 448 -27.06 19.23 11.85
C GLU B 448 -25.84 18.67 12.58
N LEU B 449 -24.75 18.43 11.83
CA LEU B 449 -23.51 18.00 12.44
C LEU B 449 -22.79 19.13 13.17
N LEU B 450 -22.88 20.36 12.64
CA LEU B 450 -22.19 21.47 13.26
C LEU B 450 -22.70 21.79 14.66
N ASP B 451 -23.93 21.38 14.99
CA ASP B 451 -24.47 21.69 16.31
C ASP B 451 -23.71 20.95 17.40
N ARG B 452 -23.41 19.66 17.18
CA ARG B 452 -22.67 18.88 18.15
C ARG B 452 -21.18 19.14 18.12
N LEU B 453 -20.71 20.04 17.25
CA LEU B 453 -19.30 20.41 17.19
C LEU B 453 -19.10 21.73 17.92
N PRO B 454 -18.27 21.78 18.97
CA PRO B 454 -18.08 23.06 19.69
C PRO B 454 -17.47 24.14 18.82
N ASP B 455 -16.55 23.78 17.93
CA ASP B 455 -15.91 24.74 17.04
C ASP B 455 -16.65 24.92 15.71
N GLY B 456 -17.80 24.28 15.54
CA GLY B 456 -18.56 24.46 14.30
C GLY B 456 -17.84 23.86 13.11
N ASP B 457 -17.93 24.54 11.98
CA ASP B 457 -17.25 24.07 10.78
C ASP B 457 -15.73 24.24 10.89
N ALA B 458 -15.26 25.06 11.82
CA ALA B 458 -13.83 25.18 12.10
C ALA B 458 -13.29 23.99 12.88
N THR B 459 -14.12 23.02 13.23
CA THR B 459 -13.66 21.83 13.92
C THR B 459 -12.78 21.01 13.00
N VAL B 460 -11.53 20.77 13.42
CA VAL B 460 -10.64 19.91 12.64
C VAL B 460 -11.15 18.48 12.69
N VAL B 461 -11.28 17.86 11.52
CA VAL B 461 -11.85 16.51 11.41
C VAL B 461 -10.79 15.45 11.17
N GLY B 462 -9.52 15.82 11.16
CA GLY B 462 -8.46 14.84 10.98
C GLY B 462 -8.27 13.97 12.22
N GLU B 463 -7.15 13.25 12.24
CA GLU B 463 -6.85 12.37 13.36
C GLU B 463 -6.52 13.17 14.62
N GLY B 464 -5.95 14.37 14.46
CA GLY B 464 -5.71 15.25 15.58
C GLY B 464 -6.89 16.09 16.00
N GLY B 465 -8.08 15.80 15.48
CA GLY B 465 -9.27 16.53 15.82
C GLY B 465 -10.47 15.64 16.08
N THR B 466 -11.66 16.23 16.14
CA THR B 466 -12.87 15.46 16.44
C THR B 466 -13.19 14.53 15.28
N ALA B 467 -13.61 13.30 15.61
CA ALA B 467 -13.88 12.28 14.61
C ALA B 467 -15.31 12.38 14.11
N LEU B 468 -15.49 12.06 12.83
CA LEU B 468 -16.80 12.03 12.20
C LEU B 468 -17.21 10.59 11.91
N SER B 469 -18.51 10.38 11.82
CA SER B 469 -19.04 9.07 11.45
C SER B 469 -19.17 8.96 9.93
N GLY B 470 -19.51 7.75 9.47
CA GLY B 470 -19.62 7.52 8.04
C GLY B 470 -20.68 8.39 7.39
N GLY B 471 -21.86 8.48 8.01
CA GLY B 471 -22.91 9.32 7.46
C GLY B 471 -22.54 10.79 7.48
N GLU B 472 -21.87 11.24 8.56
CA GLU B 472 -21.45 12.63 8.65
C GLU B 472 -20.39 12.95 7.61
N ARG B 473 -19.42 12.05 7.42
CA ARG B 473 -18.42 12.24 6.37
C ARG B 473 -19.06 12.34 5.00
N GLN B 474 -20.09 11.52 4.75
CA GLN B 474 -20.80 11.58 3.47
C GLN B 474 -21.44 12.94 3.26
N ARG B 475 -22.12 13.46 4.29
CA ARG B 475 -22.76 14.77 4.17
C ARG B 475 -21.74 15.87 3.89
N VAL B 476 -20.54 15.76 4.45
CA VAL B 476 -19.49 16.71 4.13
C VAL B 476 -19.09 16.58 2.66
N SER B 477 -19.04 15.34 2.16
CA SER B 477 -18.69 15.13 0.75
C SER B 477 -19.78 15.65 -0.18
N ILE B 478 -21.05 15.55 0.22
CA ILE B 478 -22.12 16.07 -0.62
C ILE B 478 -22.07 17.59 -0.69
N ALA B 479 -21.78 18.24 0.45
CA ALA B 479 -21.64 19.69 0.44
C ALA B 479 -20.48 20.13 -0.44
N ARG B 480 -19.39 19.38 -0.43
CA ARG B 480 -18.25 19.70 -1.30
C ARG B 480 -18.65 19.64 -2.77
N ALA B 481 -19.46 18.65 -3.14
CA ALA B 481 -19.88 18.52 -4.54
C ALA B 481 -20.93 19.56 -4.89
N LEU B 482 -21.84 19.86 -3.96
CA LEU B 482 -22.83 20.90 -4.20
C LEU B 482 -22.18 22.27 -4.36
N LEU B 483 -21.12 22.53 -3.59
CA LEU B 483 -20.48 23.84 -3.65
C LEU B 483 -19.83 24.10 -5.02
N LYS B 484 -19.35 23.05 -5.68
CA LYS B 484 -18.75 23.24 -7.00
C LYS B 484 -19.84 23.51 -8.03
N PRO B 485 -19.77 24.63 -8.76
CA PRO B 485 -20.82 25.00 -9.72
C PRO B 485 -20.70 24.28 -11.07
N ALA B 486 -20.56 22.97 -11.03
CA ALA B 486 -20.44 22.21 -12.26
C ALA B 486 -21.83 21.92 -12.83
N PRO B 487 -22.00 22.02 -14.16
CA PRO B 487 -23.31 21.70 -14.77
C PRO B 487 -23.63 20.22 -14.79
N VAL B 488 -22.77 19.37 -14.25
CA VAL B 488 -23.01 17.93 -14.17
C VAL B 488 -22.69 17.48 -12.74
N LEU B 489 -23.54 16.62 -12.19
CA LEU B 489 -23.30 16.05 -10.87
C LEU B 489 -23.51 14.54 -10.93
N LEU B 490 -22.54 13.79 -10.42
CA LEU B 490 -22.60 12.34 -10.40
C LEU B 490 -22.53 11.85 -8.95
N VAL B 491 -23.38 10.88 -8.62
CA VAL B 491 -23.42 10.31 -7.28
C VAL B 491 -23.23 8.80 -7.41
N ASP B 492 -22.13 8.30 -6.87
CA ASP B 492 -21.92 6.86 -6.69
C ASP B 492 -22.40 6.54 -5.28
N GLU B 493 -23.70 6.27 -5.15
CA GLU B 493 -24.34 6.25 -3.85
C GLU B 493 -23.81 5.11 -2.99
N ALA B 494 -23.33 5.45 -1.80
CA ALA B 494 -22.89 4.49 -0.80
C ALA B 494 -23.22 5.09 0.57
N THR B 495 -24.48 5.44 0.78
CA THR B 495 -24.90 6.15 1.97
C THR B 495 -25.06 5.21 3.15
N SER B 496 -24.85 5.77 4.35
CA SER B 496 -24.97 4.99 5.57
C SER B 496 -26.43 4.59 5.80
N ALA B 497 -26.64 3.31 6.10
CA ALA B 497 -27.96 2.82 6.48
C ALA B 497 -28.31 3.13 7.92
N LEU B 498 -27.43 3.81 8.65
CA LEU B 498 -27.65 4.18 10.04
C LEU B 498 -27.65 5.69 10.22
N ASP B 499 -28.13 6.43 9.22
CA ASP B 499 -28.12 7.90 9.29
C ASP B 499 -29.23 8.42 8.37
N ASN B 500 -30.36 8.78 8.98
CA ASN B 500 -31.48 9.32 8.20
C ASN B 500 -31.18 10.70 7.65
N ALA B 501 -30.27 11.45 8.28
CA ALA B 501 -29.88 12.74 7.73
C ALA B 501 -29.05 12.57 6.46
N ASN B 502 -28.19 11.54 6.43
CA ASN B 502 -27.42 11.27 5.23
C ASN B 502 -28.30 10.78 4.09
N GLU B 503 -29.33 9.99 4.42
CA GLU B 503 -30.28 9.55 3.41
C GLU B 503 -31.09 10.72 2.86
N ALA B 504 -31.45 11.66 3.73
CA ALA B 504 -32.20 12.84 3.30
C ALA B 504 -31.32 13.85 2.59
N ALA B 505 -30.01 13.88 2.89
CA ALA B 505 -29.12 14.81 2.21
C ALA B 505 -28.93 14.46 0.75
N VAL B 506 -28.93 13.16 0.41
CA VAL B 506 -28.79 12.76 -0.99
C VAL B 506 -30.04 13.15 -1.77
N VAL B 507 -31.22 12.91 -1.21
CA VAL B 507 -32.46 13.28 -1.89
C VAL B 507 -32.53 14.79 -2.09
N ASP B 508 -32.15 15.56 -1.07
CA ASP B 508 -32.14 17.01 -1.21
C ASP B 508 -31.13 17.46 -2.26
N ALA B 509 -29.97 16.80 -2.34
CA ALA B 509 -28.96 17.22 -3.29
C ALA B 509 -29.40 16.95 -4.72
N LEU B 510 -30.31 16.00 -4.91
CA LEU B 510 -30.79 15.65 -6.24
C LEU B 510 -32.04 16.43 -6.65
N THR B 511 -32.86 16.83 -5.68
CA THR B 511 -34.16 17.41 -5.97
C THR B 511 -34.34 18.84 -5.48
N ALA B 512 -33.50 19.32 -4.57
CA ALA B 512 -33.61 20.68 -4.04
C ALA B 512 -32.38 21.52 -4.36
N ASP B 513 -31.64 21.17 -5.41
CA ASP B 513 -30.52 21.98 -5.87
C ASP B 513 -31.01 22.97 -6.90
N PRO B 514 -30.95 24.28 -6.64
CA PRO B 514 -31.48 25.25 -7.60
C PRO B 514 -30.64 25.39 -8.86
N ARG B 515 -29.38 25.00 -8.83
CA ARG B 515 -28.53 25.12 -10.02
C ARG B 515 -28.94 24.08 -11.05
N PRO B 516 -29.13 24.46 -12.32
CA PRO B 516 -29.43 23.48 -13.36
C PRO B 516 -28.23 22.56 -13.58
N ARG B 517 -28.46 21.26 -13.39
CA ARG B 517 -27.42 20.26 -13.57
C ARG B 517 -28.03 19.01 -14.21
N THR B 518 -27.30 18.43 -15.16
CA THR B 518 -27.59 17.06 -15.57
C THR B 518 -26.99 16.12 -14.54
N ARG B 519 -27.85 15.32 -13.89
CA ARG B 519 -27.45 14.52 -12.75
C ARG B 519 -27.61 13.04 -13.08
N VAL B 520 -26.58 12.26 -12.76
CA VAL B 520 -26.62 10.81 -12.91
C VAL B 520 -26.20 10.19 -11.58
N ILE B 521 -26.93 9.18 -11.13
CA ILE B 521 -26.67 8.56 -9.83
C ILE B 521 -26.76 7.05 -9.96
N VAL B 522 -25.72 6.36 -9.51
CA VAL B 522 -25.75 4.91 -9.34
C VAL B 522 -26.21 4.66 -7.91
N ALA B 523 -27.48 4.32 -7.75
CA ALA B 523 -28.10 4.24 -6.43
C ALA B 523 -28.76 2.88 -6.23
N HIS B 524 -29.12 2.61 -4.98
CA HIS B 524 -29.79 1.37 -4.62
C HIS B 524 -31.04 1.56 -3.79
N ARG B 525 -31.28 2.75 -3.22
CA ARG B 525 -32.45 2.99 -2.40
C ARG B 525 -33.57 3.59 -3.24
N LEU B 526 -34.80 3.15 -2.96
CA LEU B 526 -35.96 3.70 -3.66
C LEU B 526 -36.16 5.17 -3.35
N ALA B 527 -35.71 5.63 -2.18
CA ALA B 527 -35.88 7.04 -1.83
C ALA B 527 -35.04 7.94 -2.72
N SER B 528 -33.92 7.42 -3.23
CA SER B 528 -33.01 8.23 -4.05
C SER B 528 -33.30 8.13 -5.54
N ILE B 529 -33.94 7.06 -6.00
CA ILE B 529 -34.21 6.88 -7.43
C ILE B 529 -35.65 7.19 -7.81
N ARG B 530 -36.57 7.30 -6.84
CA ARG B 530 -37.96 7.57 -7.18
C ARG B 530 -38.17 8.94 -7.81
N HIS B 531 -37.20 9.84 -7.68
CA HIS B 531 -37.29 11.17 -8.27
C HIS B 531 -36.67 11.25 -9.66
N ALA B 532 -36.09 10.17 -10.16
CA ALA B 532 -35.41 10.19 -11.44
C ALA B 532 -36.42 10.22 -12.59
N ASP B 533 -36.01 10.87 -13.68
CA ASP B 533 -36.82 10.93 -14.89
C ASP B 533 -36.52 9.79 -15.85
N ARG B 534 -35.41 9.08 -15.67
CA ARG B 534 -35.00 8.02 -16.58
C ARG B 534 -34.16 7.03 -15.80
N VAL B 535 -34.35 5.74 -16.09
CA VAL B 535 -33.64 4.66 -15.41
C VAL B 535 -32.91 3.83 -16.46
N LEU B 536 -31.64 3.53 -16.18
CA LEU B 536 -30.82 2.66 -17.02
C LEU B 536 -30.49 1.41 -16.21
N PHE B 537 -31.05 0.27 -16.62
CA PHE B 537 -30.72 -1.01 -16.01
C PHE B 537 -29.53 -1.60 -16.76
N VAL B 538 -28.37 -1.62 -16.11
CA VAL B 538 -27.14 -2.11 -16.73
C VAL B 538 -26.93 -3.56 -16.30
N GLU B 539 -26.80 -4.45 -17.27
CA GLU B 539 -26.60 -5.88 -17.01
C GLU B 539 -25.57 -6.42 -17.97
N ALA B 540 -24.48 -6.98 -17.43
CA ALA B 540 -23.42 -7.60 -18.22
C ALA B 540 -22.85 -6.63 -19.26
N GLY B 541 -22.60 -5.40 -18.82
CA GLY B 541 -21.99 -4.42 -19.69
C GLY B 541 -22.89 -3.89 -20.79
N ARG B 542 -24.20 -4.08 -20.69
CA ARG B 542 -25.13 -3.57 -21.67
C ARG B 542 -26.36 -3.02 -20.97
N VAL B 543 -26.94 -1.98 -21.58
CA VAL B 543 -28.18 -1.39 -21.07
C VAL B 543 -29.34 -2.25 -21.57
N VAL B 544 -29.88 -3.10 -20.69
CA VAL B 544 -30.95 -4.01 -21.07
C VAL B 544 -32.34 -3.43 -20.86
N GLU B 545 -32.45 -2.31 -20.13
CA GLU B 545 -33.73 -1.62 -19.96
C GLU B 545 -33.49 -0.12 -19.93
N ASP B 546 -34.42 0.62 -20.54
CA ASP B 546 -34.34 2.07 -20.58
C ASP B 546 -35.75 2.63 -20.65
N GLY B 547 -36.12 3.48 -19.70
CA GLY B 547 -37.43 4.08 -19.71
C GLY B 547 -37.68 4.83 -18.42
N ALA B 548 -38.88 5.42 -18.35
CA ALA B 548 -39.31 6.12 -17.15
C ALA B 548 -39.74 5.12 -16.08
N ILE B 549 -39.87 5.61 -14.85
CA ILE B 549 -40.19 4.73 -13.72
C ILE B 549 -41.57 4.09 -13.91
N ASP B 550 -42.57 4.90 -14.25
CA ASP B 550 -43.93 4.38 -14.35
C ASP B 550 -44.06 3.36 -15.47
N GLU B 551 -43.40 3.61 -16.61
CA GLU B 551 -43.53 2.68 -17.74
C GLU B 551 -42.71 1.42 -17.55
N LEU B 552 -41.58 1.50 -16.85
CA LEU B 552 -40.81 0.30 -16.55
C LEU B 552 -41.54 -0.57 -15.52
N LEU B 553 -42.21 0.06 -14.56
CA LEU B 553 -43.00 -0.70 -13.59
C LEU B 553 -44.21 -1.33 -14.25
N ALA B 554 -44.75 -0.73 -15.31
CA ALA B 554 -45.85 -1.32 -16.04
C ALA B 554 -45.41 -2.43 -16.98
N ALA B 555 -44.13 -2.45 -17.37
CA ALA B 555 -43.63 -3.51 -18.24
C ALA B 555 -43.43 -4.82 -17.49
N GLY B 556 -43.18 -4.77 -16.19
CA GLY B 556 -42.98 -5.97 -15.40
C GLY B 556 -41.73 -6.73 -15.75
N GLY B 557 -40.61 -6.01 -15.86
CA GLY B 557 -39.35 -6.62 -16.24
C GLY B 557 -38.31 -6.65 -15.15
N ARG B 558 -37.06 -6.32 -15.51
CA ARG B 558 -35.97 -6.37 -14.53
C ARG B 558 -36.10 -5.25 -13.50
N PHE B 559 -36.45 -4.05 -13.94
CA PHE B 559 -36.58 -2.94 -13.00
C PHE B 559 -37.81 -3.09 -12.11
N ALA B 560 -38.87 -3.72 -12.62
CA ALA B 560 -40.06 -3.93 -11.80
C ALA B 560 -39.78 -4.87 -10.62
N GLN B 561 -39.06 -5.96 -10.88
CA GLN B 561 -38.69 -6.87 -9.81
C GLN B 561 -37.74 -6.18 -8.84
N PHE B 562 -36.79 -5.40 -9.36
CA PHE B 562 -35.86 -4.68 -8.50
C PHE B 562 -36.60 -3.70 -7.58
N TRP B 563 -37.61 -3.01 -8.12
CA TRP B 563 -38.36 -2.06 -7.31
C TRP B 563 -39.12 -2.78 -6.20
N ALA B 564 -39.76 -3.90 -6.51
CA ALA B 564 -40.53 -4.63 -5.51
C ALA B 564 -39.62 -5.22 -4.43
N GLN B 565 -38.42 -5.66 -4.81
CA GLN B 565 -37.50 -6.23 -3.84
C GLN B 565 -36.94 -5.16 -2.90
N GLN B 566 -36.60 -3.99 -3.45
CA GLN B 566 -36.13 -2.90 -2.61
C GLN B 566 -37.24 -2.40 -1.68
N GLN B 567 -38.49 -2.42 -2.15
CA GLN B 567 -39.61 -2.03 -1.29
C GLN B 567 -39.77 -3.00 -0.14
N ALA B 568 -39.72 -4.31 -0.42
CA ALA B 568 -39.87 -5.30 0.63
C ALA B 568 -38.65 -5.33 1.55
N ALA B 569 -37.49 -4.91 1.05
CA ALA B 569 -36.29 -4.88 1.90
C ALA B 569 -36.40 -3.81 2.97
N SER B 570 -37.10 -2.72 2.70
CA SER B 570 -37.26 -1.66 3.70
C SER B 570 -38.28 -2.02 4.77
N GLU B 571 -39.27 -2.84 4.42
CA GLU B 571 -40.29 -3.30 5.36
C GLU B 571 -39.89 -4.56 6.10
N TRP B 572 -38.63 -4.99 5.97
CA TRP B 572 -38.19 -6.29 6.46
C TRP B 572 -38.04 -6.29 7.97
N ALA B 573 -38.45 -7.40 8.58
CA ALA B 573 -38.30 -7.62 10.01
C ALA B 573 -38.05 -9.10 10.25
N ILE B 574 -37.10 -9.40 11.15
CA ILE B 574 -36.70 -10.79 11.39
C ILE B 574 -37.87 -11.55 12.02
N GLY B 575 -38.24 -12.66 11.41
CA GLY B 575 -39.32 -13.49 11.92
C GLY B 575 -40.69 -12.88 11.70
N SER B 576 -40.99 -12.49 10.47
CA SER B 576 -42.26 -11.84 10.17
C SER B 576 -42.90 -12.34 8.88
N THR B 577 -42.48 -13.49 8.37
CA THR B 577 -43.00 -14.02 7.11
C THR B 577 -43.99 -15.16 7.30
N ALA B 578 -44.30 -15.51 8.55
CA ALA B 578 -45.38 -16.45 8.88
C ALA B 578 -45.17 -17.83 8.26
N ARG B 579 -43.91 -18.24 8.11
CA ARG B 579 -43.55 -19.57 7.62
C ARG B 579 -44.18 -19.87 6.26
N ALA B 580 -44.41 -18.85 5.45
CA ALA B 580 -44.90 -19.01 4.10
C ALA B 580 -43.77 -19.17 3.09
N LEU B 581 -42.56 -19.47 3.55
CA LEU B 581 -41.40 -19.64 2.70
C LEU B 581 -41.38 -20.99 1.97
N GLU B 582 -42.21 -21.95 2.39
CA GLU B 582 -42.18 -23.28 1.82
C GLU B 582 -42.86 -23.35 0.45
N VAL B 583 -43.65 -22.35 0.07
CA VAL B 583 -44.48 -22.41 -1.12
C VAL B 583 -43.91 -21.52 -2.25
N LEU B 584 -43.56 -20.29 -1.93
CA LEU B 584 -43.24 -19.29 -2.95
C LEU B 584 -41.79 -18.86 -2.98
N PHE B 585 -41.08 -18.94 -1.85
CA PHE B 585 -39.69 -18.49 -1.74
C PHE B 585 -39.55 -17.01 -2.10
N GLN B 586 -40.54 -16.21 -1.70
CA GLN B 586 -40.50 -14.77 -1.91
C GLN B 586 -40.39 -14.03 -0.58
N GLY C 1 -57.60 21.36 -16.08
CA GLY C 1 -58.57 21.02 -15.07
C GLY C 1 -58.58 21.98 -13.89
N PRO C 2 -59.20 21.58 -12.79
CA PRO C 2 -59.24 22.46 -11.61
C PRO C 2 -57.89 22.65 -10.95
N SER C 3 -56.92 21.77 -11.22
CA SER C 3 -55.58 21.94 -10.69
C SER C 3 -54.59 22.13 -11.84
N GLN C 4 -54.91 23.03 -12.76
CA GLN C 4 -54.10 23.22 -13.95
C GLN C 4 -53.03 24.27 -13.69
N VAL C 5 -51.78 23.91 -13.98
CA VAL C 5 -50.66 24.83 -13.78
C VAL C 5 -50.77 25.99 -14.75
N GLN C 6 -50.45 27.19 -14.28
CA GLN C 6 -50.47 28.38 -15.11
C GLN C 6 -49.50 29.41 -14.56
N LEU C 7 -48.60 29.90 -15.41
CA LEU C 7 -47.62 30.91 -15.05
C LEU C 7 -47.75 32.10 -15.99
N VAL C 8 -47.80 33.30 -15.43
CA VAL C 8 -47.85 34.53 -16.21
C VAL C 8 -46.74 35.46 -15.71
N GLU C 9 -46.09 36.15 -16.63
CA GLU C 9 -45.01 37.07 -16.31
C GLU C 9 -45.46 38.51 -16.56
N SER C 10 -44.81 39.43 -15.85
CA SER C 10 -45.10 40.85 -15.98
C SER C 10 -43.92 41.64 -15.41
N GLY C 11 -43.93 42.94 -15.69
CA GLY C 11 -42.88 43.83 -15.26
C GLY C 11 -41.92 44.27 -16.35
N GLY C 12 -42.06 43.74 -17.55
CA GLY C 12 -41.18 44.08 -18.65
C GLY C 12 -41.52 45.43 -19.25
N GLY C 13 -40.70 45.83 -20.22
CA GLY C 13 -40.84 47.10 -20.88
C GLY C 13 -39.52 47.71 -21.27
N LEU C 14 -39.55 48.86 -21.95
CA LEU C 14 -38.34 49.52 -22.39
C LEU C 14 -37.79 50.42 -21.28
N VAL C 15 -36.49 50.28 -21.02
CA VAL C 15 -35.79 51.15 -20.07
C VAL C 15 -34.34 51.23 -20.50
N GLN C 16 -33.79 52.44 -20.49
CA GLN C 16 -32.43 52.64 -20.97
C GLN C 16 -31.42 52.02 -19.99
N ALA C 17 -30.17 51.95 -20.44
CA ALA C 17 -29.13 51.27 -19.69
C ALA C 17 -28.92 51.91 -18.32
N GLY C 18 -28.39 51.12 -17.40
CA GLY C 18 -28.19 51.57 -16.03
C GLY C 18 -29.44 51.61 -15.18
N GLY C 19 -30.61 51.38 -15.76
CA GLY C 19 -31.86 51.41 -15.02
C GLY C 19 -32.11 50.13 -14.25
N SER C 20 -33.37 49.93 -13.89
CA SER C 20 -33.77 48.79 -13.10
C SER C 20 -35.19 48.39 -13.45
N LEU C 21 -35.49 47.10 -13.29
CA LEU C 21 -36.83 46.58 -13.49
C LEU C 21 -37.09 45.47 -12.47
N ARG C 22 -38.36 45.18 -12.27
CA ARG C 22 -38.78 44.15 -11.32
C ARG C 22 -39.79 43.24 -12.02
N LEU C 23 -39.45 41.97 -12.18
CA LEU C 23 -40.31 41.00 -12.81
C LEU C 23 -41.08 40.20 -11.78
N SER C 24 -42.29 39.77 -12.14
CA SER C 24 -43.15 38.99 -11.27
C SER C 24 -43.73 37.81 -12.07
N CYS C 25 -43.95 36.71 -11.37
CA CYS C 25 -44.44 35.48 -11.96
C CYS C 25 -45.58 34.95 -11.09
N ALA C 26 -46.82 35.20 -11.51
CA ALA C 26 -47.99 34.75 -10.77
C ALA C 26 -48.27 33.30 -11.13
N ALA C 27 -47.94 32.39 -10.22
CA ALA C 27 -48.16 30.97 -10.44
C ALA C 27 -49.55 30.55 -9.98
N SER C 28 -50.05 29.46 -10.57
CA SER C 28 -51.37 28.95 -10.27
C SER C 28 -51.36 27.44 -10.45
N GLY C 29 -52.11 26.74 -9.59
CA GLY C 29 -52.22 25.29 -9.68
C GLY C 29 -51.20 24.51 -8.90
N PHE C 30 -50.24 25.16 -8.26
CA PHE C 30 -49.20 24.48 -7.50
C PHE C 30 -48.57 25.50 -6.55
N PRO C 31 -48.07 25.04 -5.39
CA PRO C 31 -47.38 25.98 -4.48
C PRO C 31 -45.97 26.26 -4.97
N VAL C 32 -45.61 27.54 -5.00
CA VAL C 32 -44.25 27.92 -5.38
C VAL C 32 -43.23 27.48 -4.35
N SER C 33 -43.66 27.17 -3.13
CA SER C 33 -42.77 26.67 -2.09
C SER C 33 -42.55 25.16 -2.18
N SER C 34 -43.21 24.48 -3.11
CA SER C 34 -43.05 23.04 -3.26
C SER C 34 -41.90 22.67 -4.21
N SER C 35 -41.78 23.38 -5.33
CA SER C 35 -40.77 23.09 -6.33
C SER C 35 -39.75 24.23 -6.37
N THR C 36 -38.85 24.17 -7.35
CA THR C 36 -37.87 25.21 -7.59
C THR C 36 -38.31 26.05 -8.77
N MET C 37 -38.27 27.36 -8.60
CA MET C 37 -38.66 28.30 -9.64
C MET C 37 -37.41 28.88 -10.29
N THR C 38 -37.43 28.99 -11.62
CA THR C 38 -36.28 29.42 -12.39
C THR C 38 -36.69 30.52 -13.36
N TRP C 39 -35.80 31.48 -13.57
CA TRP C 39 -36.01 32.54 -14.55
C TRP C 39 -35.12 32.28 -15.77
N TYR C 40 -35.73 32.25 -16.95
CA TYR C 40 -35.02 32.10 -18.20
C TYR C 40 -35.17 33.37 -19.03
N ARG C 41 -34.28 33.51 -20.02
CA ARG C 41 -34.39 34.60 -20.99
C ARG C 41 -33.91 34.09 -22.34
N GLN C 42 -34.53 34.61 -23.40
CA GLN C 42 -34.21 34.17 -24.76
C GLN C 42 -34.33 35.36 -25.70
N ALA C 43 -33.21 35.78 -26.27
CA ALA C 43 -33.24 36.79 -27.32
C ALA C 43 -33.69 36.15 -28.64
N PRO C 44 -34.29 36.93 -29.53
CA PRO C 44 -34.72 36.36 -30.82
C PRO C 44 -33.56 35.80 -31.61
N GLY C 45 -33.72 34.56 -32.08
CA GLY C 45 -32.72 33.89 -32.87
C GLY C 45 -31.75 33.02 -32.09
N LYS C 46 -31.65 33.23 -30.78
CA LYS C 46 -30.72 32.49 -29.94
C LYS C 46 -31.48 31.53 -29.03
N GLU C 47 -30.74 30.59 -28.46
CA GLU C 47 -31.33 29.61 -27.54
C GLU C 47 -31.48 30.22 -26.15
N ARG C 48 -32.51 29.76 -25.44
CA ARG C 48 -32.79 30.31 -24.12
C ARG C 48 -31.72 29.88 -23.11
N GLU C 49 -31.51 30.74 -22.11
CA GLU C 49 -30.54 30.49 -21.05
C GLU C 49 -31.18 30.85 -19.72
N TRP C 50 -30.82 30.11 -18.68
CA TRP C 50 -31.32 30.40 -17.35
C TRP C 50 -30.61 31.61 -16.76
N VAL C 51 -31.32 32.36 -15.94
CA VAL C 51 -30.81 33.57 -15.31
C VAL C 51 -30.63 33.38 -13.81
N ALA C 52 -31.66 32.88 -13.13
CA ALA C 52 -31.59 32.67 -11.69
C ALA C 52 -32.66 31.66 -11.30
N ALA C 53 -32.44 31.04 -10.14
CA ALA C 53 -33.38 30.07 -9.60
C ALA C 53 -33.31 30.09 -8.08
N ILE C 54 -34.42 29.76 -7.44
CA ILE C 54 -34.52 29.77 -5.98
C ILE C 54 -34.98 28.40 -5.50
N ASN C 55 -34.45 27.98 -4.36
CA ASN C 55 -34.73 26.67 -3.80
C ASN C 55 -36.20 26.53 -3.41
N SER C 56 -36.63 25.29 -3.21
CA SER C 56 -37.97 25.04 -2.70
C SER C 56 -38.09 25.44 -1.25
N TYR C 57 -37.03 25.21 -0.46
CA TYR C 57 -37.04 25.64 0.94
C TYR C 57 -36.96 27.16 1.04
N GLY C 58 -36.32 27.81 0.05
CA GLY C 58 -36.30 29.26 -0.04
C GLY C 58 -34.98 29.91 0.25
N TYR C 59 -33.96 29.17 0.68
CA TYR C 59 -32.69 29.76 1.06
C TYR C 59 -31.61 29.65 -0.01
N TYR C 60 -31.65 28.63 -0.86
CA TYR C 60 -30.60 28.38 -1.84
C TYR C 60 -30.93 29.13 -3.12
N THR C 61 -30.12 30.14 -3.45
CA THR C 61 -30.28 30.93 -4.66
C THR C 61 -29.01 30.86 -5.49
N VAL C 62 -29.16 30.75 -6.80
CA VAL C 62 -28.04 30.71 -7.73
C VAL C 62 -28.35 31.64 -8.90
N TYR C 63 -27.30 32.30 -9.41
CA TYR C 63 -27.43 33.24 -10.51
C TYR C 63 -26.41 32.91 -11.59
N ALA C 64 -26.78 33.16 -12.84
CA ALA C 64 -25.83 33.05 -13.92
C ALA C 64 -24.73 34.10 -13.75
N ASP C 65 -23.52 33.75 -14.18
CA ASP C 65 -22.37 34.63 -13.96
C ASP C 65 -22.51 35.97 -14.66
N SER C 66 -23.34 36.05 -15.69
CA SER C 66 -23.53 37.30 -16.42
C SER C 66 -24.53 38.24 -15.76
N VAL C 67 -25.16 37.84 -14.65
CA VAL C 67 -26.16 38.67 -14.00
C VAL C 67 -25.93 38.72 -12.50
N LYS C 68 -25.04 37.86 -11.99
CA LYS C 68 -24.82 37.79 -10.55
C LYS C 68 -24.26 39.10 -10.03
N GLY C 69 -24.86 39.61 -8.96
CA GLY C 69 -24.55 40.92 -8.43
C GLY C 69 -25.45 42.03 -8.96
N ARG C 70 -26.09 41.83 -10.11
CA ARG C 70 -27.02 42.78 -10.68
C ARG C 70 -28.46 42.31 -10.62
N PHE C 71 -28.70 41.00 -10.61
CA PHE C 71 -30.04 40.42 -10.57
C PHE C 71 -30.27 39.79 -9.20
N THR C 72 -31.51 39.85 -8.74
CA THR C 72 -31.89 39.28 -7.45
C THR C 72 -33.24 38.61 -7.57
N ILE C 73 -33.32 37.36 -7.11
CA ILE C 73 -34.55 36.58 -7.15
C ILE C 73 -35.05 36.38 -5.73
N SER C 74 -36.37 36.47 -5.55
CA SER C 74 -37.00 36.30 -4.25
C SER C 74 -38.39 35.73 -4.45
N ARG C 75 -39.02 35.33 -3.35
CA ARG C 75 -40.31 34.65 -3.40
C ARG C 75 -41.22 35.20 -2.32
N ASP C 76 -42.52 35.21 -2.63
CA ASP C 76 -43.57 35.59 -1.67
C ASP C 76 -44.58 34.44 -1.66
N ASN C 77 -44.51 33.60 -0.63
CA ASN C 77 -45.42 32.46 -0.55
C ASN C 77 -46.87 32.90 -0.39
N ALA C 78 -47.10 34.02 0.30
CA ALA C 78 -48.47 34.46 0.56
C ALA C 78 -49.23 34.73 -0.74
N LYS C 79 -48.58 35.36 -1.70
CA LYS C 79 -49.20 35.61 -2.99
C LYS C 79 -48.87 34.54 -4.03
N ASN C 80 -47.98 33.61 -3.71
CA ASN C 80 -47.59 32.52 -4.61
C ASN C 80 -47.01 33.07 -5.91
N THR C 81 -46.13 34.06 -5.78
CA THR C 81 -45.47 34.68 -6.92
C THR C 81 -43.96 34.65 -6.72
N VAL C 82 -43.24 34.84 -7.82
CA VAL C 82 -41.78 34.88 -7.81
C VAL C 82 -41.32 36.22 -8.38
N TYR C 83 -40.32 36.81 -7.74
CA TYR C 83 -39.83 38.13 -8.10
C TYR C 83 -38.42 38.03 -8.67
N LEU C 84 -38.06 39.01 -9.50
CA LEU C 84 -36.72 39.11 -10.06
C LEU C 84 -36.41 40.58 -10.27
N GLN C 85 -35.67 41.19 -9.34
CA GLN C 85 -35.26 42.58 -9.44
C GLN C 85 -33.90 42.64 -10.10
N MET C 86 -33.85 43.21 -11.31
CA MET C 86 -32.62 43.30 -12.08
C MET C 86 -32.16 44.75 -12.12
N ASN C 87 -31.01 45.03 -11.52
CA ASN C 87 -30.42 46.36 -11.51
C ASN C 87 -29.26 46.43 -12.49
N SER C 88 -28.88 47.65 -12.83
CA SER C 88 -27.79 47.92 -13.77
C SER C 88 -27.98 47.16 -15.08
N LEU C 89 -29.16 47.34 -15.67
CA LEU C 89 -29.53 46.62 -16.88
C LEU C 89 -28.65 47.04 -18.04
N LYS C 90 -27.83 46.10 -18.54
CA LYS C 90 -26.99 46.22 -19.72
C LYS C 90 -27.75 45.77 -20.96
N PRO C 91 -27.40 46.30 -22.14
CA PRO C 91 -28.12 45.89 -23.37
C PRO C 91 -28.00 44.41 -23.68
N GLU C 92 -27.02 43.70 -23.10
CA GLU C 92 -26.94 42.25 -23.27
C GLU C 92 -28.12 41.54 -22.60
N ASP C 93 -28.83 42.21 -21.71
CA ASP C 93 -29.98 41.63 -21.01
C ASP C 93 -31.28 41.74 -21.81
N THR C 94 -31.23 42.28 -23.02
CA THR C 94 -32.44 42.41 -23.85
C THR C 94 -32.87 41.02 -24.32
N ALA C 95 -33.99 40.54 -23.80
CA ALA C 95 -34.52 39.24 -24.18
C ALA C 95 -35.94 39.12 -23.63
N VAL C 96 -36.60 38.03 -23.99
CA VAL C 96 -37.90 37.69 -23.43
C VAL C 96 -37.68 36.79 -22.22
N TYR C 97 -38.16 37.23 -21.06
CA TYR C 97 -37.93 36.53 -19.80
C TYR C 97 -39.10 35.64 -19.44
N TYR C 98 -38.80 34.42 -19.01
CA TYR C 98 -39.81 33.44 -18.62
C TYR C 98 -39.51 32.94 -17.21
N CYS C 99 -40.56 32.46 -16.55
CA CYS C 99 -40.41 31.69 -15.32
C CYS C 99 -40.82 30.25 -15.58
N ASN C 100 -40.15 29.33 -14.89
CA ASN C 100 -40.25 27.90 -15.19
C ASN C 100 -40.44 27.10 -13.90
N VAL C 101 -41.22 26.03 -14.01
CA VAL C 101 -41.39 25.05 -12.95
C VAL C 101 -41.56 23.69 -13.61
N LYS C 102 -40.91 22.67 -13.04
CA LYS C 102 -40.92 21.33 -13.62
C LYS C 102 -41.70 20.37 -12.73
N ASP C 103 -42.42 19.45 -13.37
CA ASP C 103 -43.26 18.48 -12.66
C ASP C 103 -42.44 17.21 -12.45
N THR C 104 -41.64 17.23 -11.39
CA THR C 104 -40.85 16.07 -10.97
C THR C 104 -41.57 15.39 -9.79
N GLY C 105 -40.82 14.65 -8.98
CA GLY C 105 -41.39 13.96 -7.85
C GLY C 105 -42.28 12.80 -8.25
N GLN C 106 -43.37 13.09 -8.95
CA GLN C 106 -44.21 12.05 -9.52
C GLN C 106 -43.37 11.15 -10.41
N MET C 107 -43.38 9.85 -10.12
CA MET C 107 -42.52 8.90 -10.83
C MET C 107 -42.86 8.82 -12.31
N ARG C 108 -42.58 9.90 -13.04
CA ARG C 108 -42.83 9.99 -14.47
C ARG C 108 -41.68 10.78 -15.09
N GLU C 109 -41.76 10.97 -16.40
CA GLU C 109 -40.82 11.87 -17.06
C GLU C 109 -41.21 13.31 -16.75
N SER C 110 -40.25 14.09 -16.26
CA SER C 110 -40.54 15.46 -15.83
C SER C 110 -41.00 16.31 -17.00
N TYR C 111 -42.02 17.12 -16.75
CA TYR C 111 -42.59 18.01 -17.75
C TYR C 111 -42.39 19.45 -17.32
N ASP C 112 -41.90 20.29 -18.23
CA ASP C 112 -41.65 21.69 -17.95
C ASP C 112 -42.90 22.51 -18.24
N TYR C 113 -43.23 23.41 -17.31
CA TYR C 113 -44.31 24.37 -17.49
C TYR C 113 -43.72 25.74 -17.76
N TRP C 114 -44.25 26.43 -18.77
CA TRP C 114 -43.76 27.73 -19.18
C TRP C 114 -44.91 28.72 -19.27
N GLY C 115 -44.57 30.00 -19.14
CA GLY C 115 -45.51 31.08 -19.38
C GLY C 115 -45.34 31.68 -20.75
N GLN C 116 -46.08 32.77 -20.99
CA GLN C 116 -45.98 33.49 -22.25
C GLN C 116 -44.83 34.50 -22.25
N GLY C 117 -44.18 34.71 -21.11
CA GLY C 117 -43.02 35.59 -21.06
C GLY C 117 -43.35 37.07 -21.15
N THR C 118 -42.41 37.91 -20.73
CA THR C 118 -42.54 39.36 -20.82
C THR C 118 -41.32 39.94 -21.49
N GLN C 119 -41.54 40.88 -22.41
CA GLN C 119 -40.46 41.48 -23.17
C GLN C 119 -39.72 42.51 -22.33
N VAL C 120 -38.39 42.41 -22.31
CA VAL C 120 -37.53 43.35 -21.61
C VAL C 120 -36.53 43.89 -22.61
N THR C 121 -36.71 45.14 -23.03
CA THR C 121 -35.80 45.81 -23.96
C THR C 121 -35.05 46.89 -23.20
N VAL C 122 -33.72 46.85 -23.28
CA VAL C 122 -32.86 47.83 -22.63
C VAL C 122 -31.88 48.37 -23.66
N SER C 123 -31.95 49.67 -23.92
CA SER C 123 -31.08 50.34 -24.88
C SER C 123 -29.96 51.08 -24.16
N ALA C 124 -28.83 51.23 -24.84
CA ALA C 124 -27.69 51.92 -24.28
C ALA C 124 -27.61 53.35 -24.80
#